data_3LLV
# 
_entry.id   3LLV 
# 
_audit_conform.dict_name       mmcif_pdbx.dic 
_audit_conform.dict_version    5.397 
_audit_conform.dict_location   http://mmcif.pdb.org/dictionaries/ascii/mmcif_pdbx.dic 
# 
loop_
_database_2.database_id 
_database_2.database_code 
_database_2.pdbx_database_accession 
_database_2.pdbx_DOI 
PDB   3LLV         pdb_00003llv 10.2210/pdb3llv/pdb 
RCSB  RCSB057437   ?            ?                   
WWPDB D_1000057437 ?            ?                   
# 
loop_
_pdbx_audit_revision_history.ordinal 
_pdbx_audit_revision_history.data_content_type 
_pdbx_audit_revision_history.major_revision 
_pdbx_audit_revision_history.minor_revision 
_pdbx_audit_revision_history.revision_date 
1 'Structure model' 1 0 2010-02-09 
2 'Structure model' 1 1 2011-07-13 
3 'Structure model' 1 2 2017-11-01 
4 'Structure model' 1 3 2024-10-09 
# 
_pdbx_audit_revision_details.ordinal             1 
_pdbx_audit_revision_details.revision_ordinal    1 
_pdbx_audit_revision_details.data_content_type   'Structure model' 
_pdbx_audit_revision_details.provider            repository 
_pdbx_audit_revision_details.type                'Initial release' 
_pdbx_audit_revision_details.description         ? 
_pdbx_audit_revision_details.details             ? 
# 
loop_
_pdbx_audit_revision_group.ordinal 
_pdbx_audit_revision_group.revision_ordinal 
_pdbx_audit_revision_group.data_content_type 
_pdbx_audit_revision_group.group 
1 2 'Structure model' Advisory                    
2 2 'Structure model' 'Version format compliance' 
3 3 'Structure model' 'Refinement description'    
4 4 'Structure model' 'Data collection'           
5 4 'Structure model' 'Database references'       
6 4 'Structure model' 'Derived calculations'      
7 4 'Structure model' 'Structure summary'         
# 
loop_
_pdbx_audit_revision_category.ordinal 
_pdbx_audit_revision_category.revision_ordinal 
_pdbx_audit_revision_category.data_content_type 
_pdbx_audit_revision_category.category 
1 3 'Structure model' software                     
2 4 'Structure model' chem_comp_atom               
3 4 'Structure model' chem_comp_bond               
4 4 'Structure model' database_2                   
5 4 'Structure model' pdbx_entry_details           
6 4 'Structure model' pdbx_modification_feature    
7 4 'Structure model' pdbx_struct_special_symmetry 
8 4 'Structure model' struct_conn                  
9 4 'Structure model' struct_site                  
# 
loop_
_pdbx_audit_revision_item.ordinal 
_pdbx_audit_revision_item.revision_ordinal 
_pdbx_audit_revision_item.data_content_type 
_pdbx_audit_revision_item.item 
1 4 'Structure model' '_database_2.pdbx_DOI'                
2 4 'Structure model' '_database_2.pdbx_database_accession' 
3 4 'Structure model' '_struct_conn.pdbx_leaving_atom_flag' 
4 4 'Structure model' '_struct_site.pdbx_auth_asym_id'      
5 4 'Structure model' '_struct_site.pdbx_auth_comp_id'      
6 4 'Structure model' '_struct_site.pdbx_auth_seq_id'       
# 
_pdbx_database_status.entry_id                        3LLV 
_pdbx_database_status.deposit_site                    RCSB 
_pdbx_database_status.process_site                    RCSB 
_pdbx_database_status.recvd_initial_deposition_date   2010-01-29 
_pdbx_database_status.status_code                     REL 
_pdbx_database_status.status_code_sf                  REL 
_pdbx_database_status.status_code_mr                  ? 
_pdbx_database_status.SG_entry                        Y 
_pdbx_database_status.pdb_format_compatible           Y 
_pdbx_database_status.status_code_cs                  ? 
_pdbx_database_status.methods_development_category    ? 
_pdbx_database_status.status_code_nmr_data            ? 
# 
_pdbx_database_related.db_name        TargetDB 
_pdbx_database_related.db_id          APC62008.1 
_pdbx_database_related.details        . 
_pdbx_database_related.content_type   unspecified 
# 
loop_
_audit_author.name 
_audit_author.pdbx_ordinal 
'Stein, A.J.'                                   1 
'Chang, C.'                                     2 
'Weger, A.'                                     3 
'Hendricks, R.'                                 4 
'Clancy, S.'                                    5 
'Joachimiak, A.'                                6 
'Midwest Center for Structural Genomics (MCSG)' 7 
# 
_citation.id                        primary 
_citation.title                     
'The Crystal Structure of the NAD(P)-binding domain of an Exopolyphosphatase-related protein from Archaeoglobus fulgidus to 1.7A' 
_citation.journal_abbrev            'To be Published' 
_citation.journal_volume            ? 
_citation.page_first                ? 
_citation.page_last                 ? 
_citation.year                      ? 
_citation.journal_id_ASTM           ? 
_citation.country                   ? 
_citation.journal_id_ISSN           ? 
_citation.journal_id_CSD            0353 
_citation.book_publisher            ? 
_citation.pdbx_database_id_PubMed   ? 
_citation.pdbx_database_id_DOI      ? 
# 
loop_
_citation_author.citation_id 
_citation_author.name 
_citation_author.ordinal 
_citation_author.identifier_ORCID 
primary 'Stein, A.J.'    1 ? 
primary 'Chang, C.'      2 ? 
primary 'Weger, A.'      3 ? 
primary 'Hendricks, R.'  4 ? 
primary 'Clancy, S.'     5 ? 
primary 'Joachimiak, A.' 6 ? 
# 
loop_
_entity.id 
_entity.type 
_entity.src_method 
_entity.pdbx_description 
_entity.formula_weight 
_entity.pdbx_number_of_molecules 
_entity.pdbx_ec 
_entity.pdbx_mutation 
_entity.pdbx_fragment 
_entity.details 
1 polymer     man 'Exopolyphosphatase-related protein' 15563.288 1  ? ? ? ? 
2 non-polymer syn 'PHOSPHATE ION'                      94.971    1  ? ? ? ? 
3 water       nat water                                18.015    59 ? ? ? ? 
# 
_entity_poly.entity_id                      1 
_entity_poly.type                           'polypeptide(L)' 
_entity_poly.nstd_linkage                   no 
_entity_poly.nstd_monomer                   yes 
_entity_poly.pdbx_seq_one_letter_code       
;(MSE)TENGRYEYIVIGSEAAGVGLVRELTAAGKKVLAVDKSKEKIELLEDEGFDAVIADPTDESFYRSLDLEGVSAVLI
TGSDDEFNLKILKALRSVSDVYAIVRVSSPKKKEEFEEAGANLVVLVADAVKQAF(MSE)DKIKK(MSE)ETL
;
_entity_poly.pdbx_seq_one_letter_code_can   
;MTENGRYEYIVIGSEAAGVGLVRELTAAGKKVLAVDKSKEKIELLEDEGFDAVIADPTDESFYRSLDLEGVSAVLITGSD
DEFNLKILKALRSVSDVYAIVRVSSPKKKEEFEEAGANLVVLVADAVKQAFMDKIKKMETL
;
_entity_poly.pdbx_strand_id                 A 
_entity_poly.pdbx_target_identifier         APC62008.1 
# 
loop_
_pdbx_entity_nonpoly.entity_id 
_pdbx_entity_nonpoly.name 
_pdbx_entity_nonpoly.comp_id 
2 'PHOSPHATE ION' PO4 
3 water           HOH 
# 
loop_
_entity_poly_seq.entity_id 
_entity_poly_seq.num 
_entity_poly_seq.mon_id 
_entity_poly_seq.hetero 
1 1   MSE n 
1 2   THR n 
1 3   GLU n 
1 4   ASN n 
1 5   GLY n 
1 6   ARG n 
1 7   TYR n 
1 8   GLU n 
1 9   TYR n 
1 10  ILE n 
1 11  VAL n 
1 12  ILE n 
1 13  GLY n 
1 14  SER n 
1 15  GLU n 
1 16  ALA n 
1 17  ALA n 
1 18  GLY n 
1 19  VAL n 
1 20  GLY n 
1 21  LEU n 
1 22  VAL n 
1 23  ARG n 
1 24  GLU n 
1 25  LEU n 
1 26  THR n 
1 27  ALA n 
1 28  ALA n 
1 29  GLY n 
1 30  LYS n 
1 31  LYS n 
1 32  VAL n 
1 33  LEU n 
1 34  ALA n 
1 35  VAL n 
1 36  ASP n 
1 37  LYS n 
1 38  SER n 
1 39  LYS n 
1 40  GLU n 
1 41  LYS n 
1 42  ILE n 
1 43  GLU n 
1 44  LEU n 
1 45  LEU n 
1 46  GLU n 
1 47  ASP n 
1 48  GLU n 
1 49  GLY n 
1 50  PHE n 
1 51  ASP n 
1 52  ALA n 
1 53  VAL n 
1 54  ILE n 
1 55  ALA n 
1 56  ASP n 
1 57  PRO n 
1 58  THR n 
1 59  ASP n 
1 60  GLU n 
1 61  SER n 
1 62  PHE n 
1 63  TYR n 
1 64  ARG n 
1 65  SER n 
1 66  LEU n 
1 67  ASP n 
1 68  LEU n 
1 69  GLU n 
1 70  GLY n 
1 71  VAL n 
1 72  SER n 
1 73  ALA n 
1 74  VAL n 
1 75  LEU n 
1 76  ILE n 
1 77  THR n 
1 78  GLY n 
1 79  SER n 
1 80  ASP n 
1 81  ASP n 
1 82  GLU n 
1 83  PHE n 
1 84  ASN n 
1 85  LEU n 
1 86  LYS n 
1 87  ILE n 
1 88  LEU n 
1 89  LYS n 
1 90  ALA n 
1 91  LEU n 
1 92  ARG n 
1 93  SER n 
1 94  VAL n 
1 95  SER n 
1 96  ASP n 
1 97  VAL n 
1 98  TYR n 
1 99  ALA n 
1 100 ILE n 
1 101 VAL n 
1 102 ARG n 
1 103 VAL n 
1 104 SER n 
1 105 SER n 
1 106 PRO n 
1 107 LYS n 
1 108 LYS n 
1 109 LYS n 
1 110 GLU n 
1 111 GLU n 
1 112 PHE n 
1 113 GLU n 
1 114 GLU n 
1 115 ALA n 
1 116 GLY n 
1 117 ALA n 
1 118 ASN n 
1 119 LEU n 
1 120 VAL n 
1 121 VAL n 
1 122 LEU n 
1 123 VAL n 
1 124 ALA n 
1 125 ASP n 
1 126 ALA n 
1 127 VAL n 
1 128 LYS n 
1 129 GLN n 
1 130 ALA n 
1 131 PHE n 
1 132 MSE n 
1 133 ASP n 
1 134 LYS n 
1 135 ILE n 
1 136 LYS n 
1 137 LYS n 
1 138 MSE n 
1 139 GLU n 
1 140 THR n 
1 141 LEU n 
# 
_entity_src_gen.entity_id                          1 
_entity_src_gen.pdbx_src_id                        1 
_entity_src_gen.pdbx_alt_source_flag               sample 
_entity_src_gen.pdbx_seq_type                      ? 
_entity_src_gen.pdbx_beg_seq_num                   ? 
_entity_src_gen.pdbx_end_seq_num                   ? 
_entity_src_gen.gene_src_common_name               ? 
_entity_src_gen.gene_src_genus                     ? 
_entity_src_gen.pdbx_gene_src_gene                 AF_2029 
_entity_src_gen.gene_src_species                   ? 
_entity_src_gen.gene_src_strain                    'DSM 4304' 
_entity_src_gen.gene_src_tissue                    ? 
_entity_src_gen.gene_src_tissue_fraction           ? 
_entity_src_gen.gene_src_details                   ? 
_entity_src_gen.pdbx_gene_src_fragment             ? 
_entity_src_gen.pdbx_gene_src_scientific_name      'Archaeoglobus fulgidus' 
_entity_src_gen.pdbx_gene_src_ncbi_taxonomy_id     224325 
_entity_src_gen.pdbx_gene_src_variant              ? 
_entity_src_gen.pdbx_gene_src_cell_line            ? 
_entity_src_gen.pdbx_gene_src_atcc                 ? 
_entity_src_gen.pdbx_gene_src_organ                ? 
_entity_src_gen.pdbx_gene_src_organelle            ? 
_entity_src_gen.pdbx_gene_src_cell                 ? 
_entity_src_gen.pdbx_gene_src_cellular_location    ? 
_entity_src_gen.host_org_common_name               ? 
_entity_src_gen.pdbx_host_org_scientific_name      'Escherichia coli' 
_entity_src_gen.pdbx_host_org_ncbi_taxonomy_id     469008 
_entity_src_gen.host_org_genus                     ? 
_entity_src_gen.pdbx_host_org_gene                 ? 
_entity_src_gen.pdbx_host_org_organ                ? 
_entity_src_gen.host_org_species                   ? 
_entity_src_gen.pdbx_host_org_tissue               ? 
_entity_src_gen.pdbx_host_org_tissue_fraction      ? 
_entity_src_gen.pdbx_host_org_strain               'BL21(DE3)' 
_entity_src_gen.pdbx_host_org_variant              ? 
_entity_src_gen.pdbx_host_org_cell_line            ? 
_entity_src_gen.pdbx_host_org_atcc                 ? 
_entity_src_gen.pdbx_host_org_culture_collection   ? 
_entity_src_gen.pdbx_host_org_cell                 ? 
_entity_src_gen.pdbx_host_org_organelle            ? 
_entity_src_gen.pdbx_host_org_cellular_location    ? 
_entity_src_gen.pdbx_host_org_vector_type          plasmid 
_entity_src_gen.pdbx_host_org_vector               ? 
_entity_src_gen.host_org_details                   ? 
_entity_src_gen.expression_system_id               ? 
_entity_src_gen.plasmid_name                       pMCSG19 
_entity_src_gen.plasmid_details                    ? 
_entity_src_gen.pdbx_description                   ? 
# 
loop_
_chem_comp.id 
_chem_comp.type 
_chem_comp.mon_nstd_flag 
_chem_comp.name 
_chem_comp.pdbx_synonyms 
_chem_comp.formula 
_chem_comp.formula_weight 
ALA 'L-peptide linking' y ALANINE          ? 'C3 H7 N O2'     89.093  
ARG 'L-peptide linking' y ARGININE         ? 'C6 H15 N4 O2 1' 175.209 
ASN 'L-peptide linking' y ASPARAGINE       ? 'C4 H8 N2 O3'    132.118 
ASP 'L-peptide linking' y 'ASPARTIC ACID'  ? 'C4 H7 N O4'     133.103 
GLN 'L-peptide linking' y GLUTAMINE        ? 'C5 H10 N2 O3'   146.144 
GLU 'L-peptide linking' y 'GLUTAMIC ACID'  ? 'C5 H9 N O4'     147.129 
GLY 'peptide linking'   y GLYCINE          ? 'C2 H5 N O2'     75.067  
HOH non-polymer         . WATER            ? 'H2 O'           18.015  
ILE 'L-peptide linking' y ISOLEUCINE       ? 'C6 H13 N O2'    131.173 
LEU 'L-peptide linking' y LEUCINE          ? 'C6 H13 N O2'    131.173 
LYS 'L-peptide linking' y LYSINE           ? 'C6 H15 N2 O2 1' 147.195 
MSE 'L-peptide linking' n SELENOMETHIONINE ? 'C5 H11 N O2 Se' 196.106 
PHE 'L-peptide linking' y PHENYLALANINE    ? 'C9 H11 N O2'    165.189 
PO4 non-polymer         . 'PHOSPHATE ION'  ? 'O4 P -3'        94.971  
PRO 'L-peptide linking' y PROLINE          ? 'C5 H9 N O2'     115.130 
SER 'L-peptide linking' y SERINE           ? 'C3 H7 N O3'     105.093 
THR 'L-peptide linking' y THREONINE        ? 'C4 H9 N O3'     119.119 
TYR 'L-peptide linking' y TYROSINE         ? 'C9 H11 N O3'    181.189 
VAL 'L-peptide linking' y VALINE           ? 'C5 H11 N O2'    117.146 
# 
loop_
_pdbx_poly_seq_scheme.asym_id 
_pdbx_poly_seq_scheme.entity_id 
_pdbx_poly_seq_scheme.seq_id 
_pdbx_poly_seq_scheme.mon_id 
_pdbx_poly_seq_scheme.ndb_seq_num 
_pdbx_poly_seq_scheme.pdb_seq_num 
_pdbx_poly_seq_scheme.auth_seq_num 
_pdbx_poly_seq_scheme.pdb_mon_id 
_pdbx_poly_seq_scheme.auth_mon_id 
_pdbx_poly_seq_scheme.pdb_strand_id 
_pdbx_poly_seq_scheme.pdb_ins_code 
_pdbx_poly_seq_scheme.hetero 
A 1 1   MSE 1   1   ?   ?   ?   A . n 
A 1 2   THR 2   2   ?   ?   ?   A . n 
A 1 3   GLU 3   3   ?   ?   ?   A . n 
A 1 4   ASN 4   4   ?   ?   ?   A . n 
A 1 5   GLY 5   5   ?   ?   ?   A . n 
A 1 6   ARG 6   6   6   ARG ARG A . n 
A 1 7   TYR 7   7   7   TYR TYR A . n 
A 1 8   GLU 8   8   8   GLU GLU A . n 
A 1 9   TYR 9   9   9   TYR TYR A . n 
A 1 10  ILE 10  10  10  ILE ILE A . n 
A 1 11  VAL 11  11  11  VAL VAL A . n 
A 1 12  ILE 12  12  12  ILE ILE A . n 
A 1 13  GLY 13  13  13  GLY GLY A . n 
A 1 14  SER 14  14  14  SER SER A . n 
A 1 15  GLU 15  15  15  GLU GLU A . n 
A 1 16  ALA 16  16  16  ALA ALA A . n 
A 1 17  ALA 17  17  17  ALA ALA A . n 
A 1 18  GLY 18  18  18  GLY GLY A . n 
A 1 19  VAL 19  19  19  VAL VAL A . n 
A 1 20  GLY 20  20  20  GLY GLY A . n 
A 1 21  LEU 21  21  21  LEU LEU A . n 
A 1 22  VAL 22  22  22  VAL VAL A . n 
A 1 23  ARG 23  23  23  ARG ARG A . n 
A 1 24  GLU 24  24  24  GLU GLU A . n 
A 1 25  LEU 25  25  25  LEU LEU A . n 
A 1 26  THR 26  26  26  THR THR A . n 
A 1 27  ALA 27  27  27  ALA ALA A . n 
A 1 28  ALA 28  28  28  ALA ALA A . n 
A 1 29  GLY 29  29  29  GLY GLY A . n 
A 1 30  LYS 30  30  30  LYS LYS A . n 
A 1 31  LYS 31  31  31  LYS LYS A . n 
A 1 32  VAL 32  32  32  VAL VAL A . n 
A 1 33  LEU 33  33  33  LEU LEU A . n 
A 1 34  ALA 34  34  34  ALA ALA A . n 
A 1 35  VAL 35  35  35  VAL VAL A . n 
A 1 36  ASP 36  36  36  ASP ASP A . n 
A 1 37  LYS 37  37  37  LYS LYS A . n 
A 1 38  SER 38  38  38  SER SER A . n 
A 1 39  LYS 39  39  39  LYS LYS A . n 
A 1 40  GLU 40  40  40  GLU GLU A . n 
A 1 41  LYS 41  41  41  LYS LYS A . n 
A 1 42  ILE 42  42  42  ILE ILE A . n 
A 1 43  GLU 43  43  43  GLU GLU A . n 
A 1 44  LEU 44  44  44  LEU LEU A . n 
A 1 45  LEU 45  45  45  LEU LEU A . n 
A 1 46  GLU 46  46  46  GLU GLU A . n 
A 1 47  ASP 47  47  47  ASP ASP A . n 
A 1 48  GLU 48  48  48  GLU GLU A . n 
A 1 49  GLY 49  49  49  GLY GLY A . n 
A 1 50  PHE 50  50  50  PHE PHE A . n 
A 1 51  ASP 51  51  51  ASP ASP A . n 
A 1 52  ALA 52  52  52  ALA ALA A . n 
A 1 53  VAL 53  53  53  VAL VAL A . n 
A 1 54  ILE 54  54  54  ILE ILE A . n 
A 1 55  ALA 55  55  55  ALA ALA A . n 
A 1 56  ASP 56  56  56  ASP ASP A . n 
A 1 57  PRO 57  57  57  PRO PRO A . n 
A 1 58  THR 58  58  58  THR THR A . n 
A 1 59  ASP 59  59  59  ASP ASP A . n 
A 1 60  GLU 60  60  60  GLU GLU A . n 
A 1 61  SER 61  61  61  SER SER A . n 
A 1 62  PHE 62  62  62  PHE PHE A . n 
A 1 63  TYR 63  63  63  TYR TYR A . n 
A 1 64  ARG 64  64  64  ARG ARG A . n 
A 1 65  SER 65  65  65  SER SER A . n 
A 1 66  LEU 66  66  66  LEU LEU A . n 
A 1 67  ASP 67  67  67  ASP ASP A . n 
A 1 68  LEU 68  68  68  LEU LEU A . n 
A 1 69  GLU 69  69  69  GLU GLU A . n 
A 1 70  GLY 70  70  70  GLY GLY A . n 
A 1 71  VAL 71  71  71  VAL VAL A . n 
A 1 72  SER 72  72  72  SER SER A . n 
A 1 73  ALA 73  73  73  ALA ALA A . n 
A 1 74  VAL 74  74  74  VAL VAL A . n 
A 1 75  LEU 75  75  75  LEU LEU A . n 
A 1 76  ILE 76  76  76  ILE ILE A . n 
A 1 77  THR 77  77  77  THR THR A . n 
A 1 78  GLY 78  78  78  GLY GLY A . n 
A 1 79  SER 79  79  79  SER SER A . n 
A 1 80  ASP 80  80  80  ASP ASP A . n 
A 1 81  ASP 81  81  81  ASP ASP A . n 
A 1 82  GLU 82  82  82  GLU GLU A . n 
A 1 83  PHE 83  83  83  PHE PHE A . n 
A 1 84  ASN 84  84  84  ASN ASN A . n 
A 1 85  LEU 85  85  85  LEU LEU A . n 
A 1 86  LYS 86  86  86  LYS LYS A . n 
A 1 87  ILE 87  87  87  ILE ILE A . n 
A 1 88  LEU 88  88  88  LEU LEU A . n 
A 1 89  LYS 89  89  89  LYS LYS A . n 
A 1 90  ALA 90  90  90  ALA ALA A . n 
A 1 91  LEU 91  91  91  LEU LEU A . n 
A 1 92  ARG 92  92  92  ARG ARG A . n 
A 1 93  SER 93  93  93  SER SER A . n 
A 1 94  VAL 94  94  94  VAL VAL A . n 
A 1 95  SER 95  95  95  SER SER A . n 
A 1 96  ASP 96  96  96  ASP ASP A . n 
A 1 97  VAL 97  97  97  VAL VAL A . n 
A 1 98  TYR 98  98  98  TYR TYR A . n 
A 1 99  ALA 99  99  99  ALA ALA A . n 
A 1 100 ILE 100 100 100 ILE ILE A . n 
A 1 101 VAL 101 101 101 VAL VAL A . n 
A 1 102 ARG 102 102 102 ARG ARG A . n 
A 1 103 VAL 103 103 103 VAL VAL A . n 
A 1 104 SER 104 104 104 SER SER A . n 
A 1 105 SER 105 105 105 SER SER A . n 
A 1 106 PRO 106 106 106 PRO PRO A . n 
A 1 107 LYS 107 107 107 LYS LYS A . n 
A 1 108 LYS 108 108 108 LYS LYS A . n 
A 1 109 LYS 109 109 109 LYS LYS A . n 
A 1 110 GLU 110 110 110 GLU GLU A . n 
A 1 111 GLU 111 111 111 GLU GLU A . n 
A 1 112 PHE 112 112 112 PHE PHE A . n 
A 1 113 GLU 113 113 113 GLU GLU A . n 
A 1 114 GLU 114 114 114 GLU GLU A . n 
A 1 115 ALA 115 115 115 ALA ALA A . n 
A 1 116 GLY 116 116 116 GLY GLY A . n 
A 1 117 ALA 117 117 117 ALA ALA A . n 
A 1 118 ASN 118 118 118 ASN ASN A . n 
A 1 119 LEU 119 119 119 LEU LEU A . n 
A 1 120 VAL 120 120 120 VAL VAL A . n 
A 1 121 VAL 121 121 121 VAL VAL A . n 
A 1 122 LEU 122 122 122 LEU LEU A . n 
A 1 123 VAL 123 123 123 VAL VAL A . n 
A 1 124 ALA 124 124 124 ALA ALA A . n 
A 1 125 ASP 125 125 125 ASP ASP A . n 
A 1 126 ALA 126 126 126 ALA ALA A . n 
A 1 127 VAL 127 127 127 VAL VAL A . n 
A 1 128 LYS 128 128 128 LYS LYS A . n 
A 1 129 GLN 129 129 129 GLN GLN A . n 
A 1 130 ALA 130 130 130 ALA ALA A . n 
A 1 131 PHE 131 131 131 PHE PHE A . n 
A 1 132 MSE 132 132 132 MSE MSE A . n 
A 1 133 ASP 133 133 133 ASP ASP A . n 
A 1 134 LYS 134 134 134 LYS LYS A . n 
A 1 135 ILE 135 135 135 ILE ILE A . n 
A 1 136 LYS 136 136 136 LYS LYS A . n 
A 1 137 LYS 137 137 137 LYS LYS A . n 
A 1 138 MSE 138 138 138 MSE MSE A . n 
A 1 139 GLU 139 139 ?   ?   ?   A . n 
A 1 140 THR 140 140 ?   ?   ?   A . n 
A 1 141 LEU 141 141 ?   ?   ?   A . n 
# 
loop_
_pdbx_nonpoly_scheme.asym_id 
_pdbx_nonpoly_scheme.entity_id 
_pdbx_nonpoly_scheme.mon_id 
_pdbx_nonpoly_scheme.ndb_seq_num 
_pdbx_nonpoly_scheme.pdb_seq_num 
_pdbx_nonpoly_scheme.auth_seq_num 
_pdbx_nonpoly_scheme.pdb_mon_id 
_pdbx_nonpoly_scheme.auth_mon_id 
_pdbx_nonpoly_scheme.pdb_strand_id 
_pdbx_nonpoly_scheme.pdb_ins_code 
B 2 PO4 1  142 1  PO4 PO4 A . 
C 3 HOH 1  143 1  HOH HOH A . 
C 3 HOH 2  144 2  HOH HOH A . 
C 3 HOH 3  145 3  HOH HOH A . 
C 3 HOH 4  146 4  HOH HOH A . 
C 3 HOH 5  147 5  HOH HOH A . 
C 3 HOH 6  148 6  HOH HOH A . 
C 3 HOH 7  149 7  HOH HOH A . 
C 3 HOH 8  150 8  HOH HOH A . 
C 3 HOH 9  151 9  HOH HOH A . 
C 3 HOH 10 152 10 HOH HOH A . 
C 3 HOH 11 153 11 HOH HOH A . 
C 3 HOH 12 154 12 HOH HOH A . 
C 3 HOH 13 155 13 HOH HOH A . 
C 3 HOH 14 156 14 HOH HOH A . 
C 3 HOH 15 157 15 HOH HOH A . 
C 3 HOH 16 158 16 HOH HOH A . 
C 3 HOH 17 159 17 HOH HOH A . 
C 3 HOH 18 160 18 HOH HOH A . 
C 3 HOH 19 161 19 HOH HOH A . 
C 3 HOH 20 162 20 HOH HOH A . 
C 3 HOH 21 163 21 HOH HOH A . 
C 3 HOH 22 164 22 HOH HOH A . 
C 3 HOH 23 165 23 HOH HOH A . 
C 3 HOH 24 166 24 HOH HOH A . 
C 3 HOH 25 167 25 HOH HOH A . 
C 3 HOH 26 168 26 HOH HOH A . 
C 3 HOH 27 169 27 HOH HOH A . 
C 3 HOH 28 170 28 HOH HOH A . 
C 3 HOH 29 171 29 HOH HOH A . 
C 3 HOH 30 172 30 HOH HOH A . 
C 3 HOH 31 173 31 HOH HOH A . 
C 3 HOH 32 174 32 HOH HOH A . 
C 3 HOH 33 175 33 HOH HOH A . 
C 3 HOH 34 176 34 HOH HOH A . 
C 3 HOH 35 177 35 HOH HOH A . 
C 3 HOH 36 178 36 HOH HOH A . 
C 3 HOH 37 179 37 HOH HOH A . 
C 3 HOH 38 180 38 HOH HOH A . 
C 3 HOH 39 181 39 HOH HOH A . 
C 3 HOH 40 182 40 HOH HOH A . 
C 3 HOH 41 183 41 HOH HOH A . 
C 3 HOH 42 184 42 HOH HOH A . 
C 3 HOH 43 185 43 HOH HOH A . 
C 3 HOH 44 186 44 HOH HOH A . 
C 3 HOH 45 187 45 HOH HOH A . 
C 3 HOH 46 188 46 HOH HOH A . 
C 3 HOH 47 189 47 HOH HOH A . 
C 3 HOH 48 190 48 HOH HOH A . 
C 3 HOH 49 191 49 HOH HOH A . 
C 3 HOH 50 192 50 HOH HOH A . 
C 3 HOH 51 193 51 HOH HOH A . 
C 3 HOH 52 194 52 HOH HOH A . 
C 3 HOH 53 195 53 HOH HOH A . 
C 3 HOH 54 196 54 HOH HOH A . 
C 3 HOH 55 197 55 HOH HOH A . 
C 3 HOH 56 198 56 HOH HOH A . 
C 3 HOH 57 199 57 HOH HOH A . 
C 3 HOH 58 200 58 HOH HOH A . 
C 3 HOH 59 201 59 HOH HOH A . 
# 
loop_
_pdbx_unobs_or_zero_occ_atoms.id 
_pdbx_unobs_or_zero_occ_atoms.PDB_model_num 
_pdbx_unobs_or_zero_occ_atoms.polymer_flag 
_pdbx_unobs_or_zero_occ_atoms.occupancy_flag 
_pdbx_unobs_or_zero_occ_atoms.auth_asym_id 
_pdbx_unobs_or_zero_occ_atoms.auth_comp_id 
_pdbx_unobs_or_zero_occ_atoms.auth_seq_id 
_pdbx_unobs_or_zero_occ_atoms.PDB_ins_code 
_pdbx_unobs_or_zero_occ_atoms.auth_atom_id 
_pdbx_unobs_or_zero_occ_atoms.label_alt_id 
_pdbx_unobs_or_zero_occ_atoms.label_asym_id 
_pdbx_unobs_or_zero_occ_atoms.label_comp_id 
_pdbx_unobs_or_zero_occ_atoms.label_seq_id 
_pdbx_unobs_or_zero_occ_atoms.label_atom_id 
1  1 Y 1 A ARG 6   ? CG  ? A ARG 6   CG  
2  1 Y 1 A ARG 6   ? CD  ? A ARG 6   CD  
3  1 Y 1 A ARG 6   ? NE  ? A ARG 6   NE  
4  1 Y 1 A ARG 6   ? CZ  ? A ARG 6   CZ  
5  1 Y 1 A ARG 6   ? NH1 ? A ARG 6   NH1 
6  1 Y 1 A ARG 6   ? NH2 ? A ARG 6   NH2 
7  1 Y 1 A GLU 15  ? CG  ? A GLU 15  CG  
8  1 Y 1 A GLU 15  ? CD  ? A GLU 15  CD  
9  1 Y 1 A GLU 15  ? OE1 ? A GLU 15  OE1 
10 1 Y 1 A GLU 15  ? OE2 ? A GLU 15  OE2 
11 1 Y 1 A LYS 31  ? CG  ? A LYS 31  CG  
12 1 Y 1 A LYS 31  ? CD  ? A LYS 31  CD  
13 1 Y 1 A LYS 31  ? CE  ? A LYS 31  CE  
14 1 Y 1 A LYS 31  ? NZ  ? A LYS 31  NZ  
15 1 Y 1 A LYS 37  ? CG  ? A LYS 37  CG  
16 1 Y 1 A LYS 37  ? CD  ? A LYS 37  CD  
17 1 Y 1 A LYS 37  ? CE  ? A LYS 37  CE  
18 1 Y 1 A LYS 37  ? NZ  ? A LYS 37  NZ  
19 1 Y 1 A LEU 44  ? CG  ? A LEU 44  CG  
20 1 Y 1 A LEU 44  ? CD1 ? A LEU 44  CD1 
21 1 Y 1 A LEU 44  ? CD2 ? A LEU 44  CD2 
22 1 Y 1 A GLU 69  ? CG  ? A GLU 69  CG  
23 1 Y 1 A GLU 69  ? CD  ? A GLU 69  CD  
24 1 Y 1 A GLU 69  ? OE1 ? A GLU 69  OE1 
25 1 Y 1 A GLU 69  ? OE2 ? A GLU 69  OE2 
26 1 Y 1 A LYS 136 ? CG  ? A LYS 136 CG  
27 1 Y 1 A LYS 136 ? CD  ? A LYS 136 CD  
28 1 Y 1 A LYS 136 ? CE  ? A LYS 136 CE  
29 1 Y 1 A LYS 136 ? NZ  ? A LYS 136 NZ  
30 1 Y 1 A LYS 137 ? CG  ? A LYS 137 CG  
31 1 Y 1 A LYS 137 ? CD  ? A LYS 137 CD  
32 1 Y 1 A LYS 137 ? CE  ? A LYS 137 CE  
33 1 Y 1 A LYS 137 ? NZ  ? A LYS 137 NZ  
# 
loop_
_software.name 
_software.version 
_software.date 
_software.type 
_software.contact_author 
_software.contact_author_email 
_software.classification 
_software.location 
_software.language 
_software.citation_id 
_software.pdbx_ordinal 
DENZO       .     ?                    package 'Zbyszek Otwinowski' zbyszek@mix.swmed.edu    'data reduction'  
http://www.lnls.br/infra/linhasluz/denzo-hkl.htm ?          ? 1  
SCALEPACK   .     ?                    package 'Zbyszek Otwinowski' zbyszek@mix.swmed.edu    'data scaling'    
http://www.lnls.br/infra/linhasluz/denzo-hkl.htm ?          ? 2  
REFMAC      .     ?                    program 'Murshudov, G.N.'    ccp4@dl.ac.uk            refinement        
http://www.ccp4.ac.uk/main.html                  Fortran_77 ? 3  
PDB_EXTRACT 3.004 'September 10, 2007' package PDB                  sw-help@rcsb.rutgers.edu 'data extraction' 
http://pdb.rutgers.edu/software/                 C++        ? 4  
SBC-Collect .     ?                    ?       ?                    ?                        'data collection' ? ?          ? 5  
HKL-3000    .     ?                    ?       ?                    ?                        'data reduction'  ? ?          ? 6  
HKL-3000    .     ?                    ?       ?                    ?                        'data scaling'    ? ?          ? 7  
SHELX       .     ?                    ?       ?                    ?                        phasing           ? ?          ? 8  
MLPHARE     .     ?                    ?       ?                    ?                        phasing           ? ?          ? 9  
DM          .     ?                    ?       ?                    ?                        phasing           ? ?          ? 10 
ARP/wARP    .     ?                    ?       ?                    ?                        'model building'  ? ?          ? 11 
Coot        .     ?                    ?       ?                    ?                        'model building'  ? ?          ? 12 
# 
_cell.entry_id           3LLV 
_cell.length_a           39.994 
_cell.length_b           39.994 
_cell.length_c           295.489 
_cell.angle_alpha        90.000 
_cell.angle_beta         90.000 
_cell.angle_gamma        120.000 
_cell.pdbx_unique_axis   ? 
_cell.Z_PDB              12 
_cell.length_a_esd       ? 
_cell.length_b_esd       ? 
_cell.length_c_esd       ? 
_cell.angle_alpha_esd    ? 
_cell.angle_beta_esd     ? 
_cell.angle_gamma_esd    ? 
# 
_symmetry.Int_Tables_number                178 
_symmetry.entry_id                         3LLV 
_symmetry.space_group_name_H-M             'P 61 2 2' 
_symmetry.pdbx_full_space_group_name_H-M   ? 
_symmetry.cell_setting                     ? 
_symmetry.space_group_name_Hall            ? 
# 
_exptl.crystals_number   1 
_exptl.entry_id          3LLV 
_exptl.method            'X-RAY DIFFRACTION' 
# 
_exptl_crystal.id                    1 
_exptl_crystal.density_percent_sol   45.9 
_exptl_crystal.density_Matthews      2.27 
_exptl_crystal.density_meas          ? 
_exptl_crystal.description           ? 
_exptl_crystal.F_000                 ? 
_exptl_crystal.preparation           ? 
# 
_exptl_crystal_grow.crystal_id      1 
_exptl_crystal_grow.method          'VAPOR DIFFUSION, HANGING DROP' 
_exptl_crystal_grow.pH              7.0 
_exptl_crystal_grow.temp            277 
_exptl_crystal_grow.pdbx_details    '20% PEG MME 5000, 0.1M Bis-Tris pH 6.5, VAPOR DIFFUSION, HANGING DROP, temperature 277K' 
_exptl_crystal_grow.temp_details    ? 
_exptl_crystal_grow.pdbx_pH_range   ? 
# 
_diffrn.id                     1 
_diffrn.ambient_temp           100 
_diffrn.ambient_temp_details   ? 
_diffrn.crystal_id             1 
# 
_diffrn_detector.diffrn_id              1 
_diffrn_detector.detector               CCD 
_diffrn_detector.type                   'ADSC QUANTUM 315' 
_diffrn_detector.pdbx_collection_date   2009-12-21 
_diffrn_detector.details                ? 
# 
_diffrn_radiation.diffrn_id                        1 
_diffrn_radiation.pdbx_diffrn_protocol             'SINGLE WAVELENGTH' 
_diffrn_radiation.monochromator                    'Double crystal' 
_diffrn_radiation.wavelength_id                    1 
_diffrn_radiation.pdbx_monochromatic_or_laue_m_l   ? 
_diffrn_radiation.pdbx_scattering_type             x-ray 
# 
_diffrn_radiation_wavelength.id           1 
_diffrn_radiation_wavelength.wavelength   0.9794 
_diffrn_radiation_wavelength.wt           1.0 
# 
_diffrn_source.diffrn_id                   1 
_diffrn_source.source                      SYNCHROTRON 
_diffrn_source.type                        'APS BEAMLINE 19-ID' 
_diffrn_source.pdbx_wavelength_list        0.9794 
_diffrn_source.pdbx_wavelength             ? 
_diffrn_source.pdbx_synchrotron_site       APS 
_diffrn_source.pdbx_synchrotron_beamline   19-ID 
# 
_reflns.entry_id                     3LLV 
_reflns.d_resolution_high            1.600 
_reflns.d_resolution_low             50.000 
_reflns.number_obs                   19804 
_reflns.pdbx_Rmerge_I_obs            0.062 
_reflns.pdbx_netI_over_sigmaI        8.900 
_reflns.pdbx_chi_squared             1.475 
_reflns.pdbx_redundancy              6.100 
_reflns.percent_possible_obs         99.200 
_reflns.observed_criterion_sigma_F   ? 
_reflns.observed_criterion_sigma_I   ? 
_reflns.number_all                   ? 
_reflns.pdbx_Rsym_value              ? 
_reflns.B_iso_Wilson_estimate        ? 
_reflns.R_free_details               ? 
_reflns.limit_h_max                  ? 
_reflns.limit_h_min                  ? 
_reflns.limit_k_max                  ? 
_reflns.limit_k_min                  ? 
_reflns.limit_l_max                  ? 
_reflns.limit_l_min                  ? 
_reflns.observed_criterion_F_max     ? 
_reflns.observed_criterion_F_min     ? 
_reflns.pdbx_scaling_rejects         ? 
_reflns.pdbx_ordinal                 1 
_reflns.pdbx_diffrn_id               1 
# 
loop_
_reflns_shell.d_res_high 
_reflns_shell.d_res_low 
_reflns_shell.number_measured_obs 
_reflns_shell.number_measured_all 
_reflns_shell.number_unique_obs 
_reflns_shell.Rmerge_I_obs 
_reflns_shell.meanI_over_sigI_obs 
_reflns_shell.pdbx_Rsym_value 
_reflns_shell.pdbx_chi_squared 
_reflns_shell.pdbx_redundancy 
_reflns_shell.percent_possible_obs 
_reflns_shell.number_unique_all 
_reflns_shell.percent_possible_all 
_reflns_shell.pdbx_ordinal 
_reflns_shell.pdbx_diffrn_id 
1.60 1.66  ? ? ? 0.430 ? ? 0.835 6.20 ? 1898 99.80  1  1 
1.66 1.72  ? ? ? 0.300 ? ? 0.858 6.20 ? 1905 99.50  2  1 
1.72 1.80  ? ? ? 0.215 ? ? 0.899 6.20 ? 1907 99.80  3  1 
1.80 1.90  ? ? ? 0.166 ? ? 0.983 6.10 ? 1944 99.70  4  1 
1.90 2.02  ? ? ? 0.117 ? ? 1.038 6.20 ? 1931 99.70  5  1 
2.02 2.17  ? ? ? 0.082 ? ? 1.180 6.20 ? 1957 99.60  6  1 
2.17 2.39  ? ? ? 0.071 ? ? 1.343 6.20 ? 1977 99.80  7  1 
2.39 2.74  ? ? ? 0.071 ? ? 1.904 6.20 ? 2011 99.90  8  1 
2.74 3.45  ? ? ? 0.062 ? ? 2.597 6.00 ? 2075 100.00 9  1 
3.45 50.00 ? ? ? 0.047 ? ? 2.940 5.80 ? 2199 94.80  10 1 
# 
_refine.entry_id                                 3LLV 
_refine.ls_d_res_high                            1.700 
_refine.ls_d_res_low                             29.880 
_refine.pdbx_ls_sigma_F                          0.00 
_refine.ls_percent_reflns_obs                    99.320 
_refine.ls_number_reflns_obs                     16627 
_refine.pdbx_ls_cross_valid_method               THROUGHOUT 
_refine.pdbx_R_Free_selection_details            RANDOM 
_refine.details                                  
;HYDROGENS HAVE BEEN ADDED IN THE RIDING POSITIONS
 U VALUES      : RESIDUAL ONLY
;
_refine.ls_R_factor_obs                          0.212 
_refine.ls_R_factor_R_work                       0.210 
_refine.ls_R_factor_R_free                       0.235 
_refine.ls_percent_reflns_R_free                 5.100 
_refine.ls_number_reflns_R_free                  849 
_refine.B_iso_mean                               10.820 
_refine.aniso_B[1][1]                            0.010 
_refine.aniso_B[2][2]                            0.010 
_refine.aniso_B[3][3]                            -0.010 
_refine.aniso_B[1][2]                            0.000 
_refine.aniso_B[1][3]                            0.000 
_refine.aniso_B[2][3]                            0.000 
_refine.correlation_coeff_Fo_to_Fc               0.949 
_refine.correlation_coeff_Fo_to_Fc_free          0.940 
_refine.pdbx_overall_ESU_R                       0.112 
_refine.pdbx_overall_ESU_R_Free                  0.107 
_refine.overall_SU_ML                            0.073 
_refine.overall_SU_B                             4.829 
_refine.solvent_model_details                    MASK 
_refine.pdbx_solvent_vdw_probe_radii             1.400 
_refine.pdbx_solvent_ion_probe_radii             0.800 
_refine.pdbx_solvent_shrinkage_radii             0.800 
_refine.pdbx_method_to_determine_struct          ? 
_refine.pdbx_stereochemistry_target_values       'MAXIMUM LIKELIHOOD' 
_refine.pdbx_ls_sigma_I                          ? 
_refine.ls_number_reflns_all                     ? 
_refine.ls_R_factor_all                          ? 
_refine.ls_redundancy_reflns_obs                 ? 
_refine.pdbx_data_cutoff_high_absF               ? 
_refine.pdbx_data_cutoff_low_absF                ? 
_refine.ls_number_parameters                     ? 
_refine.ls_number_restraints                     ? 
_refine.ls_R_factor_R_free_error                 ? 
_refine.ls_R_factor_R_free_error_details         ? 
_refine.pdbx_starting_model                      ? 
_refine.pdbx_stereochem_target_val_spec_case     ? 
_refine.solvent_model_param_bsol                 ? 
_refine.solvent_model_param_ksol                 ? 
_refine.occupancy_max                            ? 
_refine.occupancy_min                            ? 
_refine.pdbx_isotropic_thermal_model             ? 
_refine.B_iso_min                                ? 
_refine.B_iso_max                                ? 
_refine.overall_SU_R_Cruickshank_DPI             ? 
_refine.overall_SU_R_free                        ? 
_refine.pdbx_data_cutoff_high_rms_absF           ? 
_refine.ls_wR_factor_R_free                      ? 
_refine.ls_wR_factor_R_work                      ? 
_refine.overall_FOM_free_R_set                   ? 
_refine.overall_FOM_work_R_set                   ? 
_refine.pdbx_overall_phase_error                 ? 
_refine.pdbx_refine_id                           'X-RAY DIFFRACTION' 
_refine.pdbx_TLS_residual_ADP_flag               'LIKELY RESIDUAL' 
_refine.pdbx_diffrn_id                           1 
_refine.pdbx_overall_SU_R_free_Cruickshank_DPI   ? 
_refine.pdbx_overall_SU_R_Blow_DPI               ? 
_refine.pdbx_overall_SU_R_free_Blow_DPI          ? 
# 
_refine_hist.pdbx_refine_id                   'X-RAY DIFFRACTION' 
_refine_hist.cycle_id                         LAST 
_refine_hist.pdbx_number_atoms_protein        988 
_refine_hist.pdbx_number_atoms_nucleic_acid   0 
_refine_hist.pdbx_number_atoms_ligand         5 
_refine_hist.number_atoms_solvent             59 
_refine_hist.number_atoms_total               1052 
_refine_hist.d_res_high                       1.700 
_refine_hist.d_res_low                        29.880 
# 
loop_
_refine_ls_restr.type 
_refine_ls_restr.number 
_refine_ls_restr.dev_ideal 
_refine_ls_restr.dev_ideal_target 
_refine_ls_restr.weight 
_refine_ls_restr.pdbx_refine_id 
_refine_ls_restr.pdbx_restraint_function 
r_bond_refined_d       1034 0.011  0.022  ? 'X-RAY DIFFRACTION' ? 
r_angle_refined_deg    1408 1.291  1.996  ? 'X-RAY DIFFRACTION' ? 
r_dihedral_angle_1_deg 143  5.106  5.000  ? 'X-RAY DIFFRACTION' ? 
r_dihedral_angle_2_deg 40   32.243 25.750 ? 'X-RAY DIFFRACTION' ? 
r_dihedral_angle_3_deg 185  11.114 15.000 ? 'X-RAY DIFFRACTION' ? 
r_dihedral_angle_4_deg 4    13.146 15.000 ? 'X-RAY DIFFRACTION' ? 
r_chiral_restr         172  0.087  0.200  ? 'X-RAY DIFFRACTION' ? 
r_gen_planes_refined   755  0.006  0.020  ? 'X-RAY DIFFRACTION' ? 
r_mcbond_it            676  0.621  1.500  ? 'X-RAY DIFFRACTION' ? 
r_mcangle_it           1085 1.046  2.000  ? 'X-RAY DIFFRACTION' ? 
r_scbond_it            358  2.019  3.000  ? 'X-RAY DIFFRACTION' ? 
r_scangle_it           317  3.232  4.500  ? 'X-RAY DIFFRACTION' ? 
# 
_refine_ls_shell.d_res_high                       1.700 
_refine_ls_shell.d_res_low                        1.744 
_refine_ls_shell.pdbx_total_number_of_bins_used   20 
_refine_ls_shell.percent_reflns_obs               99.750 
_refine_ls_shell.number_reflns_R_work             1136 
_refine_ls_shell.R_factor_all                     ? 
_refine_ls_shell.R_factor_R_work                  0.263 
_refine_ls_shell.R_factor_R_free                  0.317 
_refine_ls_shell.percent_reflns_R_free            ? 
_refine_ls_shell.number_reflns_R_free             66 
_refine_ls_shell.R_factor_R_free_error            ? 
_refine_ls_shell.number_reflns_all                1202 
_refine_ls_shell.number_reflns_obs                ? 
_refine_ls_shell.redundancy_reflns_obs            ? 
_refine_ls_shell.pdbx_refine_id                   'X-RAY DIFFRACTION' 
# 
_struct.entry_id                  3LLV 
_struct.title                     
'The Crystal Structure of the NAD(P)-binding domain of an Exopolyphosphatase-related protein from Archaeoglobus fulgidus to 1.7A' 
_struct.pdbx_model_details        ? 
_struct.pdbx_CASP_flag            ? 
_struct.pdbx_model_type_details   ? 
# 
_struct_keywords.entry_id        3LLV 
_struct_keywords.pdbx_keywords   'NAD(P) binding protein' 
_struct_keywords.text            
;NAD(P)-binding, Rossmann, Exopolyphosphatase-related, PSI, MCSG, Structural Genomics, Midwest Center for Structural Genomics, Protein Structure Initiative, NAD(P) binding protein
;
# 
loop_
_struct_asym.id 
_struct_asym.pdbx_blank_PDB_chainid_flag 
_struct_asym.pdbx_modified 
_struct_asym.entity_id 
_struct_asym.details 
A N N 1 ? 
B N N 2 ? 
C N N 3 ? 
# 
_struct_ref.id                         1 
_struct_ref.db_name                    UNP 
_struct_ref.db_code                    O28250_ARCFU 
_struct_ref.pdbx_db_accession          O28250 
_struct_ref.entity_id                  1 
_struct_ref.pdbx_seq_one_letter_code   
;MTENGRYEYIVIGSEAAGVGLVRELTAAGKKVLAVDKSKEKIELLEDEGFDAVIADPTDESFYRSLDLEGVSAVLITGSD
DEFNLKILKALRSVSDVYAIVRVSSPKKKEEFEEAGANLVVLVADAVKQAFMDKIKKMETL
;
_struct_ref.pdbx_align_begin           1 
_struct_ref.pdbx_db_isoform            ? 
# 
_struct_ref_seq.align_id                      1 
_struct_ref_seq.ref_id                        1 
_struct_ref_seq.pdbx_PDB_id_code              3LLV 
_struct_ref_seq.pdbx_strand_id                A 
_struct_ref_seq.seq_align_beg                 1 
_struct_ref_seq.pdbx_seq_align_beg_ins_code   ? 
_struct_ref_seq.seq_align_end                 141 
_struct_ref_seq.pdbx_seq_align_end_ins_code   ? 
_struct_ref_seq.pdbx_db_accession             O28250 
_struct_ref_seq.db_align_beg                  1 
_struct_ref_seq.pdbx_db_align_beg_ins_code    ? 
_struct_ref_seq.db_align_end                  141 
_struct_ref_seq.pdbx_db_align_end_ins_code    ? 
_struct_ref_seq.pdbx_auth_seq_align_beg       1 
_struct_ref_seq.pdbx_auth_seq_align_end       141 
# 
loop_
_pdbx_struct_assembly.id 
_pdbx_struct_assembly.details 
_pdbx_struct_assembly.method_details 
_pdbx_struct_assembly.oligomeric_details 
_pdbx_struct_assembly.oligomeric_count 
1 author_defined_assembly   ?    monomeric 1 
2 software_defined_assembly PISA dimeric   2 
# 
loop_
_pdbx_struct_assembly_prop.biol_id 
_pdbx_struct_assembly_prop.type 
_pdbx_struct_assembly_prop.value 
_pdbx_struct_assembly_prop.details 
2 'ABSA (A^2)' 3250  ? 
2 MORE         -55   ? 
2 'SSA (A^2)'  12110 ? 
# 
loop_
_pdbx_struct_assembly_gen.assembly_id 
_pdbx_struct_assembly_gen.oper_expression 
_pdbx_struct_assembly_gen.asym_id_list 
1 1   A,B,C 
2 1,2 A,B,C 
# 
loop_
_pdbx_struct_oper_list.id 
_pdbx_struct_oper_list.type 
_pdbx_struct_oper_list.name 
_pdbx_struct_oper_list.symmetry_operation 
_pdbx_struct_oper_list.matrix[1][1] 
_pdbx_struct_oper_list.matrix[1][2] 
_pdbx_struct_oper_list.matrix[1][3] 
_pdbx_struct_oper_list.vector[1] 
_pdbx_struct_oper_list.matrix[2][1] 
_pdbx_struct_oper_list.matrix[2][2] 
_pdbx_struct_oper_list.matrix[2][3] 
_pdbx_struct_oper_list.vector[2] 
_pdbx_struct_oper_list.matrix[3][1] 
_pdbx_struct_oper_list.matrix[3][2] 
_pdbx_struct_oper_list.matrix[3][3] 
_pdbx_struct_oper_list.vector[3] 
1 'identity operation'         1_555  x,y,z          1.0000000000 0.0000000000  0.0000000000 0.0000000000  0.0000000000  1.0000000000  0.0000000000  0.0000000000   0.0000000000 0.0000000000  1.0000000000  0.0000000000   
2 'crystal symmetry operation' 12_565 x,x-y+1,-z+1/6 0.0780335990 -0.3259863678 0.9421484201 14.8206564757 -0.3259863678 -0.9014250464 -0.2848960753 -10.5483049027 0.9421484201 -0.2848960753 -0.1766085526 -20.6079730429 
# 
_struct_biol.id        1 
_struct_biol.details   ? 
# 
loop_
_struct_conf.conf_type_id 
_struct_conf.id 
_struct_conf.pdbx_PDB_helix_id 
_struct_conf.beg_label_comp_id 
_struct_conf.beg_label_asym_id 
_struct_conf.beg_label_seq_id 
_struct_conf.pdbx_beg_PDB_ins_code 
_struct_conf.end_label_comp_id 
_struct_conf.end_label_asym_id 
_struct_conf.end_label_seq_id 
_struct_conf.pdbx_end_PDB_ins_code 
_struct_conf.beg_auth_comp_id 
_struct_conf.beg_auth_asym_id 
_struct_conf.beg_auth_seq_id 
_struct_conf.end_auth_comp_id 
_struct_conf.end_auth_asym_id 
_struct_conf.end_auth_seq_id 
_struct_conf.pdbx_PDB_helix_class 
_struct_conf.details 
_struct_conf.pdbx_PDB_helix_length 
HELX_P HELX_P1 1 GLU A 15  ? ALA A 28  ? GLU A 15  ALA A 28  1 ? 14 
HELX_P HELX_P2 2 SER A 38  ? GLU A 48  ? SER A 38  GLU A 48  1 ? 11 
HELX_P HELX_P3 3 ASP A 59  ? LEU A 66  ? ASP A 59  LEU A 66  1 ? 8  
HELX_P HELX_P4 4 ASP A 80  ? SER A 95  ? ASP A 80  SER A 95  1 ? 16 
HELX_P HELX_P5 5 SER A 105 ? LYS A 107 ? SER A 105 LYS A 107 5 ? 3  
HELX_P HELX_P6 6 LYS A 108 ? ALA A 115 ? LYS A 108 ALA A 115 1 ? 8  
HELX_P HELX_P7 7 VAL A 123 ? MSE A 138 ? VAL A 123 MSE A 138 1 ? 16 
# 
_struct_conf_type.id          HELX_P 
_struct_conf_type.criteria    ? 
_struct_conf_type.reference   ? 
# 
loop_
_struct_conn.id 
_struct_conn.conn_type_id 
_struct_conn.pdbx_leaving_atom_flag 
_struct_conn.pdbx_PDB_id 
_struct_conn.ptnr1_label_asym_id 
_struct_conn.ptnr1_label_comp_id 
_struct_conn.ptnr1_label_seq_id 
_struct_conn.ptnr1_label_atom_id 
_struct_conn.pdbx_ptnr1_label_alt_id 
_struct_conn.pdbx_ptnr1_PDB_ins_code 
_struct_conn.pdbx_ptnr1_standard_comp_id 
_struct_conn.ptnr1_symmetry 
_struct_conn.ptnr2_label_asym_id 
_struct_conn.ptnr2_label_comp_id 
_struct_conn.ptnr2_label_seq_id 
_struct_conn.ptnr2_label_atom_id 
_struct_conn.pdbx_ptnr2_label_alt_id 
_struct_conn.pdbx_ptnr2_PDB_ins_code 
_struct_conn.ptnr1_auth_asym_id 
_struct_conn.ptnr1_auth_comp_id 
_struct_conn.ptnr1_auth_seq_id 
_struct_conn.ptnr2_auth_asym_id 
_struct_conn.ptnr2_auth_comp_id 
_struct_conn.ptnr2_auth_seq_id 
_struct_conn.ptnr2_symmetry 
_struct_conn.pdbx_ptnr3_label_atom_id 
_struct_conn.pdbx_ptnr3_label_seq_id 
_struct_conn.pdbx_ptnr3_label_comp_id 
_struct_conn.pdbx_ptnr3_label_asym_id 
_struct_conn.pdbx_ptnr3_label_alt_id 
_struct_conn.pdbx_ptnr3_PDB_ins_code 
_struct_conn.details 
_struct_conn.pdbx_dist_value 
_struct_conn.pdbx_value_order 
_struct_conn.pdbx_role 
covale1 covale both ? A PHE 131 C ? ? ? 1_555 A MSE 132 N ? ? A PHE 131 A MSE 132 1_555 ? ? ? ? ? ? ? 1.337 ? ? 
covale2 covale both ? A MSE 132 C ? ? ? 1_555 A ASP 133 N ? ? A MSE 132 A ASP 133 1_555 ? ? ? ? ? ? ? 1.336 ? ? 
covale3 covale both ? A LYS 137 C ? ? ? 1_555 A MSE 138 N ? ? A LYS 137 A MSE 138 1_555 ? ? ? ? ? ? ? 1.333 ? ? 
# 
_struct_conn_type.id          covale 
_struct_conn_type.criteria    ? 
_struct_conn_type.reference   ? 
# 
loop_
_pdbx_modification_feature.ordinal 
_pdbx_modification_feature.label_comp_id 
_pdbx_modification_feature.label_asym_id 
_pdbx_modification_feature.label_seq_id 
_pdbx_modification_feature.label_alt_id 
_pdbx_modification_feature.modified_residue_label_comp_id 
_pdbx_modification_feature.modified_residue_label_asym_id 
_pdbx_modification_feature.modified_residue_label_seq_id 
_pdbx_modification_feature.modified_residue_label_alt_id 
_pdbx_modification_feature.auth_comp_id 
_pdbx_modification_feature.auth_asym_id 
_pdbx_modification_feature.auth_seq_id 
_pdbx_modification_feature.PDB_ins_code 
_pdbx_modification_feature.symmetry 
_pdbx_modification_feature.modified_residue_auth_comp_id 
_pdbx_modification_feature.modified_residue_auth_asym_id 
_pdbx_modification_feature.modified_residue_auth_seq_id 
_pdbx_modification_feature.modified_residue_PDB_ins_code 
_pdbx_modification_feature.modified_residue_symmetry 
_pdbx_modification_feature.comp_id_linking_atom 
_pdbx_modification_feature.modified_residue_id_linking_atom 
_pdbx_modification_feature.modified_residue_id 
_pdbx_modification_feature.ref_pcm_id 
_pdbx_modification_feature.ref_comp_id 
_pdbx_modification_feature.type 
_pdbx_modification_feature.category 
1 MSE A 132 ? . . . . MSE A 132 ? 1_555 . . . . . . . MET 1 MSE Selenomethionine 'Named protein modification' 
2 MSE A 138 ? . . . . MSE A 138 ? 1_555 . . . . . . . MET 1 MSE Selenomethionine 'Named protein modification' 
# 
_struct_sheet.id               A 
_struct_sheet.type             ? 
_struct_sheet.number_strands   6 
_struct_sheet.details          ? 
# 
loop_
_struct_sheet_order.sheet_id 
_struct_sheet_order.range_id_1 
_struct_sheet_order.range_id_2 
_struct_sheet_order.offset 
_struct_sheet_order.sense 
A 1 2 ? parallel 
A 2 3 ? parallel 
A 3 4 ? parallel 
A 4 5 ? parallel 
A 5 6 ? parallel 
# 
loop_
_struct_sheet_range.sheet_id 
_struct_sheet_range.id 
_struct_sheet_range.beg_label_comp_id 
_struct_sheet_range.beg_label_asym_id 
_struct_sheet_range.beg_label_seq_id 
_struct_sheet_range.pdbx_beg_PDB_ins_code 
_struct_sheet_range.end_label_comp_id 
_struct_sheet_range.end_label_asym_id 
_struct_sheet_range.end_label_seq_id 
_struct_sheet_range.pdbx_end_PDB_ins_code 
_struct_sheet_range.beg_auth_comp_id 
_struct_sheet_range.beg_auth_asym_id 
_struct_sheet_range.beg_auth_seq_id 
_struct_sheet_range.end_auth_comp_id 
_struct_sheet_range.end_auth_asym_id 
_struct_sheet_range.end_auth_seq_id 
A 1 ASP A 51  ? ILE A 54  ? ASP A 51  ILE A 54  
A 2 VAL A 32  ? ASP A 36  ? VAL A 32  ASP A 36  
A 3 TYR A 9   ? ILE A 12  ? TYR A 9   ILE A 12  
A 4 ALA A 73  ? ILE A 76  ? ALA A 73  ILE A 76  
A 5 ALA A 99  ? VAL A 103 ? ALA A 99  VAL A 103 
A 6 LEU A 119 ? LEU A 122 ? LEU A 119 LEU A 122 
# 
loop_
_pdbx_struct_sheet_hbond.sheet_id 
_pdbx_struct_sheet_hbond.range_id_1 
_pdbx_struct_sheet_hbond.range_id_2 
_pdbx_struct_sheet_hbond.range_1_label_atom_id 
_pdbx_struct_sheet_hbond.range_1_label_comp_id 
_pdbx_struct_sheet_hbond.range_1_label_asym_id 
_pdbx_struct_sheet_hbond.range_1_label_seq_id 
_pdbx_struct_sheet_hbond.range_1_PDB_ins_code 
_pdbx_struct_sheet_hbond.range_1_auth_atom_id 
_pdbx_struct_sheet_hbond.range_1_auth_comp_id 
_pdbx_struct_sheet_hbond.range_1_auth_asym_id 
_pdbx_struct_sheet_hbond.range_1_auth_seq_id 
_pdbx_struct_sheet_hbond.range_2_label_atom_id 
_pdbx_struct_sheet_hbond.range_2_label_comp_id 
_pdbx_struct_sheet_hbond.range_2_label_asym_id 
_pdbx_struct_sheet_hbond.range_2_label_seq_id 
_pdbx_struct_sheet_hbond.range_2_PDB_ins_code 
_pdbx_struct_sheet_hbond.range_2_auth_atom_id 
_pdbx_struct_sheet_hbond.range_2_auth_comp_id 
_pdbx_struct_sheet_hbond.range_2_auth_asym_id 
_pdbx_struct_sheet_hbond.range_2_auth_seq_id 
A 1 2 O VAL A 53  ? O VAL A 53  N ALA A 34  ? N ALA A 34  
A 2 3 O VAL A 35  ? O VAL A 35  N VAL A 11  ? N VAL A 11  
A 3 4 N ILE A 10  ? N ILE A 10  O LEU A 75  ? O LEU A 75  
A 4 5 N ILE A 76  ? N ILE A 76  O ARG A 102 ? O ARG A 102 
A 5 6 N VAL A 101 ? N VAL A 101 O VAL A 121 ? O VAL A 121 
# 
_struct_site.id                   AC1 
_struct_site.pdbx_evidence_code   Software 
_struct_site.pdbx_auth_asym_id    A 
_struct_site.pdbx_auth_comp_id    PO4 
_struct_site.pdbx_auth_seq_id     142 
_struct_site.pdbx_auth_ins_code   ? 
_struct_site.pdbx_num_residues    6 
_struct_site.details              'BINDING SITE FOR RESIDUE PO4 A 142' 
# 
loop_
_struct_site_gen.id 
_struct_site_gen.site_id 
_struct_site_gen.pdbx_num_res 
_struct_site_gen.label_comp_id 
_struct_site_gen.label_asym_id 
_struct_site_gen.label_seq_id 
_struct_site_gen.pdbx_auth_ins_code 
_struct_site_gen.auth_comp_id 
_struct_site_gen.auth_asym_id 
_struct_site_gen.auth_seq_id 
_struct_site_gen.label_atom_id 
_struct_site_gen.label_alt_id 
_struct_site_gen.symmetry 
_struct_site_gen.details 
1 AC1 6 GLU A 15  ? GLU A 15  . ? 1_555  ? 
2 AC1 6 ALA A 16  ? ALA A 16  . ? 1_555  ? 
3 AC1 6 ALA A 17  ? ALA A 17  . ? 1_555  ? 
4 AC1 6 ARG A 102 ? ARG A 102 . ? 1_555  ? 
5 AC1 6 ALA A 124 ? ALA A 124 . ? 12_565 ? 
6 AC1 6 HOH C .   ? HOH A 154 . ? 12_565 ? 
# 
_pdbx_entry_details.entry_id                   3LLV 
_pdbx_entry_details.compound_details           ? 
_pdbx_entry_details.source_details             ? 
_pdbx_entry_details.nonpolymer_details         ? 
_pdbx_entry_details.sequence_details           ? 
_pdbx_entry_details.has_ligand_of_interest     ? 
_pdbx_entry_details.has_protein_modification   Y 
# 
_pdbx_SG_project.id                    1 
_pdbx_SG_project.project_name          'PSI, Protein Structure Initiative' 
_pdbx_SG_project.full_name_of_center   'Midwest Center for Structural Genomics' 
_pdbx_SG_project.initial_of_center     MCSG 
# 
loop_
_pdbx_struct_mod_residue.id 
_pdbx_struct_mod_residue.label_asym_id 
_pdbx_struct_mod_residue.label_comp_id 
_pdbx_struct_mod_residue.label_seq_id 
_pdbx_struct_mod_residue.auth_asym_id 
_pdbx_struct_mod_residue.auth_comp_id 
_pdbx_struct_mod_residue.auth_seq_id 
_pdbx_struct_mod_residue.PDB_ins_code 
_pdbx_struct_mod_residue.parent_comp_id 
_pdbx_struct_mod_residue.details 
1 A MSE 132 A MSE 132 ? MET SELENOMETHIONINE 
2 A MSE 138 A MSE 138 ? MET SELENOMETHIONINE 
# 
_pdbx_struct_special_symmetry.id              1 
_pdbx_struct_special_symmetry.PDB_model_num   1 
_pdbx_struct_special_symmetry.auth_asym_id    A 
_pdbx_struct_special_symmetry.auth_comp_id    HOH 
_pdbx_struct_special_symmetry.auth_seq_id     150 
_pdbx_struct_special_symmetry.PDB_ins_code    ? 
_pdbx_struct_special_symmetry.label_asym_id   C 
_pdbx_struct_special_symmetry.label_comp_id   HOH 
_pdbx_struct_special_symmetry.label_seq_id    . 
# 
loop_
_pdbx_refine_tls.id 
_pdbx_refine_tls.details 
_pdbx_refine_tls.method 
_pdbx_refine_tls.origin_x 
_pdbx_refine_tls.origin_y 
_pdbx_refine_tls.origin_z 
_pdbx_refine_tls.T[1][1] 
_pdbx_refine_tls.T[2][2] 
_pdbx_refine_tls.T[3][3] 
_pdbx_refine_tls.T[1][2] 
_pdbx_refine_tls.T[1][3] 
_pdbx_refine_tls.T[2][3] 
_pdbx_refine_tls.L[1][1] 
_pdbx_refine_tls.L[2][2] 
_pdbx_refine_tls.L[3][3] 
_pdbx_refine_tls.L[1][2] 
_pdbx_refine_tls.L[1][3] 
_pdbx_refine_tls.L[2][3] 
_pdbx_refine_tls.S[1][1] 
_pdbx_refine_tls.S[2][2] 
_pdbx_refine_tls.S[3][3] 
_pdbx_refine_tls.S[1][2] 
_pdbx_refine_tls.S[1][3] 
_pdbx_refine_tls.S[2][3] 
_pdbx_refine_tls.S[2][1] 
_pdbx_refine_tls.S[3][1] 
_pdbx_refine_tls.S[3][2] 
_pdbx_refine_tls.pdbx_refine_id 
1  ? refined -1.7229  -1.3900  7.9631   0.2512 0.1464 0.0937 -0.0096 0.0973  0.0069  6.7872  4.5734  10.2456 0.2516   3.5846   -0.4523 -0.2058 -0.0068 0.2125  -0.4605 -0.1375 0.0822  0.7176  0.5638  -0.1698 'X-RAY DIFFRACTION' 
2  ? refined -2.2570  -7.9862  -3.0511  0.3270 0.1382 0.3514 -0.0979 0.3000  -0.0650 3.1873  30.6859 11.9527 -4.4794  -2.6433  2.4239  -0.5772 -0.3189 0.8962  0.1478  -0.7355 1.5824  0.7620  0.3702  -0.5790 'X-RAY DIFFRACTION' 
3  ? refined 2.6168   -10.4756 4.0418   0.4093 0.1983 0.2781 -0.0020 0.1193  0.0466  8.0856  8.4094  6.6371  -1.4786  4.8016   -1.6759 -0.0811 0.1280  -0.0469 0.1715  -0.4091 -0.3523 0.7008  0.1158  0.0585  'X-RAY DIFFRACTION' 
4  ? refined 2.2501   -9.1501  11.0076  0.6046 0.2351 0.2783 -0.0319 0.0808  0.1117  4.0272  14.6385 9.3237  -6.6305  -0.9975  7.4327  -0.3705 0.3219  0.0486  -0.1166 0.2050  -0.3339 1.2362  0.7481  0.1739  'X-RAY DIFFRACTION' 
5  ? refined -11.6153 -4.5165  -0.2841  0.2276 0.3017 0.3559 -0.1635 0.1586  -0.1372 7.5425  1.9267  11.9354 1.7067   4.4653   -1.1848 -0.2265 0.2352  -0.0088 0.6166  -0.3645 0.3858  0.0130  0.3536  -0.4439 'X-RAY DIFFRACTION' 
6  ? refined -11.8609 -11.2771 1.9189   0.3789 0.2399 0.3416 -0.1821 0.2232  -0.0795 9.3670  9.0937  11.1946 -0.9449  2.7700   -9.9407 -0.5200 0.3119  0.2081  0.3119  -0.2569 -0.2033 -0.6829 0.6499  -0.2772 'X-RAY DIFFRACTION' 
7  ? refined -8.1634  -10.2199 6.7362   0.3179 0.2277 0.4503 -0.1347 0.1755  0.0383  5.9879  5.5076  3.6412  -4.0883  3.9255   -1.1408 -0.4929 0.0737  0.4192  -0.1537 0.1016  -0.0058 0.8828  0.0001  -0.0418 'X-RAY DIFFRACTION' 
8  ? refined -12.0899 4.3072   0.0845   0.1324 0.3963 0.3945 -0.0891 0.0614  -0.1842 2.5531  7.7722  3.1449  -4.3409  2.2496   -4.4890 0.0137  -0.0350 0.0214  0.2379  -0.4141 0.5328  -0.1656 0.2465  -0.4146 'X-RAY DIFFRACTION' 
9  ? refined -10.0971 9.3830   5.9448   0.0555 0.1449 0.0777 -0.0109 0.0197  -0.0116 11.3633 9.6187  5.0179  -4.7254  -1.4315  2.1905  -0.0029 -0.0386 0.0417  -0.0105 0.2585  0.0033  0.0516  -0.0839 -0.0637 'X-RAY DIFFRACTION' 
10 ? refined -4.1983  5.4909   12.7221  0.4206 0.4169 0.1252 0.1200  0.0503  -0.0262 55.0710 5.3800  1.6951  -13.1686 6.5846   -2.7858 -1.1789 0.9909  0.1880  -2.7247 0.3495  -0.1167 0.5165  -0.0371 -0.3827 'X-RAY DIFFRACTION' 
11 ? refined 0.9458   0.8749   0.5006   0.0748 0.0894 0.0483 -0.0264 0.0458  0.0164  5.0972  4.0881  5.9186  -0.6392  0.9099   1.8081  -0.2040 -0.1139 0.3180  -0.0988 -0.1105 0.0662  0.1975  0.3224  -0.2042 'X-RAY DIFFRACTION' 
12 ? refined -3.3520  5.4336   -9.5165  0.0904 0.2266 0.0801 -0.0258 -0.0056 0.0130  11.6100 11.5668 14.0141 -2.0680  -4.4373  3.1815  0.0229  -0.1600 0.1370  0.7633  0.1886  0.3647  -0.4446 -0.1226 -0.7423 'X-RAY DIFFRACTION' 
13 ? refined -3.6219  10.5661  -3.7477  0.0586 0.1272 0.0724 0.0106  -0.0040 0.0184  8.2175  8.2747  5.7253  1.0682   -2.7009  3.4880  -0.0004 -0.0337 0.0341  0.3924  0.2675  0.1336  -0.3423 -0.2346 -0.3493 'X-RAY DIFFRACTION' 
14 ? refined -2.0900  12.7493  5.3317   0.0489 0.1018 0.0978 -0.0021 0.0011  -0.0355 5.0389  3.7115  3.3202  -1.9449  1.4632   -1.4682 -0.0355 -0.0211 0.0566  -0.2961 0.3789  -0.0010 0.1364  -0.1719 -0.1435 'X-RAY DIFFRACTION' 
15 ? refined 4.5910   4.0895   -3.5784  0.0669 0.0919 0.0515 -0.0264 0.0395  0.0187  2.6463  2.3100  4.8346  -1.2730  -1.6649  2.3943  -0.0598 0.1010  -0.0412 0.0994  0.1360  -0.1157 -0.1285 0.0272  0.1964  'X-RAY DIFFRACTION' 
16 ? refined 7.9652   9.8031   -12.0189 0.1724 0.2618 0.1969 -0.0877 0.0272  0.1078  10.5050 15.6569 10.4854 4.5065   -10.3101 -2.1977 0.0823  0.1214  -0.2037 0.1948  0.1105  -0.7213 -0.4586 -0.1727 -0.1549 'X-RAY DIFFRACTION' 
17 ? refined 5.2849   12.9212  -6.1076  0.1192 0.1139 0.1371 -0.0397 0.0369  0.0330  8.4248  9.1239  8.5592  -1.0805  -0.9689  1.0820  0.1807  -0.0132 -0.1674 0.2159  0.4263  -0.3553 -0.4259 -0.7317 0.1517  'X-RAY DIFFRACTION' 
18 ? refined 9.4665   2.4150   -5.9190  0.0753 0.1309 0.1036 -0.0163 0.0394  0.0192  2.4384  9.0591  6.6123  -3.8302  -3.6187  7.6224  0.0530  0.1287  -0.1818 -0.0800 0.1216  -0.2431 -0.1701 -0.1193 0.1277  'X-RAY DIFFRACTION' 
19 ? refined 16.9686  -7.7065  -10.6842 0.0874 0.1509 0.1659 -0.0365 0.0364  -0.0211 11.4626 11.0752 12.7681 -5.3157  -0.7338  2.8518  0.0882  0.3353  -0.4235 -0.2806 0.3800  -0.9060 0.3541  -0.2975 0.6615  'X-RAY DIFFRACTION' 
20 ? refined 20.9186  -14.5258 -9.4180  0.2396 0.2463 0.2818 0.0192  -0.0484 -0.0425 22.7583 12.8766 17.4228 -5.5624  -3.5871  -4.8485 0.0556  0.0402  -0.0959 -0.3185 -1.0458 -0.1238 0.4515  1.2092  0.4900  'X-RAY DIFFRACTION' 
# 
loop_
_pdbx_refine_tls_group.id 
_pdbx_refine_tls_group.refine_tls_id 
_pdbx_refine_tls_group.beg_label_asym_id 
_pdbx_refine_tls_group.beg_label_seq_id 
_pdbx_refine_tls_group.end_label_asym_id 
_pdbx_refine_tls_group.end_label_seq_id 
_pdbx_refine_tls_group.selection 
_pdbx_refine_tls_group.beg_auth_asym_id 
_pdbx_refine_tls_group.beg_auth_seq_id 
_pdbx_refine_tls_group.end_auth_asym_id 
_pdbx_refine_tls_group.end_auth_seq_id 
_pdbx_refine_tls_group.pdbx_refine_id 
_pdbx_refine_tls_group.selection_details 
1  1  . . . . ? A 6   A 13  'X-RAY DIFFRACTION' ? 
2  2  . . . . ? A 14  A 20  'X-RAY DIFFRACTION' ? 
3  3  . . . . ? A 21  A 25  'X-RAY DIFFRACTION' ? 
4  4  . . . . ? A 26  A 32  'X-RAY DIFFRACTION' ? 
5  5  . . . . ? A 33  A 40  'X-RAY DIFFRACTION' ? 
6  6  . . . . ? A 41  A 47  'X-RAY DIFFRACTION' ? 
7  7  . . . . ? A 48  A 53  'X-RAY DIFFRACTION' ? 
8  8  . . . . ? A 54  A 59  'X-RAY DIFFRACTION' ? 
9  9  . . . . ? A 60  A 64  'X-RAY DIFFRACTION' ? 
10 10 . . . . ? A 65  A 71  'X-RAY DIFFRACTION' ? 
11 11 . . . . ? A 72  A 79  'X-RAY DIFFRACTION' ? 
12 12 . . . . ? A 80  A 84  'X-RAY DIFFRACTION' ? 
13 13 . . . . ? A 85  A 90  'X-RAY DIFFRACTION' ? 
14 14 . . . . ? A 91  A 96  'X-RAY DIFFRACTION' ? 
15 15 . . . . ? A 97  A 105 'X-RAY DIFFRACTION' ? 
16 16 . . . . ? A 106 A 110 'X-RAY DIFFRACTION' ? 
17 17 . . . . ? A 111 A 115 'X-RAY DIFFRACTION' ? 
18 18 . . . . ? A 116 A 127 'X-RAY DIFFRACTION' ? 
19 19 . . . . ? A 128 A 132 'X-RAY DIFFRACTION' ? 
20 20 . . . . ? A 133 A 138 'X-RAY DIFFRACTION' ? 
# 
loop_
_pdbx_unobs_or_zero_occ_residues.id 
_pdbx_unobs_or_zero_occ_residues.PDB_model_num 
_pdbx_unobs_or_zero_occ_residues.polymer_flag 
_pdbx_unobs_or_zero_occ_residues.occupancy_flag 
_pdbx_unobs_or_zero_occ_residues.auth_asym_id 
_pdbx_unobs_or_zero_occ_residues.auth_comp_id 
_pdbx_unobs_or_zero_occ_residues.auth_seq_id 
_pdbx_unobs_or_zero_occ_residues.PDB_ins_code 
_pdbx_unobs_or_zero_occ_residues.label_asym_id 
_pdbx_unobs_or_zero_occ_residues.label_comp_id 
_pdbx_unobs_or_zero_occ_residues.label_seq_id 
1 1 Y 1 A MSE 1   ? A MSE 1   
2 1 Y 1 A THR 2   ? A THR 2   
3 1 Y 1 A GLU 3   ? A GLU 3   
4 1 Y 1 A ASN 4   ? A ASN 4   
5 1 Y 1 A GLY 5   ? A GLY 5   
6 1 Y 1 A GLU 139 ? A GLU 139 
7 1 Y 1 A THR 140 ? A THR 140 
8 1 Y 1 A LEU 141 ? A LEU 141 
# 
loop_
_chem_comp_atom.comp_id 
_chem_comp_atom.atom_id 
_chem_comp_atom.type_symbol 
_chem_comp_atom.pdbx_aromatic_flag 
_chem_comp_atom.pdbx_stereo_config 
_chem_comp_atom.pdbx_ordinal 
ALA N    N  N N 1   
ALA CA   C  N S 2   
ALA C    C  N N 3   
ALA O    O  N N 4   
ALA CB   C  N N 5   
ALA OXT  O  N N 6   
ALA H    H  N N 7   
ALA H2   H  N N 8   
ALA HA   H  N N 9   
ALA HB1  H  N N 10  
ALA HB2  H  N N 11  
ALA HB3  H  N N 12  
ALA HXT  H  N N 13  
ARG N    N  N N 14  
ARG CA   C  N S 15  
ARG C    C  N N 16  
ARG O    O  N N 17  
ARG CB   C  N N 18  
ARG CG   C  N N 19  
ARG CD   C  N N 20  
ARG NE   N  N N 21  
ARG CZ   C  N N 22  
ARG NH1  N  N N 23  
ARG NH2  N  N N 24  
ARG OXT  O  N N 25  
ARG H    H  N N 26  
ARG H2   H  N N 27  
ARG HA   H  N N 28  
ARG HB2  H  N N 29  
ARG HB3  H  N N 30  
ARG HG2  H  N N 31  
ARG HG3  H  N N 32  
ARG HD2  H  N N 33  
ARG HD3  H  N N 34  
ARG HE   H  N N 35  
ARG HH11 H  N N 36  
ARG HH12 H  N N 37  
ARG HH21 H  N N 38  
ARG HH22 H  N N 39  
ARG HXT  H  N N 40  
ASN N    N  N N 41  
ASN CA   C  N S 42  
ASN C    C  N N 43  
ASN O    O  N N 44  
ASN CB   C  N N 45  
ASN CG   C  N N 46  
ASN OD1  O  N N 47  
ASN ND2  N  N N 48  
ASN OXT  O  N N 49  
ASN H    H  N N 50  
ASN H2   H  N N 51  
ASN HA   H  N N 52  
ASN HB2  H  N N 53  
ASN HB3  H  N N 54  
ASN HD21 H  N N 55  
ASN HD22 H  N N 56  
ASN HXT  H  N N 57  
ASP N    N  N N 58  
ASP CA   C  N S 59  
ASP C    C  N N 60  
ASP O    O  N N 61  
ASP CB   C  N N 62  
ASP CG   C  N N 63  
ASP OD1  O  N N 64  
ASP OD2  O  N N 65  
ASP OXT  O  N N 66  
ASP H    H  N N 67  
ASP H2   H  N N 68  
ASP HA   H  N N 69  
ASP HB2  H  N N 70  
ASP HB3  H  N N 71  
ASP HD2  H  N N 72  
ASP HXT  H  N N 73  
GLN N    N  N N 74  
GLN CA   C  N S 75  
GLN C    C  N N 76  
GLN O    O  N N 77  
GLN CB   C  N N 78  
GLN CG   C  N N 79  
GLN CD   C  N N 80  
GLN OE1  O  N N 81  
GLN NE2  N  N N 82  
GLN OXT  O  N N 83  
GLN H    H  N N 84  
GLN H2   H  N N 85  
GLN HA   H  N N 86  
GLN HB2  H  N N 87  
GLN HB3  H  N N 88  
GLN HG2  H  N N 89  
GLN HG3  H  N N 90  
GLN HE21 H  N N 91  
GLN HE22 H  N N 92  
GLN HXT  H  N N 93  
GLU N    N  N N 94  
GLU CA   C  N S 95  
GLU C    C  N N 96  
GLU O    O  N N 97  
GLU CB   C  N N 98  
GLU CG   C  N N 99  
GLU CD   C  N N 100 
GLU OE1  O  N N 101 
GLU OE2  O  N N 102 
GLU OXT  O  N N 103 
GLU H    H  N N 104 
GLU H2   H  N N 105 
GLU HA   H  N N 106 
GLU HB2  H  N N 107 
GLU HB3  H  N N 108 
GLU HG2  H  N N 109 
GLU HG3  H  N N 110 
GLU HE2  H  N N 111 
GLU HXT  H  N N 112 
GLY N    N  N N 113 
GLY CA   C  N N 114 
GLY C    C  N N 115 
GLY O    O  N N 116 
GLY OXT  O  N N 117 
GLY H    H  N N 118 
GLY H2   H  N N 119 
GLY HA2  H  N N 120 
GLY HA3  H  N N 121 
GLY HXT  H  N N 122 
HOH O    O  N N 123 
HOH H1   H  N N 124 
HOH H2   H  N N 125 
ILE N    N  N N 126 
ILE CA   C  N S 127 
ILE C    C  N N 128 
ILE O    O  N N 129 
ILE CB   C  N S 130 
ILE CG1  C  N N 131 
ILE CG2  C  N N 132 
ILE CD1  C  N N 133 
ILE OXT  O  N N 134 
ILE H    H  N N 135 
ILE H2   H  N N 136 
ILE HA   H  N N 137 
ILE HB   H  N N 138 
ILE HG12 H  N N 139 
ILE HG13 H  N N 140 
ILE HG21 H  N N 141 
ILE HG22 H  N N 142 
ILE HG23 H  N N 143 
ILE HD11 H  N N 144 
ILE HD12 H  N N 145 
ILE HD13 H  N N 146 
ILE HXT  H  N N 147 
LEU N    N  N N 148 
LEU CA   C  N S 149 
LEU C    C  N N 150 
LEU O    O  N N 151 
LEU CB   C  N N 152 
LEU CG   C  N N 153 
LEU CD1  C  N N 154 
LEU CD2  C  N N 155 
LEU OXT  O  N N 156 
LEU H    H  N N 157 
LEU H2   H  N N 158 
LEU HA   H  N N 159 
LEU HB2  H  N N 160 
LEU HB3  H  N N 161 
LEU HG   H  N N 162 
LEU HD11 H  N N 163 
LEU HD12 H  N N 164 
LEU HD13 H  N N 165 
LEU HD21 H  N N 166 
LEU HD22 H  N N 167 
LEU HD23 H  N N 168 
LEU HXT  H  N N 169 
LYS N    N  N N 170 
LYS CA   C  N S 171 
LYS C    C  N N 172 
LYS O    O  N N 173 
LYS CB   C  N N 174 
LYS CG   C  N N 175 
LYS CD   C  N N 176 
LYS CE   C  N N 177 
LYS NZ   N  N N 178 
LYS OXT  O  N N 179 
LYS H    H  N N 180 
LYS H2   H  N N 181 
LYS HA   H  N N 182 
LYS HB2  H  N N 183 
LYS HB3  H  N N 184 
LYS HG2  H  N N 185 
LYS HG3  H  N N 186 
LYS HD2  H  N N 187 
LYS HD3  H  N N 188 
LYS HE2  H  N N 189 
LYS HE3  H  N N 190 
LYS HZ1  H  N N 191 
LYS HZ2  H  N N 192 
LYS HZ3  H  N N 193 
LYS HXT  H  N N 194 
MSE N    N  N N 195 
MSE CA   C  N S 196 
MSE C    C  N N 197 
MSE O    O  N N 198 
MSE OXT  O  N N 199 
MSE CB   C  N N 200 
MSE CG   C  N N 201 
MSE SE   SE N N 202 
MSE CE   C  N N 203 
MSE H    H  N N 204 
MSE H2   H  N N 205 
MSE HA   H  N N 206 
MSE HXT  H  N N 207 
MSE HB2  H  N N 208 
MSE HB3  H  N N 209 
MSE HG2  H  N N 210 
MSE HG3  H  N N 211 
MSE HE1  H  N N 212 
MSE HE2  H  N N 213 
MSE HE3  H  N N 214 
PHE N    N  N N 215 
PHE CA   C  N S 216 
PHE C    C  N N 217 
PHE O    O  N N 218 
PHE CB   C  N N 219 
PHE CG   C  Y N 220 
PHE CD1  C  Y N 221 
PHE CD2  C  Y N 222 
PHE CE1  C  Y N 223 
PHE CE2  C  Y N 224 
PHE CZ   C  Y N 225 
PHE OXT  O  N N 226 
PHE H    H  N N 227 
PHE H2   H  N N 228 
PHE HA   H  N N 229 
PHE HB2  H  N N 230 
PHE HB3  H  N N 231 
PHE HD1  H  N N 232 
PHE HD2  H  N N 233 
PHE HE1  H  N N 234 
PHE HE2  H  N N 235 
PHE HZ   H  N N 236 
PHE HXT  H  N N 237 
PO4 P    P  N N 238 
PO4 O1   O  N N 239 
PO4 O2   O  N N 240 
PO4 O3   O  N N 241 
PO4 O4   O  N N 242 
PRO N    N  N N 243 
PRO CA   C  N S 244 
PRO C    C  N N 245 
PRO O    O  N N 246 
PRO CB   C  N N 247 
PRO CG   C  N N 248 
PRO CD   C  N N 249 
PRO OXT  O  N N 250 
PRO H    H  N N 251 
PRO HA   H  N N 252 
PRO HB2  H  N N 253 
PRO HB3  H  N N 254 
PRO HG2  H  N N 255 
PRO HG3  H  N N 256 
PRO HD2  H  N N 257 
PRO HD3  H  N N 258 
PRO HXT  H  N N 259 
SER N    N  N N 260 
SER CA   C  N S 261 
SER C    C  N N 262 
SER O    O  N N 263 
SER CB   C  N N 264 
SER OG   O  N N 265 
SER OXT  O  N N 266 
SER H    H  N N 267 
SER H2   H  N N 268 
SER HA   H  N N 269 
SER HB2  H  N N 270 
SER HB3  H  N N 271 
SER HG   H  N N 272 
SER HXT  H  N N 273 
THR N    N  N N 274 
THR CA   C  N S 275 
THR C    C  N N 276 
THR O    O  N N 277 
THR CB   C  N R 278 
THR OG1  O  N N 279 
THR CG2  C  N N 280 
THR OXT  O  N N 281 
THR H    H  N N 282 
THR H2   H  N N 283 
THR HA   H  N N 284 
THR HB   H  N N 285 
THR HG1  H  N N 286 
THR HG21 H  N N 287 
THR HG22 H  N N 288 
THR HG23 H  N N 289 
THR HXT  H  N N 290 
TYR N    N  N N 291 
TYR CA   C  N S 292 
TYR C    C  N N 293 
TYR O    O  N N 294 
TYR CB   C  N N 295 
TYR CG   C  Y N 296 
TYR CD1  C  Y N 297 
TYR CD2  C  Y N 298 
TYR CE1  C  Y N 299 
TYR CE2  C  Y N 300 
TYR CZ   C  Y N 301 
TYR OH   O  N N 302 
TYR OXT  O  N N 303 
TYR H    H  N N 304 
TYR H2   H  N N 305 
TYR HA   H  N N 306 
TYR HB2  H  N N 307 
TYR HB3  H  N N 308 
TYR HD1  H  N N 309 
TYR HD2  H  N N 310 
TYR HE1  H  N N 311 
TYR HE2  H  N N 312 
TYR HH   H  N N 313 
TYR HXT  H  N N 314 
VAL N    N  N N 315 
VAL CA   C  N S 316 
VAL C    C  N N 317 
VAL O    O  N N 318 
VAL CB   C  N N 319 
VAL CG1  C  N N 320 
VAL CG2  C  N N 321 
VAL OXT  O  N N 322 
VAL H    H  N N 323 
VAL H2   H  N N 324 
VAL HA   H  N N 325 
VAL HB   H  N N 326 
VAL HG11 H  N N 327 
VAL HG12 H  N N 328 
VAL HG13 H  N N 329 
VAL HG21 H  N N 330 
VAL HG22 H  N N 331 
VAL HG23 H  N N 332 
VAL HXT  H  N N 333 
# 
loop_
_chem_comp_bond.comp_id 
_chem_comp_bond.atom_id_1 
_chem_comp_bond.atom_id_2 
_chem_comp_bond.value_order 
_chem_comp_bond.pdbx_aromatic_flag 
_chem_comp_bond.pdbx_stereo_config 
_chem_comp_bond.pdbx_ordinal 
ALA N   CA   sing N N 1   
ALA N   H    sing N N 2   
ALA N   H2   sing N N 3   
ALA CA  C    sing N N 4   
ALA CA  CB   sing N N 5   
ALA CA  HA   sing N N 6   
ALA C   O    doub N N 7   
ALA C   OXT  sing N N 8   
ALA CB  HB1  sing N N 9   
ALA CB  HB2  sing N N 10  
ALA CB  HB3  sing N N 11  
ALA OXT HXT  sing N N 12  
ARG N   CA   sing N N 13  
ARG N   H    sing N N 14  
ARG N   H2   sing N N 15  
ARG CA  C    sing N N 16  
ARG CA  CB   sing N N 17  
ARG CA  HA   sing N N 18  
ARG C   O    doub N N 19  
ARG C   OXT  sing N N 20  
ARG CB  CG   sing N N 21  
ARG CB  HB2  sing N N 22  
ARG CB  HB3  sing N N 23  
ARG CG  CD   sing N N 24  
ARG CG  HG2  sing N N 25  
ARG CG  HG3  sing N N 26  
ARG CD  NE   sing N N 27  
ARG CD  HD2  sing N N 28  
ARG CD  HD3  sing N N 29  
ARG NE  CZ   sing N N 30  
ARG NE  HE   sing N N 31  
ARG CZ  NH1  sing N N 32  
ARG CZ  NH2  doub N N 33  
ARG NH1 HH11 sing N N 34  
ARG NH1 HH12 sing N N 35  
ARG NH2 HH21 sing N N 36  
ARG NH2 HH22 sing N N 37  
ARG OXT HXT  sing N N 38  
ASN N   CA   sing N N 39  
ASN N   H    sing N N 40  
ASN N   H2   sing N N 41  
ASN CA  C    sing N N 42  
ASN CA  CB   sing N N 43  
ASN CA  HA   sing N N 44  
ASN C   O    doub N N 45  
ASN C   OXT  sing N N 46  
ASN CB  CG   sing N N 47  
ASN CB  HB2  sing N N 48  
ASN CB  HB3  sing N N 49  
ASN CG  OD1  doub N N 50  
ASN CG  ND2  sing N N 51  
ASN ND2 HD21 sing N N 52  
ASN ND2 HD22 sing N N 53  
ASN OXT HXT  sing N N 54  
ASP N   CA   sing N N 55  
ASP N   H    sing N N 56  
ASP N   H2   sing N N 57  
ASP CA  C    sing N N 58  
ASP CA  CB   sing N N 59  
ASP CA  HA   sing N N 60  
ASP C   O    doub N N 61  
ASP C   OXT  sing N N 62  
ASP CB  CG   sing N N 63  
ASP CB  HB2  sing N N 64  
ASP CB  HB3  sing N N 65  
ASP CG  OD1  doub N N 66  
ASP CG  OD2  sing N N 67  
ASP OD2 HD2  sing N N 68  
ASP OXT HXT  sing N N 69  
GLN N   CA   sing N N 70  
GLN N   H    sing N N 71  
GLN N   H2   sing N N 72  
GLN CA  C    sing N N 73  
GLN CA  CB   sing N N 74  
GLN CA  HA   sing N N 75  
GLN C   O    doub N N 76  
GLN C   OXT  sing N N 77  
GLN CB  CG   sing N N 78  
GLN CB  HB2  sing N N 79  
GLN CB  HB3  sing N N 80  
GLN CG  CD   sing N N 81  
GLN CG  HG2  sing N N 82  
GLN CG  HG3  sing N N 83  
GLN CD  OE1  doub N N 84  
GLN CD  NE2  sing N N 85  
GLN NE2 HE21 sing N N 86  
GLN NE2 HE22 sing N N 87  
GLN OXT HXT  sing N N 88  
GLU N   CA   sing N N 89  
GLU N   H    sing N N 90  
GLU N   H2   sing N N 91  
GLU CA  C    sing N N 92  
GLU CA  CB   sing N N 93  
GLU CA  HA   sing N N 94  
GLU C   O    doub N N 95  
GLU C   OXT  sing N N 96  
GLU CB  CG   sing N N 97  
GLU CB  HB2  sing N N 98  
GLU CB  HB3  sing N N 99  
GLU CG  CD   sing N N 100 
GLU CG  HG2  sing N N 101 
GLU CG  HG3  sing N N 102 
GLU CD  OE1  doub N N 103 
GLU CD  OE2  sing N N 104 
GLU OE2 HE2  sing N N 105 
GLU OXT HXT  sing N N 106 
GLY N   CA   sing N N 107 
GLY N   H    sing N N 108 
GLY N   H2   sing N N 109 
GLY CA  C    sing N N 110 
GLY CA  HA2  sing N N 111 
GLY CA  HA3  sing N N 112 
GLY C   O    doub N N 113 
GLY C   OXT  sing N N 114 
GLY OXT HXT  sing N N 115 
HOH O   H1   sing N N 116 
HOH O   H2   sing N N 117 
ILE N   CA   sing N N 118 
ILE N   H    sing N N 119 
ILE N   H2   sing N N 120 
ILE CA  C    sing N N 121 
ILE CA  CB   sing N N 122 
ILE CA  HA   sing N N 123 
ILE C   O    doub N N 124 
ILE C   OXT  sing N N 125 
ILE CB  CG1  sing N N 126 
ILE CB  CG2  sing N N 127 
ILE CB  HB   sing N N 128 
ILE CG1 CD1  sing N N 129 
ILE CG1 HG12 sing N N 130 
ILE CG1 HG13 sing N N 131 
ILE CG2 HG21 sing N N 132 
ILE CG2 HG22 sing N N 133 
ILE CG2 HG23 sing N N 134 
ILE CD1 HD11 sing N N 135 
ILE CD1 HD12 sing N N 136 
ILE CD1 HD13 sing N N 137 
ILE OXT HXT  sing N N 138 
LEU N   CA   sing N N 139 
LEU N   H    sing N N 140 
LEU N   H2   sing N N 141 
LEU CA  C    sing N N 142 
LEU CA  CB   sing N N 143 
LEU CA  HA   sing N N 144 
LEU C   O    doub N N 145 
LEU C   OXT  sing N N 146 
LEU CB  CG   sing N N 147 
LEU CB  HB2  sing N N 148 
LEU CB  HB3  sing N N 149 
LEU CG  CD1  sing N N 150 
LEU CG  CD2  sing N N 151 
LEU CG  HG   sing N N 152 
LEU CD1 HD11 sing N N 153 
LEU CD1 HD12 sing N N 154 
LEU CD1 HD13 sing N N 155 
LEU CD2 HD21 sing N N 156 
LEU CD2 HD22 sing N N 157 
LEU CD2 HD23 sing N N 158 
LEU OXT HXT  sing N N 159 
LYS N   CA   sing N N 160 
LYS N   H    sing N N 161 
LYS N   H2   sing N N 162 
LYS CA  C    sing N N 163 
LYS CA  CB   sing N N 164 
LYS CA  HA   sing N N 165 
LYS C   O    doub N N 166 
LYS C   OXT  sing N N 167 
LYS CB  CG   sing N N 168 
LYS CB  HB2  sing N N 169 
LYS CB  HB3  sing N N 170 
LYS CG  CD   sing N N 171 
LYS CG  HG2  sing N N 172 
LYS CG  HG3  sing N N 173 
LYS CD  CE   sing N N 174 
LYS CD  HD2  sing N N 175 
LYS CD  HD3  sing N N 176 
LYS CE  NZ   sing N N 177 
LYS CE  HE2  sing N N 178 
LYS CE  HE3  sing N N 179 
LYS NZ  HZ1  sing N N 180 
LYS NZ  HZ2  sing N N 181 
LYS NZ  HZ3  sing N N 182 
LYS OXT HXT  sing N N 183 
MSE N   CA   sing N N 184 
MSE N   H    sing N N 185 
MSE N   H2   sing N N 186 
MSE CA  C    sing N N 187 
MSE CA  CB   sing N N 188 
MSE CA  HA   sing N N 189 
MSE C   O    doub N N 190 
MSE C   OXT  sing N N 191 
MSE OXT HXT  sing N N 192 
MSE CB  CG   sing N N 193 
MSE CB  HB2  sing N N 194 
MSE CB  HB3  sing N N 195 
MSE CG  SE   sing N N 196 
MSE CG  HG2  sing N N 197 
MSE CG  HG3  sing N N 198 
MSE SE  CE   sing N N 199 
MSE CE  HE1  sing N N 200 
MSE CE  HE2  sing N N 201 
MSE CE  HE3  sing N N 202 
PHE N   CA   sing N N 203 
PHE N   H    sing N N 204 
PHE N   H2   sing N N 205 
PHE CA  C    sing N N 206 
PHE CA  CB   sing N N 207 
PHE CA  HA   sing N N 208 
PHE C   O    doub N N 209 
PHE C   OXT  sing N N 210 
PHE CB  CG   sing N N 211 
PHE CB  HB2  sing N N 212 
PHE CB  HB3  sing N N 213 
PHE CG  CD1  doub Y N 214 
PHE CG  CD2  sing Y N 215 
PHE CD1 CE1  sing Y N 216 
PHE CD1 HD1  sing N N 217 
PHE CD2 CE2  doub Y N 218 
PHE CD2 HD2  sing N N 219 
PHE CE1 CZ   doub Y N 220 
PHE CE1 HE1  sing N N 221 
PHE CE2 CZ   sing Y N 222 
PHE CE2 HE2  sing N N 223 
PHE CZ  HZ   sing N N 224 
PHE OXT HXT  sing N N 225 
PO4 P   O1   doub N N 226 
PO4 P   O2   sing N N 227 
PO4 P   O3   sing N N 228 
PO4 P   O4   sing N N 229 
PRO N   CA   sing N N 230 
PRO N   CD   sing N N 231 
PRO N   H    sing N N 232 
PRO CA  C    sing N N 233 
PRO CA  CB   sing N N 234 
PRO CA  HA   sing N N 235 
PRO C   O    doub N N 236 
PRO C   OXT  sing N N 237 
PRO CB  CG   sing N N 238 
PRO CB  HB2  sing N N 239 
PRO CB  HB3  sing N N 240 
PRO CG  CD   sing N N 241 
PRO CG  HG2  sing N N 242 
PRO CG  HG3  sing N N 243 
PRO CD  HD2  sing N N 244 
PRO CD  HD3  sing N N 245 
PRO OXT HXT  sing N N 246 
SER N   CA   sing N N 247 
SER N   H    sing N N 248 
SER N   H2   sing N N 249 
SER CA  C    sing N N 250 
SER CA  CB   sing N N 251 
SER CA  HA   sing N N 252 
SER C   O    doub N N 253 
SER C   OXT  sing N N 254 
SER CB  OG   sing N N 255 
SER CB  HB2  sing N N 256 
SER CB  HB3  sing N N 257 
SER OG  HG   sing N N 258 
SER OXT HXT  sing N N 259 
THR N   CA   sing N N 260 
THR N   H    sing N N 261 
THR N   H2   sing N N 262 
THR CA  C    sing N N 263 
THR CA  CB   sing N N 264 
THR CA  HA   sing N N 265 
THR C   O    doub N N 266 
THR C   OXT  sing N N 267 
THR CB  OG1  sing N N 268 
THR CB  CG2  sing N N 269 
THR CB  HB   sing N N 270 
THR OG1 HG1  sing N N 271 
THR CG2 HG21 sing N N 272 
THR CG2 HG22 sing N N 273 
THR CG2 HG23 sing N N 274 
THR OXT HXT  sing N N 275 
TYR N   CA   sing N N 276 
TYR N   H    sing N N 277 
TYR N   H2   sing N N 278 
TYR CA  C    sing N N 279 
TYR CA  CB   sing N N 280 
TYR CA  HA   sing N N 281 
TYR C   O    doub N N 282 
TYR C   OXT  sing N N 283 
TYR CB  CG   sing N N 284 
TYR CB  HB2  sing N N 285 
TYR CB  HB3  sing N N 286 
TYR CG  CD1  doub Y N 287 
TYR CG  CD2  sing Y N 288 
TYR CD1 CE1  sing Y N 289 
TYR CD1 HD1  sing N N 290 
TYR CD2 CE2  doub Y N 291 
TYR CD2 HD2  sing N N 292 
TYR CE1 CZ   doub Y N 293 
TYR CE1 HE1  sing N N 294 
TYR CE2 CZ   sing Y N 295 
TYR CE2 HE2  sing N N 296 
TYR CZ  OH   sing N N 297 
TYR OH  HH   sing N N 298 
TYR OXT HXT  sing N N 299 
VAL N   CA   sing N N 300 
VAL N   H    sing N N 301 
VAL N   H2   sing N N 302 
VAL CA  C    sing N N 303 
VAL CA  CB   sing N N 304 
VAL CA  HA   sing N N 305 
VAL C   O    doub N N 306 
VAL C   OXT  sing N N 307 
VAL CB  CG1  sing N N 308 
VAL CB  CG2  sing N N 309 
VAL CB  HB   sing N N 310 
VAL CG1 HG11 sing N N 311 
VAL CG1 HG12 sing N N 312 
VAL CG1 HG13 sing N N 313 
VAL CG2 HG21 sing N N 314 
VAL CG2 HG22 sing N N 315 
VAL CG2 HG23 sing N N 316 
VAL OXT HXT  sing N N 317 
# 
_atom_sites.entry_id                    3LLV 
_atom_sites.fract_transf_matrix[1][1]   -0.02119729 
_atom_sites.fract_transf_matrix[1][2]   0.00640980 
_atom_sites.fract_transf_matrix[1][3]   -0.01852532 
_atom_sites.fract_transf_matrix[2][1]   0.00563622 
_atom_sites.fract_transf_matrix[2][2]   0.01585358 
_atom_sites.fract_transf_matrix[2][3]   -0.02346251 
_atom_sites.fract_transf_matrix[3][1]   0.00067174 
_atom_sites.fract_transf_matrix[3][2]   -0.00282074 
_atom_sites.fract_transf_matrix[3][3]   -0.00174460 
_atom_sites.fract_transf_vector[1]      0.524483 
_atom_sites.fract_transf_vector[2]      0.562334 
_atom_sites.fract_transf_vector[3]      0.045497 
# 
loop_
_atom_type.symbol 
C  
N  
O  
P  
SE 
# 
loop_
_atom_site.group_PDB 
_atom_site.id 
_atom_site.type_symbol 
_atom_site.label_atom_id 
_atom_site.label_alt_id 
_atom_site.label_comp_id 
_atom_site.label_asym_id 
_atom_site.label_entity_id 
_atom_site.label_seq_id 
_atom_site.pdbx_PDB_ins_code 
_atom_site.Cartn_x 
_atom_site.Cartn_y 
_atom_site.Cartn_z 
_atom_site.occupancy 
_atom_site.B_iso_or_equiv 
_atom_site.pdbx_formal_charge 
_atom_site.auth_seq_id 
_atom_site.auth_comp_id 
_atom_site.auth_asym_id 
_atom_site.auth_atom_id 
_atom_site.pdbx_PDB_model_num 
ATOM   1    N  N   . ARG A 1 6   ? -5.681  -0.651  16.463  1.00 17.10 ? 6   ARG A N   1 
ATOM   2    C  CA  . ARG A 1 6   ? -4.245  -0.255  16.467  1.00 17.14 ? 6   ARG A CA  1 
ATOM   3    C  C   . ARG A 1 6   ? -3.437  -1.164  15.540  1.00 17.03 ? 6   ARG A C   1 
ATOM   4    O  O   . ARG A 1 6   ? -2.881  -2.196  15.941  1.00 17.56 ? 6   ARG A O   1 
ATOM   5    C  CB  . ARG A 1 6   ? -3.664  -0.249  17.884  1.00 17.66 ? 6   ARG A CB  1 
ATOM   6    N  N   . TYR A 1 7   ? -3.397  -0.771  14.282  1.00 16.17 ? 7   TYR A N   1 
ATOM   7    C  CA  . TYR A 1 7   ? -2.638  -1.502  13.284  1.00 15.20 ? 7   TYR A CA  1 
ATOM   8    C  C   . TYR A 1 7   ? -1.220  -0.938  13.160  1.00 14.82 ? 7   TYR A C   1 
ATOM   9    O  O   . TYR A 1 7   ? -0.988  0.250   13.391  1.00 14.93 ? 7   TYR A O   1 
ATOM   10   C  CB  . TYR A 1 7   ? -3.392  -1.472  11.951  1.00 15.03 ? 7   TYR A CB  1 
ATOM   11   C  CG  . TYR A 1 7   ? -4.741  -2.166  12.011  1.00 15.58 ? 7   TYR A CG  1 
ATOM   12   C  CD1 . TYR A 1 7   ? -4.835  -3.560  11.927  1.00 15.41 ? 7   TYR A CD1 1 
ATOM   13   C  CD2 . TYR A 1 7   ? -5.926  -1.440  12.174  1.00 15.97 ? 7   TYR A CD2 1 
ATOM   14   C  CE1 . TYR A 1 7   ? -6.068  -4.210  11.979  1.00 15.47 ? 7   TYR A CE1 1 
ATOM   15   C  CE2 . TYR A 1 7   ? -7.173  -2.085  12.235  1.00 16.06 ? 7   TYR A CE2 1 
ATOM   16   C  CZ  . TYR A 1 7   ? -7.231  -3.467  12.140  1.00 16.16 ? 7   TYR A CZ  1 
ATOM   17   O  OH  . TYR A 1 7   ? -8.443  -4.117  12.198  1.00 18.48 ? 7   TYR A OH  1 
ATOM   18   N  N   . GLU A 1 8   ? -0.274  -1.811  12.819  1.00 14.03 ? 8   GLU A N   1 
ATOM   19   C  CA  A GLU A 1 8   ? 1.104   -1.417  12.581  0.50 13.27 ? 8   GLU A CA  1 
ATOM   20   C  CA  B GLU A 1 8   ? 1.094   -1.380  12.581  0.50 13.54 ? 8   GLU A CA  1 
ATOM   21   C  C   . GLU A 1 8   ? 1.298   -1.070  11.103  1.00 12.86 ? 8   GLU A C   1 
ATOM   22   O  O   . GLU A 1 8   ? 2.042   -0.149  10.763  1.00 12.82 ? 8   GLU A O   1 
ATOM   23   C  CB  A GLU A 1 8   ? 2.049   -2.546  12.993  0.50 13.14 ? 8   GLU A CB  1 
ATOM   24   C  CB  B GLU A 1 8   ? 2.118   -2.416  13.045  0.50 13.60 ? 8   GLU A CB  1 
ATOM   25   C  CG  A GLU A 1 8   ? 2.182   -2.720  14.510  0.50 13.22 ? 8   GLU A CG  1 
ATOM   26   C  CG  B GLU A 1 8   ? 3.538   -1.855  13.062  0.50 14.91 ? 8   GLU A CG  1 
ATOM   27   C  CD  A GLU A 1 8   ? 2.676   -4.105  14.917  0.50 13.90 ? 8   GLU A CD  1 
ATOM   28   C  CD  B GLU A 1 8   ? 4.595   -2.849  13.499  0.50 16.59 ? 8   GLU A CD  1 
ATOM   29   O  OE1 A GLU A 1 8   ? 1.902   -5.081  14.811  0.50 14.87 ? 8   GLU A OE1 1 
ATOM   30   O  OE1 B GLU A 1 8   ? 4.232   -3.912  14.043  0.50 16.89 ? 8   GLU A OE1 1 
ATOM   31   O  OE2 A GLU A 1 8   ? 3.831   -4.213  15.369  0.50 13.29 ? 8   GLU A OE2 1 
ATOM   32   O  OE2 B GLU A 1 8   ? 5.795   -2.553  13.298  0.50 16.81 ? 8   GLU A OE2 1 
ATOM   33   N  N   . TYR A 1 9   ? 0.629   -1.832  10.240  1.00 12.33 ? 9   TYR A N   1 
ATOM   34   C  CA  . TYR A 1 9   ? 0.706   -1.608  8.792   1.00 11.22 ? 9   TYR A CA  1 
ATOM   35   C  C   . TYR A 1 9   ? -0.685  -1.574  8.178   1.00 11.85 ? 9   TYR A C   1 
ATOM   36   O  O   . TYR A 1 9   ? -1.579  -2.338  8.580   1.00 12.22 ? 9   TYR A O   1 
ATOM   37   C  CB  . TYR A 1 9   ? 1.585   -2.659  8.090   1.00 11.41 ? 9   TYR A CB  1 
ATOM   38   C  CG  . TYR A 1 9   ? 3.016   -2.643  8.558   1.00 11.42 ? 9   TYR A CG  1 
ATOM   39   C  CD1 . TYR A 1 9   ? 3.949   -1.740  8.025   1.00 11.00 ? 9   TYR A CD1 1 
ATOM   40   C  CD2 . TYR A 1 9   ? 3.435   -3.509  9.571   1.00 12.03 ? 9   TYR A CD2 1 
ATOM   41   C  CE1 . TYR A 1 9   ? 5.276   -1.715  8.486   1.00 12.96 ? 9   TYR A CE1 1 
ATOM   42   C  CE2 . TYR A 1 9   ? 4.751   -3.488  10.034  1.00 12.39 ? 9   TYR A CE2 1 
ATOM   43   C  CZ  . TYR A 1 9   ? 5.661   -2.589  9.490   1.00 13.24 ? 9   TYR A CZ  1 
ATOM   44   O  OH  . TYR A 1 9   ? 6.955   -2.570  9.958   1.00 13.77 ? 9   TYR A OH  1 
ATOM   45   N  N   . ILE A 1 10  ? -0.874  -0.647  7.248   1.00 11.44 ? 10  ILE A N   1 
ATOM   46   C  CA  A ILE A 1 10  ? -2.091  -0.585  6.461   0.50 10.67 ? 10  ILE A CA  1 
ATOM   47   C  CA  B ILE A 1 10  ? -2.097  -0.544  6.463   0.50 10.88 ? 10  ILE A CA  1 
ATOM   48   C  C   . ILE A 1 10  ? -1.753  -0.810  5.004   1.00 10.73 ? 10  ILE A C   1 
ATOM   49   O  O   . ILE A 1 10  ? -0.934  -0.096  4.426   1.00 11.32 ? 10  ILE A O   1 
ATOM   50   C  CB  A ILE A 1 10  ? -2.832  0.746   6.651   0.50 10.51 ? 10  ILE A CB  1 
ATOM   51   C  CB  B ILE A 1 10  ? -2.757  0.859   6.583   0.50 10.64 ? 10  ILE A CB  1 
ATOM   52   C  CG1 A ILE A 1 10  ? -3.301  0.859   8.102   0.50 10.50 ? 10  ILE A CG1 1 
ATOM   53   C  CG1 B ILE A 1 10  ? -2.973  1.247   8.053   0.50 11.82 ? 10  ILE A CG1 1 
ATOM   54   C  CG2 A ILE A 1 10  ? -4.029  0.847   5.685   0.50 10.39 ? 10  ILE A CG2 1 
ATOM   55   C  CG2 B ILE A 1 10  ? -4.078  0.904   5.792   0.50 10.91 ? 10  ILE A CG2 1 
ATOM   56   C  CD1 A ILE A 1 10  ? -3.904  2.181   8.411   0.50 10.73 ? 10  ILE A CD1 1 
ATOM   57   C  CD1 B ILE A 1 10  ? -4.102  0.519   8.741   0.50 12.11 ? 10  ILE A CD1 1 
ATOM   58   N  N   . VAL A 1 11  ? -2.375  -1.833  4.422   1.00 9.81  ? 11  VAL A N   1 
ATOM   59   C  CA  . VAL A 1 11  ? -2.097  -2.199  3.028   1.00 10.35 ? 11  VAL A CA  1 
ATOM   60   C  C   . VAL A 1 11  ? -3.282  -1.848  2.154   1.00 10.17 ? 11  VAL A C   1 
ATOM   61   O  O   . VAL A 1 11  ? -4.343  -2.470  2.232   1.00 11.38 ? 11  VAL A O   1 
ATOM   62   C  CB  . VAL A 1 11  ? -1.737  -3.691  2.885   1.00 10.46 ? 11  VAL A CB  1 
ATOM   63   C  CG1 . VAL A 1 11  ? -1.487  -4.071  1.394   1.00 7.81  ? 11  VAL A CG1 1 
ATOM   64   C  CG2 . VAL A 1 11  ? -0.532  -4.024  3.711   1.00 11.29 ? 11  VAL A CG2 1 
ATOM   65   N  N   . ILE A 1 12  ? -3.070  -0.862  1.282   1.00 10.45 ? 12  ILE A N   1 
ATOM   66   C  CA  . ILE A 1 12  ? -4.093  -0.391  0.386   1.00 10.95 ? 12  ILE A CA  1 
ATOM   67   C  C   . ILE A 1 12  ? -3.843  -1.061  -0.944  1.00 11.86 ? 12  ILE A C   1 
ATOM   68   O  O   . ILE A 1 12  ? -2.721  -1.015  -1.477  1.00 11.57 ? 12  ILE A O   1 
ATOM   69   C  CB  . ILE A 1 12  ? -4.070  1.153   0.264   1.00 10.69 ? 12  ILE A CB  1 
ATOM   70   C  CG1 . ILE A 1 12  ? -4.382  1.786   1.639   1.00 13.33 ? 12  ILE A CG1 1 
ATOM   71   C  CG2 . ILE A 1 12  ? -5.014  1.622   -0.843  1.00 10.14 ? 12  ILE A CG2 1 
ATOM   72   C  CD1 . ILE A 1 12  ? -4.106  3.278   1.678   1.00 14.52 ? 12  ILE A CD1 1 
ATOM   73   N  N   . GLY A 1 13  ? -4.883  -1.689  -1.473  1.00 12.36 ? 13  GLY A N   1 
ATOM   74   C  CA  . GLY A 1 13  ? -4.798  -2.445  -2.721  1.00 13.52 ? 13  GLY A CA  1 
ATOM   75   C  C   . GLY A 1 13  ? -4.670  -3.905  -2.326  1.00 13.23 ? 13  GLY A C   1 
ATOM   76   O  O   . GLY A 1 13  ? -3.674  -4.308  -1.702  1.00 16.24 ? 13  GLY A O   1 
ATOM   77   N  N   . SER A 1 14  ? -5.667  -4.685  -2.674  1.00 12.78 ? 14  SER A N   1 
ATOM   78   C  CA  A SER A 1 14  ? -5.640  -6.099  -2.342  0.50 12.22 ? 14  SER A CA  1 
ATOM   79   C  CA  B SER A 1 14  ? -5.699  -6.102  -2.346  0.50 12.20 ? 14  SER A CA  1 
ATOM   80   C  C   . SER A 1 14  ? -5.492  -6.946  -3.598  1.00 12.30 ? 14  SER A C   1 
ATOM   81   O  O   . SER A 1 14  ? -6.112  -8.013  -3.741  1.00 12.62 ? 14  SER A O   1 
ATOM   82   C  CB  A SER A 1 14  ? -6.853  -6.475  -1.490  0.50 12.22 ? 14  SER A CB  1 
ATOM   83   C  CB  B SER A 1 14  ? -7.032  -6.447  -1.682  0.50 12.19 ? 14  SER A CB  1 
ATOM   84   O  OG  A SER A 1 14  ? -6.708  -5.918  -0.193  0.50 11.50 ? 14  SER A OG  1 
ATOM   85   O  OG  B SER A 1 14  ? -8.099  -6.240  -2.590  0.50 11.39 ? 14  SER A OG  1 
ATOM   86   N  N   . GLU A 1 15  ? -4.641  -6.455  -4.510  1.00 11.58 ? 15  GLU A N   1 
ATOM   87   C  CA  . GLU A 1 15  ? -4.233  -7.211  -5.693  1.00 10.55 ? 15  GLU A CA  1 
ATOM   88   C  C   . GLU A 1 15  ? -3.029  -8.073  -5.283  1.00 10.17 ? 15  GLU A C   1 
ATOM   89   O  O   . GLU A 1 15  ? -2.792  -8.245  -4.089  1.00 9.76  ? 15  GLU A O   1 
ATOM   90   C  CB  . GLU A 1 15  ? -3.940  -6.293  -6.875  1.00 10.30 ? 15  GLU A CB  1 
ATOM   91   N  N   . ALA A 1 16  ? -2.289  -8.651  -6.235  1.00 9.40  ? 16  ALA A N   1 
ATOM   92   C  CA  . ALA A 1 16  ? -1.314  -9.681  -5.855  1.00 8.73  ? 16  ALA A CA  1 
ATOM   93   C  C   . ALA A 1 16  ? -0.203  -9.177  -4.931  1.00 8.34  ? 16  ALA A C   1 
ATOM   94   O  O   . ALA A 1 16  ? 0.120   -9.840  -3.946  1.00 9.17  ? 16  ALA A O   1 
ATOM   95   C  CB  . ALA A 1 16  ? -0.753  -10.428 -7.077  1.00 7.90  ? 16  ALA A CB  1 
ATOM   96   N  N   . ALA A 1 17  ? 0.357   -8.003  -5.233  1.00 9.02  ? 17  ALA A N   1 
ATOM   97   C  CA  . ALA A 1 17  ? 1.428   -7.459  -4.407  1.00 8.66  ? 17  ALA A CA  1 
ATOM   98   C  C   . ALA A 1 17  ? 0.895   -7.171  -3.000  1.00 7.73  ? 17  ALA A C   1 
ATOM   99   O  O   . ALA A 1 17  ? 1.530   -7.509  -2.007  1.00 7.63  ? 17  ALA A O   1 
ATOM   100  C  CB  . ALA A 1 17  ? 2.035   -6.236  -5.044  1.00 9.00  ? 17  ALA A CB  1 
ATOM   101  N  N   . GLY A 1 18  ? -0.291  -6.575  -2.940  1.00 8.08  ? 18  GLY A N   1 
ATOM   102  C  CA  . GLY A 1 18  ? -0.941  -6.204  -1.687  1.00 5.92  ? 18  GLY A CA  1 
ATOM   103  C  C   . GLY A 1 18  ? -1.236  -7.395  -0.804  1.00 7.41  ? 18  GLY A C   1 
ATOM   104  O  O   . GLY A 1 18  ? -0.851  -7.407  0.359   1.00 6.81  ? 18  GLY A O   1 
ATOM   105  N  N   . VAL A 1 19  ? -1.880  -8.413  -1.375  1.00 6.77  ? 19  VAL A N   1 
ATOM   106  C  CA  . VAL A 1 19  ? -2.201  -9.621  -0.602  1.00 7.98  ? 19  VAL A CA  1 
ATOM   107  C  C   . VAL A 1 19  ? -0.956  -10.403 -0.189  1.00 7.64  ? 19  VAL A C   1 
ATOM   108  O  O   . VAL A 1 19  ? -0.957  -11.020 0.868   1.00 9.65  ? 19  VAL A O   1 
ATOM   109  C  CB  . VAL A 1 19  ? -3.304  -10.508 -1.257  1.00 8.26  ? 19  VAL A CB  1 
ATOM   110  C  CG1 . VAL A 1 19  ? -4.591  -9.725  -1.366  1.00 8.20  ? 19  VAL A CG1 1 
ATOM   111  C  CG2 . VAL A 1 19  ? -2.878  -11.046 -2.620  1.00 8.19  ? 19  VAL A CG2 1 
ATOM   112  N  N   . GLY A 1 20  ? 0.095   -10.360 -1.011  1.00 7.74  ? 20  GLY A N   1 
ATOM   113  C  CA  . GLY A 1 20  ? 1.398   -10.932 -0.660  1.00 6.39  ? 20  GLY A CA  1 
ATOM   114  C  C   . GLY A 1 20  ? 1.998   -10.270 0.574   1.00 5.59  ? 20  GLY A C   1 
ATOM   115  O  O   . GLY A 1 20  ? 2.496   -10.945 1.481   1.00 4.75  ? 20  GLY A O   1 
ATOM   116  N  N   . LEU A 1 21  ? 1.923   -8.942  0.623   1.00 4.18  ? 21  LEU A N   1 
ATOM   117  C  CA  . LEU A 1 21  ? 2.415   -8.187  1.777   1.00 3.76  ? 21  LEU A CA  1 
ATOM   118  C  C   . LEU A 1 21  ? 1.619   -8.436  3.054   1.00 4.22  ? 21  LEU A C   1 
ATOM   119  O  O   . LEU A 1 21  ? 2.196   -8.533  4.127   1.00 4.28  ? 21  LEU A O   1 
ATOM   120  C  CB  . LEU A 1 21  ? 2.420   -6.687  1.460   1.00 3.82  ? 21  LEU A CB  1 
ATOM   121  C  CG  . LEU A 1 21  ? 3.622   -6.262  0.623   1.00 3.53  ? 21  LEU A CG  1 
ATOM   122  C  CD1 . LEU A 1 21  ? 3.413   -4.869  0.017   1.00 4.16  ? 21  LEU A CD1 1 
ATOM   123  C  CD2 . LEU A 1 21  ? 4.895   -6.309  1.449   1.00 4.06  ? 21  LEU A CD2 1 
ATOM   124  N  N   . VAL A 1 22  ? 0.310   -8.532  2.905   1.00 4.24  ? 22  VAL A N   1 
ATOM   125  C  CA  . VAL A 1 22  ? -0.586  -8.883  4.030   1.00 5.01  ? 22  VAL A CA  1 
ATOM   126  C  C   . VAL A 1 22  ? -0.156  -10.231 4.621   1.00 5.47  ? 22  VAL A C   1 
ATOM   127  O  O   . VAL A 1 22  ? -0.133  -10.384 5.836   1.00 6.16  ? 22  VAL A O   1 
ATOM   128  C  CB  . VAL A 1 22  ? -2.070  -8.893  3.607   1.00 4.61  ? 22  VAL A CB  1 
ATOM   129  C  CG1 . VAL A 1 22  ? -2.961  -9.400  4.759   1.00 3.48  ? 22  VAL A CG1 1 
ATOM   130  C  CG2 . VAL A 1 22  ? -2.532  -7.498  3.217   1.00 4.94  ? 22  VAL A CG2 1 
ATOM   131  N  N   . ARG A 1 23  ? 0.248   -11.207 3.819   1.00 6.53  ? 23  ARG A N   1 
ATOM   132  C  CA  . ARG A 1 23  ? 0.718   -12.497 4.336   1.00 6.49  ? 23  ARG A CA  1 
ATOM   133  C  C   . ARG A 1 23  ? 2.020   -12.430 5.004   1.00 7.33  ? 23  ARG A C   1 
ATOM   134  O  O   . ARG A 1 23  ? 2.216   -12.950 6.060   1.00 6.43  ? 23  ARG A O   1 
ATOM   135  C  CB  . ARG A 1 23  ? 0.917   -13.474 3.216   1.00 6.84  ? 23  ARG A CB  1 
ATOM   136  C  CG  . ARG A 1 23  ? -0.283  -14.067 2.726   1.00 7.57  ? 23  ARG A CG  1 
ATOM   137  C  CD  . ARG A 1 23  ? 0.047   -15.191 1.809   1.00 8.29  ? 23  ARG A CD  1 
ATOM   138  N  NE  . ARG A 1 23  ? 0.858   -16.225 2.395   1.00 9.24  ? 23  ARG A NE  1 
ATOM   139  C  CZ  . ARG A 1 23  ? 1.462   -17.188 1.693   1.00 11.57 ? 23  ARG A CZ  1 
ATOM   140  N  NH1 . ARG A 1 23  ? 2.166   -18.108 2.290   1.00 12.00 ? 23  ARG A NH1 1 
ATOM   141  N  NH2 . ARG A 1 23  ? 1.377   -17.230 0.391   1.00 11.09 ? 23  ARG A NH2 1 
ATOM   142  N  N   . GLU A 1 24  ? 2.960   -11.810 4.333   1.00 6.57  ? 24  GLU A N   1 
ATOM   143  C  CA  . GLU A 1 24  ? 4.319   -11.799 4.825   1.00 8.05  ? 24  GLU A CA  1 
ATOM   144  C  C   . GLU A 1 24  ? 4.473   -11.017 6.127   1.00 7.82  ? 24  GLU A C   1 
ATOM   145  O  O   . GLU A 1 24  ? 5.214   -11.438 7.012   1.00 8.17  ? 24  GLU A O   1 
ATOM   146  C  CB  . GLU A 1 24  ? 5.269   -11.267 3.757   1.00 7.76  ? 24  GLU A CB  1 
ATOM   147  C  CG  . GLU A 1 24  ? 6.733   -11.571 4.042   1.00 11.61 ? 24  GLU A CG  1 
ATOM   148  C  CD  . GLU A 1 24  ? 7.644   -11.213 2.889   1.00 14.40 ? 24  GLU A CD  1 
ATOM   149  O  OE1 . GLU A 1 24  ? 8.871   -11.079 3.116   1.00 17.42 ? 24  GLU A OE1 1 
ATOM   150  O  OE2 . GLU A 1 24  ? 7.128   -11.051 1.762   1.00 16.33 ? 24  GLU A OE2 1 
ATOM   151  N  N   . LEU A 1 25  ? 3.781   -9.883  6.239   1.00 7.32  ? 25  LEU A N   1 
ATOM   152  C  CA  . LEU A 1 25  ? 3.827   -9.085  7.460   1.00 7.18  ? 25  LEU A CA  1 
ATOM   153  C  C   . LEU A 1 25  ? 3.157   -9.788  8.638   1.00 7.70  ? 25  LEU A C   1 
ATOM   154  O  O   . LEU A 1 25  ? 3.655   -9.749  9.763   1.00 8.13  ? 25  LEU A O   1 
ATOM   155  C  CB  . LEU A 1 25  ? 3.225   -7.696  7.219   1.00 6.80  ? 25  LEU A CB  1 
ATOM   156  C  CG  . LEU A 1 25  ? 4.080   -6.781  6.331   1.00 5.94  ? 25  LEU A CG  1 
ATOM   157  C  CD1 . LEU A 1 25  ? 3.260   -5.593  5.822   1.00 6.67  ? 25  LEU A CD1 1 
ATOM   158  C  CD2 . LEU A 1 25  ? 5.324   -6.305  7.045   1.00 6.42  ? 25  LEU A CD2 1 
ATOM   159  N  N   . THR A 1 26  ? 2.037   -10.446 8.369   1.00 7.99  ? 26  THR A N   1 
ATOM   160  C  CA  . THR A 1 26  ? 1.379   -11.271 9.376   1.00 8.61  ? 26  THR A CA  1 
ATOM   161  C  C   . THR A 1 26  ? 2.315   -12.367 9.905   1.00 8.87  ? 26  THR A C   1 
ATOM   162  O  O   . THR A 1 26  ? 2.388   -12.582 11.123  1.00 8.86  ? 26  THR A O   1 
ATOM   163  C  CB  . THR A 1 26  ? 0.044   -11.845 8.847   1.00 8.28  ? 26  THR A CB  1 
ATOM   164  O  OG1 . THR A 1 26  ? -0.784  -10.754 8.408   1.00 8.91  ? 26  THR A OG1 1 
ATOM   165  C  CG2 . THR A 1 26  ? -0.686  -12.657 9.931   1.00 9.81  ? 26  THR A CG2 1 
ATOM   166  N  N   . ALA A 1 27  ? 3.055   -13.021 9.003   1.00 8.55  ? 27  ALA A N   1 
ATOM   167  C  CA  . ALA A 1 27  ? 3.970   -14.107 9.397   1.00 8.88  ? 27  ALA A CA  1 
ATOM   168  C  C   . ALA A 1 27  ? 5.121   -13.595 10.270  1.00 8.77  ? 27  ALA A C   1 
ATOM   169  O  O   . ALA A 1 27  ? 5.638   -14.326 11.115  1.00 9.04  ? 27  ALA A O   1 
ATOM   170  C  CB  . ALA A 1 27  ? 4.519   -14.837 8.156   1.00 8.67  ? 27  ALA A CB  1 
ATOM   171  N  N   . ALA A 1 28  ? 5.518   -12.345 10.037  1.00 9.21  ? 28  ALA A N   1 
ATOM   172  C  CA  . ALA A 1 28  ? 6.510   -11.659 10.861  1.00 9.34  ? 28  ALA A CA  1 
ATOM   173  C  C   . ALA A 1 28  ? 5.901   -11.189 12.185  1.00 9.50  ? 28  ALA A C   1 
ATOM   174  O  O   . ALA A 1 28  ? 6.600   -10.622 13.034  1.00 9.86  ? 28  ALA A O   1 
ATOM   175  C  CB  . ALA A 1 28  ? 7.130   -10.477 10.087  1.00 9.55  ? 28  ALA A CB  1 
ATOM   176  N  N   . GLY A 1 29  ? 4.601   -11.435 12.350  1.00 9.73  ? 29  GLY A N   1 
ATOM   177  C  CA  . GLY A 1 29  ? 3.888   -11.157 13.597  1.00 9.95  ? 29  GLY A CA  1 
ATOM   178  C  C   . GLY A 1 29  ? 3.461   -9.711  13.769  1.00 10.12 ? 29  GLY A C   1 
ATOM   179  O  O   . GLY A 1 29  ? 3.519   -9.173  14.880  1.00 10.37 ? 29  GLY A O   1 
ATOM   180  N  N   . LYS A 1 30  ? 3.036   -9.084  12.671  1.00 10.36 ? 30  LYS A N   1 
ATOM   181  C  CA  . LYS A 1 30  ? 2.597   -7.682  12.677  1.00 10.16 ? 30  LYS A CA  1 
ATOM   182  C  C   . LYS A 1 30  ? 1.080   -7.621  12.537  1.00 9.94  ? 30  LYS A C   1 
ATOM   183  O  O   . LYS A 1 30  ? 0.469   -8.541  11.982  1.00 10.11 ? 30  LYS A O   1 
ATOM   184  C  CB  . LYS A 1 30  ? 3.240   -6.895  11.516  1.00 10.30 ? 30  LYS A CB  1 
ATOM   185  C  CG  . LYS A 1 30  ? 4.755   -7.083  11.337  1.00 10.79 ? 30  LYS A CG  1 
ATOM   186  C  CD  . LYS A 1 30  ? 5.570   -6.498  12.487  1.00 13.05 ? 30  LYS A CD  1 
ATOM   187  C  CE  . LYS A 1 30  ? 7.055   -6.787  12.317  1.00 13.99 ? 30  LYS A CE  1 
ATOM   188  N  NZ  . LYS A 1 30  ? 7.839   -6.465  13.546  1.00 14.40 ? 30  LYS A NZ  1 
ATOM   189  N  N   . LYS A 1 31  ? 0.481   -6.541  13.040  1.00 8.79  ? 31  LYS A N   1 
ATOM   190  C  CA  . LYS A 1 31  ? -0.951  -6.287  12.874  1.00 8.21  ? 31  LYS A CA  1 
ATOM   191  C  C   . LYS A 1 31  ? -1.178  -5.485  11.595  1.00 7.48  ? 31  LYS A C   1 
ATOM   192  O  O   . LYS A 1 31  ? -0.706  -4.351  11.478  1.00 7.07  ? 31  LYS A O   1 
ATOM   193  C  CB  . LYS A 1 31  ? -1.514  -5.521  14.087  1.00 8.62  ? 31  LYS A CB  1 
ATOM   194  N  N   . VAL A 1 32  ? -1.901  -6.080  10.643  1.00 6.71  ? 32  VAL A N   1 
ATOM   195  C  CA  . VAL A 1 32  ? -2.103  -5.480  9.315   1.00 6.82  ? 32  VAL A CA  1 
ATOM   196  C  C   . VAL A 1 32  ? -3.582  -5.330  9.014   1.00 6.79  ? 32  VAL A C   1 
ATOM   197  O  O   . VAL A 1 32  ? -4.373  -6.229  9.292   1.00 6.17  ? 32  VAL A O   1 
ATOM   198  C  CB  . VAL A 1 32  ? -1.484  -6.358  8.175   1.00 6.29  ? 32  VAL A CB  1 
ATOM   199  C  CG1 . VAL A 1 32  ? -1.463  -5.584  6.856   1.00 6.08  ? 32  VAL A CG1 1 
ATOM   200  C  CG2 . VAL A 1 32  ? -0.091  -6.850  8.551   1.00 9.18  ? 32  VAL A CG2 1 
ATOM   201  N  N   . LEU A 1 33  ? -3.949  -4.189  8.433   1.00 7.50  ? 33  LEU A N   1 
ATOM   202  C  CA  . LEU A 1 33  ? -5.296  -4.001  7.923   1.00 7.19  ? 33  LEU A CA  1 
ATOM   203  C  C   . LEU A 1 33  ? -5.179  -3.875  6.425   1.00 7.50  ? 33  LEU A C   1 
ATOM   204  O  O   . LEU A 1 33  ? -4.415  -3.028  5.945   1.00 7.56  ? 33  LEU A O   1 
ATOM   205  C  CB  . LEU A 1 33  ? -5.925  -2.720  8.467   1.00 6.76  ? 33  LEU A CB  1 
ATOM   206  C  CG  . LEU A 1 33  ? -7.312  -2.335  7.928   1.00 7.70  ? 33  LEU A CG  1 
ATOM   207  C  CD1 . LEU A 1 33  ? -8.362  -3.318  8.427   1.00 7.48  ? 33  LEU A CD1 1 
ATOM   208  C  CD2 . LEU A 1 33  ? -7.673  -0.883  8.300   1.00 7.10  ? 33  LEU A CD2 1 
ATOM   209  N  N   . ALA A 1 34  ? -5.949  -4.684  5.711   1.00 7.83  ? 34  ALA A N   1 
ATOM   210  C  CA  . ALA A 1 34  ? -6.010  -4.594  4.254   1.00 8.55  ? 34  ALA A CA  1 
ATOM   211  C  C   . ALA A 1 34  ? -7.182  -3.692  3.870   1.00 8.16  ? 34  ALA A C   1 
ATOM   212  O  O   . ALA A 1 34  ? -8.264  -3.771  4.469   1.00 8.72  ? 34  ALA A O   1 
ATOM   213  C  CB  . ALA A 1 34  ? -6.166  -5.978  3.646   1.00 8.07  ? 34  ALA A CB  1 
ATOM   214  N  N   . VAL A 1 35  ? -6.964  -2.820  2.886   1.00 7.45  ? 35  VAL A N   1 
ATOM   215  C  CA  . VAL A 1 35  ? -7.989  -1.872  2.459   1.00 7.03  ? 35  VAL A CA  1 
ATOM   216  C  C   . VAL A 1 35  ? -8.138  -1.942  0.937   1.00 7.42  ? 35  VAL A C   1 
ATOM   217  O  O   . VAL A 1 35  ? -7.154  -1.873  0.214   1.00 7.79  ? 35  VAL A O   1 
ATOM   218  C  CB  . VAL A 1 35  ? -7.621  -0.412  2.865   1.00 7.23  ? 35  VAL A CB  1 
ATOM   219  C  CG1 . VAL A 1 35  ? -8.715  0.555   2.438   1.00 7.70  ? 35  VAL A CG1 1 
ATOM   220  C  CG2 . VAL A 1 35  ? -7.381  -0.303  4.369   1.00 7.35  ? 35  VAL A CG2 1 
ATOM   221  N  N   . ASP A 1 36  ? -9.373  -2.048  0.458   1.00 7.50  ? 36  ASP A N   1 
ATOM   222  C  CA  . ASP A 1 36  ? -9.643  -2.097  -0.985  1.00 8.61  ? 36  ASP A CA  1 
ATOM   223  C  C   . ASP A 1 36  ? -11.122 -1.798  -1.195  1.00 8.86  ? 36  ASP A C   1 
ATOM   224  O  O   . ASP A 1 36  ? -11.935 -2.058  -0.310  1.00 9.24  ? 36  ASP A O   1 
ATOM   225  C  CB  . ASP A 1 36  ? -9.315  -3.485  -1.547  1.00 9.03  ? 36  ASP A CB  1 
ATOM   226  C  CG  . ASP A 1 36  ? -9.101  -3.483  -3.077  1.00 9.66  ? 36  ASP A CG  1 
ATOM   227  O  OD1 . ASP A 1 36  ? -7.950  -3.310  -3.530  1.00 11.40 ? 36  ASP A OD1 1 
ATOM   228  O  OD2 . ASP A 1 36  ? -10.070 -3.698  -3.833  1.00 9.28  ? 36  ASP A OD2 1 
ATOM   229  N  N   . LYS A 1 37  ? -11.466 -1.263  -2.365  1.00 9.16  ? 37  LYS A N   1 
ATOM   230  C  CA  . LYS A 1 37  ? -12.860 -1.030  -2.723  1.00 9.03  ? 37  LYS A CA  1 
ATOM   231  C  C   . LYS A 1 37  ? -13.584 -2.331  -3.106  1.00 9.27  ? 37  LYS A C   1 
ATOM   232  O  O   . LYS A 1 37  ? -14.813 -2.360  -3.113  1.00 9.17  ? 37  LYS A O   1 
ATOM   233  C  CB  . LYS A 1 37  ? -12.976 0.013   -3.844  1.00 9.14  ? 37  LYS A CB  1 
ATOM   234  N  N   . SER A 1 38  ? -12.838 -3.401  -3.398  1.00 9.25  ? 38  SER A N   1 
ATOM   235  C  CA  . SER A 1 38  ? -13.449 -4.671  -3.836  1.00 9.70  ? 38  SER A CA  1 
ATOM   236  C  C   . SER A 1 38  ? -14.045 -5.517  -2.701  1.00 9.61  ? 38  SER A C   1 
ATOM   237  O  O   . SER A 1 38  ? -13.306 -6.099  -1.899  1.00 9.67  ? 38  SER A O   1 
ATOM   238  C  CB  . SER A 1 38  ? -12.440 -5.511  -4.634  1.00 9.45  ? 38  SER A CB  1 
ATOM   239  O  OG  . SER A 1 38  ? -12.893 -6.847  -4.819  1.00 11.49 ? 38  SER A OG  1 
ATOM   240  N  N   . LYS A 1 39  ? -15.378 -5.602  -2.671  1.00 10.62 ? 39  LYS A N   1 
ATOM   241  C  CA  . LYS A 1 39  ? -16.120 -6.495  -1.781  1.00 11.00 ? 39  LYS A CA  1 
ATOM   242  C  C   . LYS A 1 39  ? -15.563 -7.925  -1.840  1.00 11.15 ? 39  LYS A C   1 
ATOM   243  O  O   . LYS A 1 39  ? -15.291 -8.541  -0.808  1.00 11.23 ? 39  LYS A O   1 
ATOM   244  C  CB  . LYS A 1 39  ? -17.615 -6.453  -2.156  1.00 11.15 ? 39  LYS A CB  1 
ATOM   245  C  CG  . LYS A 1 39  ? -18.639 -7.031  -1.172  1.00 11.76 ? 39  LYS A CG  1 
ATOM   246  C  CD  . LYS A 1 39  ? -20.053 -6.758  -1.715  1.00 13.52 ? 39  LYS A CD  1 
ATOM   247  C  CE  . LYS A 1 39  ? -21.137 -6.636  -0.637  1.00 13.00 ? 39  LYS A CE  1 
ATOM   248  N  NZ  . LYS A 1 39  ? -21.670 -7.948  -0.160  1.00 12.81 ? 39  LYS A NZ  1 
ATOM   249  N  N   . GLU A 1 40  ? -15.364 -8.444  -3.051  1.00 11.46 ? 40  GLU A N   1 
ATOM   250  C  CA  . GLU A 1 40  ? -14.972 -9.841  -3.220  1.00 11.31 ? 40  GLU A CA  1 
ATOM   251  C  C   . GLU A 1 40  ? -13.573 -10.141 -2.672  1.00 10.80 ? 40  GLU A C   1 
ATOM   252  O  O   . GLU A 1 40  ? -13.370 -11.131 -1.959  1.00 10.05 ? 40  GLU A O   1 
ATOM   253  C  CB  . GLU A 1 40  ? -15.124 -10.264 -4.692  1.00 11.98 ? 40  GLU A CB  1 
ATOM   254  C  CG  . GLU A 1 40  ? -14.688 -11.693 -5.014  1.00 14.07 ? 40  GLU A CG  1 
ATOM   255  C  CD  . GLU A 1 40  ? -15.721 -12.764 -4.678  1.00 16.46 ? 40  GLU A CD  1 
ATOM   256  O  OE1 . GLU A 1 40  ? -15.813 -13.747 -5.444  1.00 16.62 ? 40  GLU A OE1 1 
ATOM   257  O  OE2 . GLU A 1 40  ? -16.426 -12.641 -3.646  1.00 18.62 ? 40  GLU A OE2 1 
ATOM   258  N  N   . LYS A 1 41  ? -12.609 -9.275  -2.990  1.00 10.01 ? 41  LYS A N   1 
ATOM   259  C  CA  . LYS A 1 41  ? -11.252 -9.485  -2.534  1.00 10.08 ? 41  LYS A CA  1 
ATOM   260  C  C   . LYS A 1 41  ? -11.140 -9.324  -1.021  1.00 10.13 ? 41  LYS A C   1 
ATOM   261  O  O   . LYS A 1 41  ? -10.384 -10.056 -0.377  1.00 10.07 ? 41  LYS A O   1 
ATOM   262  C  CB  . LYS A 1 41  ? -10.291 -8.536  -3.254  1.00 10.09 ? 41  LYS A CB  1 
ATOM   263  C  CG  . LYS A 1 41  ? -10.027 -8.901  -4.697  1.00 9.93  ? 41  LYS A CG  1 
ATOM   264  C  CD  . LYS A 1 41  ? -9.073  -7.880  -5.346  1.00 11.01 ? 41  LYS A CD  1 
ATOM   265  C  CE  . LYS A 1 41  ? -8.873  -8.118  -6.847  1.00 15.13 ? 41  LYS A CE  1 
ATOM   266  N  NZ  . LYS A 1 41  ? -10.126 -7.966  -7.629  1.00 16.64 ? 41  LYS A NZ  1 
ATOM   267  N  N   . ILE A 1 42  ? -11.867 -8.353  -0.470  1.00 10.22 ? 42  ILE A N   1 
ATOM   268  C  CA  . ILE A 1 42  ? -11.817 -8.079  0.974   1.00 10.47 ? 42  ILE A CA  1 
ATOM   269  C  C   . ILE A 1 42  ? -12.482 -9.220  1.739   1.00 10.41 ? 42  ILE A C   1 
ATOM   270  O  O   . ILE A 1 42  ? -11.916 -9.767  2.691   1.00 10.45 ? 42  ILE A O   1 
ATOM   271  C  CB  . ILE A 1 42  ? -12.434 -6.696  1.331   1.00 10.22 ? 42  ILE A CB  1 
ATOM   272  C  CG1 . ILE A 1 42  ? -11.481 -5.549  0.936   1.00 9.35  ? 42  ILE A CG1 1 
ATOM   273  C  CG2 . ILE A 1 42  ? -12.790 -6.610  2.836   1.00 11.13 ? 42  ILE A CG2 1 
ATOM   274  C  CD1 . ILE A 1 42  ? -10.034 -5.654  1.516   1.00 7.81  ? 42  ILE A CD1 1 
ATOM   275  N  N   . GLU A 1 43  ? -13.659 -9.617  1.282   1.00 11.37 ? 43  GLU A N   1 
ATOM   276  C  CA  . GLU A 1 43  ? -14.351 -10.769 1.879   1.00 11.78 ? 43  GLU A CA  1 
ATOM   277  C  C   . GLU A 1 43  ? -13.521 -12.069 1.873   1.00 11.04 ? 43  GLU A C   1 
ATOM   278  O  O   . GLU A 1 43  ? -13.569 -12.829 2.848   1.00 11.67 ? 43  GLU A O   1 
ATOM   279  C  CB  . GLU A 1 43  ? -15.748 -10.964 1.274   1.00 12.77 ? 43  GLU A CB  1 
ATOM   280  C  CG  . GLU A 1 43  ? -16.770 -9.900  1.747   1.00 14.60 ? 43  GLU A CG  1 
ATOM   281  C  CD  . GLU A 1 43  ? -18.167 -10.056 1.136   1.00 16.78 ? 43  GLU A CD  1 
ATOM   282  O  OE1 . GLU A 1 43  ? -18.429 -11.059 0.434   1.00 19.12 ? 43  GLU A OE1 1 
ATOM   283  O  OE2 . GLU A 1 43  ? -19.017 -9.165  1.364   1.00 17.35 ? 43  GLU A OE2 1 
ATOM   284  N  N   . LEU A 1 44  ? -12.753 -12.360 0.813   1.00 10.29 ? 44  LEU A N   1 
ATOM   285  C  CA  . LEU A 1 44  ? -11.851 -13.522 0.862   1.00 9.45  ? 44  LEU A CA  1 
ATOM   286  C  C   . LEU A 1 44  ? -10.764 -13.358 1.833   1.00 8.59  ? 44  LEU A C   1 
ATOM   287  O  O   . LEU A 1 44  ? -10.402 -14.256 2.484   1.00 8.84  ? 44  LEU A O   1 
ATOM   288  C  CB  . LEU A 1 44  ? -11.200 -13.865 -0.468  1.00 10.11 ? 44  LEU A CB  1 
ATOM   289  N  N   . LEU A 1 45  ? -10.186 -12.177 1.930   1.00 8.46  ? 45  LEU A N   1 
ATOM   290  C  CA  . LEU A 1 45  ? -9.172  -11.970 2.951   1.00 8.26  ? 45  LEU A CA  1 
ATOM   291  C  C   . LEU A 1 45  ? -9.774  -12.213 4.351   1.00 7.58  ? 45  LEU A C   1 
ATOM   292  O  O   . LEU A 1 45  ? -9.140  -12.843 5.206   1.00 6.97  ? 45  LEU A O   1 
ATOM   293  C  CB  . LEU A 1 45  ? -8.564  -10.562 2.827   1.00 7.80  ? 45  LEU A CB  1 
ATOM   294  C  CG  . LEU A 1 45  ? -7.647  -10.313 1.621   1.00 8.77  ? 45  LEU A CG  1 
ATOM   295  C  CD1 . LEU A 1 45  ? -7.351  -8.827  1.517   1.00 7.53  ? 45  LEU A CD1 1 
ATOM   296  C  CD2 . LEU A 1 45  ? -6.358  -11.111 1.757   1.00 8.07  ? 45  LEU A CD2 1 
ATOM   297  N  N   . GLU A 1 46  ? -10.980 -11.706 4.582   1.00 8.70  ? 46  GLU A N   1 
ATOM   298  C  CA  . GLU A 1 46  ? -11.643 -11.894 5.879   1.00 8.52  ? 46  GLU A CA  1 
ATOM   299  C  C   . GLU A 1 46  ? -11.925 -13.385 6.169   1.00 8.70  ? 46  GLU A C   1 
ATOM   300  O  O   . GLU A 1 46  ? -11.753 -13.867 7.301   1.00 8.77  ? 46  GLU A O   1 
ATOM   301  C  CB  . GLU A 1 46  ? -12.924 -11.064 5.949   1.00 9.46  ? 46  GLU A CB  1 
ATOM   302  C  CG  . GLU A 1 46  ? -12.664 -9.566  5.984   1.00 10.07 ? 46  GLU A CG  1 
ATOM   303  C  CD  . GLU A 1 46  ? -13.941 -8.776  6.206   1.00 13.41 ? 46  GLU A CD  1 
ATOM   304  O  OE1 . GLU A 1 46  ? -14.784 -8.716  5.282   1.00 14.76 ? 46  GLU A OE1 1 
ATOM   305  O  OE2 . GLU A 1 46  ? -14.094 -8.217  7.305   1.00 14.04 ? 46  GLU A OE2 1 
ATOM   306  N  N   . ASP A 1 47  ? -12.363 -14.092 5.137   1.00 8.50  ? 47  ASP A N   1 
ATOM   307  C  CA  . ASP A 1 47  ? -12.476 -15.554 5.142   1.00 9.40  ? 47  ASP A CA  1 
ATOM   308  C  C   . ASP A 1 47  ? -11.182 -16.285 5.520   1.00 8.99  ? 47  ASP A C   1 
ATOM   309  O  O   . ASP A 1 47  ? -11.224 -17.366 6.097   1.00 9.17  ? 47  ASP A O   1 
ATOM   310  C  CB  . ASP A 1 47  ? -12.978 -16.039 3.780   1.00 9.70  ? 47  ASP A CB  1 
ATOM   311  C  CG  . ASP A 1 47  ? -14.437 -15.662 3.525   1.00 12.61 ? 47  ASP A CG  1 
ATOM   312  O  OD1 . ASP A 1 47  ? -15.097 -15.123 4.441   1.00 15.01 ? 47  ASP A OD1 1 
ATOM   313  O  OD2 . ASP A 1 47  ? -14.934 -15.911 2.405   1.00 15.29 ? 47  ASP A OD2 1 
ATOM   314  N  N   . GLU A 1 48  ? -10.028 -15.711 5.180   1.00 8.35  ? 48  GLU A N   1 
ATOM   315  C  CA  . GLU A 1 48  ? -8.786  -16.365 5.519   1.00 8.79  ? 48  GLU A CA  1 
ATOM   316  C  C   . GLU A 1 48  ? -8.289  -15.985 6.895   1.00 9.87  ? 48  GLU A C   1 
ATOM   317  O  O   . GLU A 1 48  ? -7.255  -16.495 7.350   1.00 10.85 ? 48  GLU A O   1 
ATOM   318  C  CB  . GLU A 1 48  ? -7.714  -16.007 4.487   1.00 9.12  ? 48  GLU A CB  1 
ATOM   319  C  CG  . GLU A 1 48  ? -8.133  -16.388 3.101   1.00 10.40 ? 48  GLU A CG  1 
ATOM   320  C  CD  . GLU A 1 48  ? -7.055  -16.165 2.091   1.00 13.28 ? 48  GLU A CD  1 
ATOM   321  O  OE1 . GLU A 1 48  ? -6.189  -15.301 2.324   1.00 14.41 ? 48  GLU A OE1 1 
ATOM   322  O  OE2 . GLU A 1 48  ? -7.096  -16.857 1.060   1.00 16.12 ? 48  GLU A OE2 1 
ATOM   323  N  N   . GLY A 1 49  ? -8.989  -15.059 7.546   1.00 8.76  ? 49  GLY A N   1 
ATOM   324  C  CA  . GLY A 1 49  ? -8.628  -14.681 8.901   1.00 9.02  ? 49  GLY A CA  1 
ATOM   325  C  C   . GLY A 1 49  ? -7.775  -13.441 8.960   1.00 8.73  ? 49  GLY A C   1 
ATOM   326  O  O   . GLY A 1 49  ? -7.195  -13.126 10.002  1.00 9.18  ? 49  GLY A O   1 
ATOM   327  N  N   . PHE A 1 50  ? -7.696  -12.733 7.843   1.00 8.60  ? 50  PHE A N   1 
ATOM   328  C  CA  . PHE A 1 50  ? -7.036  -11.431 7.838   1.00 8.04  ? 50  PHE A CA  1 
ATOM   329  C  C   . PHE A 1 50  ? -8.018  -10.327 8.234   1.00 8.00  ? 50  PHE A C   1 
ATOM   330  O  O   . PHE A 1 50  ? -9.242  -10.503 8.119   1.00 8.90  ? 50  PHE A O   1 
ATOM   331  C  CB  . PHE A 1 50  ? -6.361  -11.146 6.484   1.00 8.49  ? 50  PHE A CB  1 
ATOM   332  C  CG  . PHE A 1 50  ? -5.239  -12.101 6.164   1.00 6.40  ? 50  PHE A CG  1 
ATOM   333  C  CD1 . PHE A 1 50  ? -4.063  -12.083 6.912   1.00 7.77  ? 50  PHE A CD1 1 
ATOM   334  C  CD2 . PHE A 1 50  ? -5.368  -13.025 5.142   1.00 8.51  ? 50  PHE A CD2 1 
ATOM   335  C  CE1 . PHE A 1 50  ? -3.005  -12.957 6.616   1.00 8.38  ? 50  PHE A CE1 1 
ATOM   336  C  CE2 . PHE A 1 50  ? -4.331  -13.915 4.845   1.00 4.00  ? 50  PHE A CE2 1 
ATOM   337  C  CZ  . PHE A 1 50  ? -3.151  -13.880 5.587   1.00 8.31  ? 50  PHE A CZ  1 
ATOM   338  N  N   . ASP A 1 51  ? -7.477  -9.233  8.765   1.00 7.37  ? 51  ASP A N   1 
ATOM   339  C  CA  . ASP A 1 51  ? -8.259  -8.028  9.051   1.00 6.97  ? 51  ASP A CA  1 
ATOM   340  C  C   . ASP A 1 51  ? -8.329  -7.209  7.771   1.00 6.74  ? 51  ASP A C   1 
ATOM   341  O  O   . ASP A 1 51  ? -7.297  -6.797  7.238   1.00 5.66  ? 51  ASP A O   1 
ATOM   342  C  CB  . ASP A 1 51  ? -7.599  -7.206  10.152  1.00 7.38  ? 51  ASP A CB  1 
ATOM   343  C  CG  . ASP A 1 51  ? -7.534  -7.944  11.473  1.00 10.20 ? 51  ASP A CG  1 
ATOM   344  O  OD1 . ASP A 1 51  ? -8.579  -8.475  11.916  1.00 11.06 ? 51  ASP A OD1 1 
ATOM   345  O  OD2 . ASP A 1 51  ? -6.436  -7.983  12.067  1.00 12.78 ? 51  ASP A OD2 1 
ATOM   346  N  N   . ALA A 1 52  ? -9.538  -7.007  7.261   1.00 6.24  ? 52  ALA A N   1 
ATOM   347  C  CA  . ALA A 1 52  ? -9.714  -6.349  5.973   1.00 6.34  ? 52  ALA A CA  1 
ATOM   348  C  C   . ALA A 1 52  ? -10.991 -5.550  5.988   1.00 5.99  ? 52  ALA A C   1 
ATOM   349  O  O   . ALA A 1 52  ? -11.975 -5.953  6.617   1.00 5.79  ? 52  ALA A O   1 
ATOM   350  C  CB  . ALA A 1 52  ? -9.737  -7.390  4.835   1.00 7.13  ? 52  ALA A CB  1 
ATOM   351  N  N   . VAL A 1 53  ? -10.976 -4.407  5.306   1.00 4.85  ? 53  VAL A N   1 
ATOM   352  C  CA  . VAL A 1 53  ? -12.154 -3.558  5.233   1.00 4.51  ? 53  VAL A CA  1 
ATOM   353  C  C   . VAL A 1 53  ? -12.402 -3.025  3.812   1.00 4.74  ? 53  VAL A C   1 
ATOM   354  O  O   . VAL A 1 53  ? -11.450 -2.692  3.084   1.00 5.61  ? 53  VAL A O   1 
ATOM   355  C  CB  . VAL A 1 53  ? -12.054 -2.405  6.294   1.00 3.80  ? 53  VAL A CB  1 
ATOM   356  C  CG1 . VAL A 1 53  ? -10.801 -1.527  6.062   1.00 3.53  ? 53  VAL A CG1 1 
ATOM   357  C  CG2 . VAL A 1 53  ? -13.327 -1.568  6.340   1.00 5.32  ? 53  VAL A CG2 1 
ATOM   358  N  N   . ILE A 1 54  ? -13.671 -2.967  3.430   1.00 4.91  ? 54  ILE A N   1 
ATOM   359  C  CA  . ILE A 1 54  ? -14.120 -2.367  2.180   1.00 5.30  ? 54  ILE A CA  1 
ATOM   360  C  C   . ILE A 1 54  ? -14.160 -0.869  2.394   1.00 5.14  ? 54  ILE A C   1 
ATOM   361  O  O   . ILE A 1 54  ? -14.886 -0.381  3.254   1.00 4.80  ? 54  ILE A O   1 
ATOM   362  C  CB  . ILE A 1 54  ? -15.534 -2.858  1.775   1.00 5.88  ? 54  ILE A CB  1 
ATOM   363  C  CG1 . ILE A 1 54  ? -15.554 -4.364  1.456   1.00 5.60  ? 54  ILE A CG1 1 
ATOM   364  C  CG2 . ILE A 1 54  ? -16.119 -2.025  0.601   1.00 7.39  ? 54  ILE A CG2 1 
ATOM   365  C  CD1 . ILE A 1 54  ? -16.932 -5.010  1.648   1.00 5.94  ? 54  ILE A CD1 1 
ATOM   366  N  N   . ALA A 1 55  ? -13.365 -0.133  1.626   1.00 4.34  ? 55  ALA A N   1 
ATOM   367  C  CA  . ALA A 1 55  ? -13.344 1.314   1.721   1.00 4.64  ? 55  ALA A CA  1 
ATOM   368  C  C   . ALA A 1 55  ? -12.808 1.899   0.422   1.00 5.20  ? 55  ALA A C   1 
ATOM   369  O  O   . ALA A 1 55  ? -12.069 1.234   -0.306  1.00 4.63  ? 55  ALA A O   1 
ATOM   370  C  CB  . ALA A 1 55  ? -12.456 1.749   2.873   1.00 4.73  ? 55  ALA A CB  1 
ATOM   371  N  N   . ASP A 1 56  ? -13.214 3.131   0.135   1.00 5.75  ? 56  ASP A N   1 
ATOM   372  C  CA  . ASP A 1 56  ? -12.645 3.888   -0.969  1.00 6.39  ? 56  ASP A CA  1 
ATOM   373  C  C   . ASP A 1 56  ? -11.410 4.614   -0.443  1.00 5.43  ? 56  ASP A C   1 
ATOM   374  O  O   . ASP A 1 56  ? -11.556 5.529   0.357   1.00 6.17  ? 56  ASP A O   1 
ATOM   375  C  CB  . ASP A 1 56  ? -13.683 4.880   -1.491  1.00 7.53  ? 56  ASP A CB  1 
ATOM   376  C  CG  . ASP A 1 56  ? -13.161 5.738   -2.651  1.00 9.94  ? 56  ASP A CG  1 
ATOM   377  O  OD1 . ASP A 1 56  ? -11.948 5.734   -2.944  1.00 10.81 ? 56  ASP A OD1 1 
ATOM   378  O  OD2 . ASP A 1 56  ? -13.996 6.427   -3.279  1.00 15.19 ? 56  ASP A OD2 1 
ATOM   379  N  N   . PRO A 1 57  ? -10.183 4.218   -0.884  1.00 4.23  ? 57  PRO A N   1 
ATOM   380  C  CA  . PRO A 1 57  ? -8.969  4.799   -0.315  1.00 3.31  ? 57  PRO A CA  1 
ATOM   381  C  C   . PRO A 1 57  ? -8.659  6.231   -0.785  1.00 2.80  ? 57  PRO A C   1 
ATOM   382  O  O   . PRO A 1 57  ? -7.607  6.790   -0.455  1.00 3.50  ? 57  PRO A O   1 
ATOM   383  C  CB  . PRO A 1 57  ? -7.866  3.808   -0.731  1.00 4.16  ? 57  PRO A CB  1 
ATOM   384  C  CG  . PRO A 1 57  ? -8.348  3.260   -2.034  1.00 2.95  ? 57  PRO A CG  1 
ATOM   385  C  CD  . PRO A 1 57  ? -9.872  3.170   -1.884  1.00 4.10  ? 57  PRO A CD  1 
ATOM   386  N  N   . THR A 1 58  ? -9.583  6.824   -1.541  1.00 3.57  ? 58  THR A N   1 
ATOM   387  C  CA  . THR A 1 58  ? -9.498  8.259   -1.812  1.00 4.07  ? 58  THR A CA  1 
ATOM   388  C  C   . THR A 1 58  ? -10.463 9.043   -0.900  1.00 4.72  ? 58  THR A C   1 
ATOM   389  O  O   . THR A 1 58  ? -10.545 10.259  -0.959  1.00 5.73  ? 58  THR A O   1 
ATOM   390  C  CB  . THR A 1 58  ? -9.712  8.588   -3.317  1.00 4.59  ? 58  THR A CB  1 
ATOM   391  O  OG1 . THR A 1 58  ? -11.086 8.411   -3.662  1.00 4.66  ? 58  THR A OG1 1 
ATOM   392  C  CG2 . THR A 1 58  ? -8.867  7.710   -4.192  1.00 4.93  ? 58  THR A CG2 1 
ATOM   393  N  N   . ASP A 1 59  ? -11.132 8.337   -0.001  1.00 4.31  ? 59  ASP A N   1 
ATOM   394  C  CA  . ASP A 1 59  ? -12.091 8.933   0.919   1.00 4.78  ? 59  ASP A CA  1 
ATOM   395  C  C   . ASP A 1 59  ? -11.357 9.423   2.176   1.00 5.55  ? 59  ASP A C   1 
ATOM   396  O  O   . ASP A 1 59  ? -10.933 8.628   2.989   1.00 4.72  ? 59  ASP A O   1 
ATOM   397  C  CB  . ASP A 1 59  ? -13.200 7.879   1.195   1.00 4.56  ? 59  ASP A CB  1 
ATOM   398  C  CG  . ASP A 1 59  ? -14.190 8.268   2.295   1.00 3.71  ? 59  ASP A CG  1 
ATOM   399  O  OD1 . ASP A 1 59  ? -14.184 9.419   2.791   1.00 3.52  ? 59  ASP A OD1 1 
ATOM   400  O  OD2 . ASP A 1 59  ? -15.019 7.391   2.649   1.00 5.28  ? 59  ASP A OD2 1 
ATOM   401  N  N   . GLU A 1 60  ? -11.190 10.740  2.302   1.00 7.49  ? 60  GLU A N   1 
ATOM   402  C  CA  . GLU A 1 60  ? -10.528 11.318  3.474   1.00 8.98  ? 60  GLU A CA  1 
ATOM   403  C  C   . GLU A 1 60  ? -11.199 10.934  4.795   1.00 8.87  ? 60  GLU A C   1 
ATOM   404  O  O   . GLU A 1 60  ? -10.523 10.768  5.812   1.00 10.77 ? 60  GLU A O   1 
ATOM   405  C  CB  . GLU A 1 60  ? -10.457 12.843  3.357   1.00 8.92  ? 60  GLU A CB  1 
ATOM   406  C  CG  . GLU A 1 60  ? -9.468  13.312  2.320   1.00 10.45 ? 60  GLU A CG  1 
ATOM   407  C  CD  . GLU A 1 60  ? -9.397  14.826  2.214   1.00 12.92 ? 60  GLU A CD  1 
ATOM   408  O  OE1 . GLU A 1 60  ? -9.539  15.525  3.242   1.00 15.14 ? 60  GLU A OE1 1 
ATOM   409  O  OE2 . GLU A 1 60  ? -9.144  15.321  1.095   1.00 15.10 ? 60  GLU A OE2 1 
ATOM   410  N  N   . SER A 1 61  ? -12.527 10.792  4.801   1.00 9.25  ? 61  SER A N   1 
ATOM   411  C  CA  . SER A 1 61  ? -13.215 10.406  6.030   1.00 9.75  ? 61  SER A CA  1 
ATOM   412  C  C   . SER A 1 61  ? -12.832 9.000   6.485   1.00 10.50 ? 61  SER A C   1 
ATOM   413  O  O   . SER A 1 61  ? -12.855 8.715   7.688   1.00 12.52 ? 61  SER A O   1 
ATOM   414  C  CB  . SER A 1 61  ? -14.732 10.497  5.876   1.00 8.16  ? 61  SER A CB  1 
ATOM   415  O  OG  . SER A 1 61  ? -15.131 11.830  5.614   1.00 7.39  ? 61  SER A OG  1 
ATOM   416  N  N   . PHE A 1 62  ? -12.491 8.124   5.535   1.00 11.23 ? 62  PHE A N   1 
ATOM   417  C  CA  . PHE A 1 62  ? -11.982 6.811   5.920   1.00 11.57 ? 62  PHE A CA  1 
ATOM   418  C  C   . PHE A 1 62  ? -10.714 6.945   6.761   1.00 11.42 ? 62  PHE A C   1 
ATOM   419  O  O   . PHE A 1 62  ? -10.599 6.343   7.839   1.00 11.74 ? 62  PHE A O   1 
ATOM   420  C  CB  . PHE A 1 62  ? -11.715 5.913   4.698   1.00 11.24 ? 62  PHE A CB  1 
ATOM   421  C  CG  . PHE A 1 62  ? -11.044 4.629   5.067   1.00 12.12 ? 62  PHE A CG  1 
ATOM   422  C  CD1 . PHE A 1 62  ? -11.729 3.616   5.765   1.00 11.25 ? 62  PHE A CD1 1 
ATOM   423  C  CD2 . PHE A 1 62  ? -9.717  4.441   4.768   1.00 11.14 ? 62  PHE A CD2 1 
ATOM   424  C  CE1 . PHE A 1 62  ? -11.069 2.445   6.125   1.00 10.54 ? 62  PHE A CE1 1 
ATOM   425  C  CE2 . PHE A 1 62  ? -9.078  3.264   5.111   1.00 12.58 ? 62  PHE A CE2 1 
ATOM   426  C  CZ  . PHE A 1 62  ? -9.753  2.272   5.805   1.00 12.51 ? 62  PHE A CZ  1 
ATOM   427  N  N   . TYR A 1 63  ? -9.778  7.768   6.292   1.00 11.48 ? 63  TYR A N   1 
ATOM   428  C  CA  . TYR A 1 63  ? -8.529  7.980   7.036   1.00 10.60 ? 63  TYR A CA  1 
ATOM   429  C  C   . TYR A 1 63  ? -8.750  8.627   8.380   1.00 10.92 ? 63  TYR A C   1 
ATOM   430  O  O   . TYR A 1 63  ? -8.077  8.289   9.354   1.00 11.56 ? 63  TYR A O   1 
ATOM   431  C  CB  . TYR A 1 63  ? -7.492  8.752   6.205   1.00 10.99 ? 63  TYR A CB  1 
ATOM   432  C  CG  . TYR A 1 63  ? -7.123  7.961   4.989   1.00 10.68 ? 63  TYR A CG  1 
ATOM   433  C  CD1 . TYR A 1 63  ? -6.557  6.676   5.108   1.00 9.88  ? 63  TYR A CD1 1 
ATOM   434  C  CD2 . TYR A 1 63  ? -7.364  8.459   3.722   1.00 10.84 ? 63  TYR A CD2 1 
ATOM   435  C  CE1 . TYR A 1 63  ? -6.253  5.925   3.975   1.00 11.59 ? 63  TYR A CE1 1 
ATOM   436  C  CE2 . TYR A 1 63  ? -7.050  7.721   2.590   1.00 11.97 ? 63  TYR A CE2 1 
ATOM   437  C  CZ  . TYR A 1 63  ? -6.504  6.458   2.721   1.00 10.63 ? 63  TYR A CZ  1 
ATOM   438  O  OH  . TYR A 1 63  ? -6.245  5.741   1.572   1.00 9.72  ? 63  TYR A OH  1 
ATOM   439  N  N   . ARG A 1 64  ? -9.751  9.496   8.447   1.00 11.41 ? 64  ARG A N   1 
ATOM   440  C  CA  . ARG A 1 64  ? -10.130 10.137  9.706   1.00 11.53 ? 64  ARG A CA  1 
ATOM   441  C  C   . ARG A 1 64  ? -10.759 9.167   10.720  1.00 11.35 ? 64  ARG A C   1 
ATOM   442  O  O   . ARG A 1 64  ? -10.737 9.446   11.932  1.00 12.74 ? 64  ARG A O   1 
ATOM   443  C  CB  . ARG A 1 64  ? -11.060 11.331  9.441   1.00 11.39 ? 64  ARG A CB  1 
ATOM   444  C  CG  . ARG A 1 64  ? -10.379 12.436  8.662   1.00 13.65 ? 64  ARG A CG  1 
ATOM   445  C  CD  . ARG A 1 64  ? -11.187 13.726  8.653   1.00 11.27 ? 64  ARG A CD  1 
ATOM   446  N  NE  . ARG A 1 64  ? -10.492 14.758  7.880   1.00 15.42 ? 64  ARG A NE  1 
ATOM   447  C  CZ  . ARG A 1 64  ? -9.480  15.500  8.310   1.00 17.86 ? 64  ARG A CZ  1 
ATOM   448  N  NH1 . ARG A 1 64  ? -9.005  15.384  9.550   1.00 19.37 ? 64  ARG A NH1 1 
ATOM   449  N  NH2 . ARG A 1 64  ? -8.944  16.389  7.488   1.00 20.31 ? 64  ARG A NH2 1 
ATOM   450  N  N   . SER A 1 65  ? -11.290 8.039   10.242  1.00 9.36  ? 65  SER A N   1 
ATOM   451  C  CA  . SER A 1 65  ? -11.862 7.024   11.124  1.00 9.23  ? 65  SER A CA  1 
ATOM   452  C  C   . SER A 1 65  ? -10.810 6.083   11.726  1.00 8.65  ? 65  SER A C   1 
ATOM   453  O  O   . SER A 1 65  ? -11.099 5.372   12.682  1.00 8.85  ? 65  SER A O   1 
ATOM   454  C  CB  . SER A 1 65  ? -12.954 6.226   10.396  1.00 9.12  ? 65  SER A CB  1 
ATOM   455  O  OG  . SER A 1 65  ? -12.406 5.317   9.455   1.00 7.76  ? 65  SER A OG  1 
ATOM   456  N  N   . LEU A 1 66  ? -9.597  6.094   11.173  1.00 8.52  ? 66  LEU A N   1 
ATOM   457  C  CA  . LEU A 1 66  ? -8.515  5.221   11.664  1.00 8.63  ? 66  LEU A CA  1 
ATOM   458  C  C   . LEU A 1 66  ? -7.636  5.920   12.692  1.00 8.96  ? 66  LEU A C   1 
ATOM   459  O  O   . LEU A 1 66  ? -7.500  7.149   12.676  1.00 9.19  ? 66  LEU A O   1 
ATOM   460  C  CB  . LEU A 1 66  ? -7.643  4.745   10.503  1.00 8.25  ? 66  LEU A CB  1 
ATOM   461  C  CG  . LEU A 1 66  ? -8.272  3.911   9.383   1.00 7.11  ? 66  LEU A CG  1 
ATOM   462  C  CD1 . LEU A 1 66  ? -7.270  3.777   8.243   1.00 5.10  ? 66  LEU A CD1 1 
ATOM   463  C  CD2 . LEU A 1 66  ? -8.713  2.534   9.888   1.00 7.61  ? 66  LEU A CD2 1 
ATOM   464  N  N   . ASP A 1 67  ? -7.046  5.138   13.592  1.00 9.32  ? 67  ASP A N   1 
ATOM   465  C  CA  . ASP A 1 67  ? -6.052  5.674   14.509  1.00 9.76  ? 67  ASP A CA  1 
ATOM   466  C  C   . ASP A 1 67  ? -4.705  5.475   13.838  1.00 9.47  ? 67  ASP A C   1 
ATOM   467  O  O   . ASP A 1 67  ? -4.130  4.392   13.887  1.00 9.79  ? 67  ASP A O   1 
ATOM   468  C  CB  . ASP A 1 67  ? -6.108  4.954   15.857  1.00 9.95  ? 67  ASP A CB  1 
ATOM   469  C  CG  . ASP A 1 67  ? -5.151  5.553   16.885  1.00 11.25 ? 67  ASP A CG  1 
ATOM   470  O  OD1 . ASP A 1 67  ? -5.454  5.493   18.103  1.00 12.68 ? 67  ASP A OD1 1 
ATOM   471  O  OD2 . ASP A 1 67  ? -4.091  6.079   16.481  1.00 13.14 ? 67  ASP A OD2 1 
ATOM   472  N  N   . LEU A 1 68  ? -4.192  6.507   13.220  1.00 9.57  ? 68  LEU A N   1 
ATOM   473  C  CA  . LEU A 1 68  ? -3.007  6.398   12.426  1.00 9.47  ? 68  LEU A CA  1 
ATOM   474  C  C   . LEU A 1 68  ? -1.733  6.810   13.128  1.00 9.91  ? 68  LEU A C   1 
ATOM   475  O  O   . LEU A 1 68  ? -0.667  6.744   12.554  1.00 10.03 ? 68  LEU A O   1 
ATOM   476  C  CB  . LEU A 1 68  ? -3.153  7.246   11.187  1.00 9.06  ? 68  LEU A CB  1 
ATOM   477  C  CG  . LEU A 1 68  ? -4.178  6.877   10.150  1.00 8.23  ? 68  LEU A CG  1 
ATOM   478  C  CD1 . LEU A 1 68  ? -4.309  8.018   9.235   1.00 6.04  ? 68  LEU A CD1 1 
ATOM   479  C  CD2 . LEU A 1 68  ? -3.788  5.660   9.418   1.00 7.90  ? 68  LEU A CD2 1 
ATOM   480  N  N   . GLU A 1 69  ? -1.818  7.316   14.343  1.00 10.71 ? 69  GLU A N   1 
ATOM   481  C  CA  . GLU A 1 69  ? -0.612  7.892   14.923  1.00 10.88 ? 69  GLU A CA  1 
ATOM   482  C  C   . GLU A 1 69  ? 0.403   6.828   15.343  1.00 10.97 ? 69  GLU A C   1 
ATOM   483  O  O   . GLU A 1 69  ? 1.576   7.111   15.314  1.00 11.64 ? 69  GLU A O   1 
ATOM   484  C  CB  . GLU A 1 69  ? -0.906  8.914   16.041  1.00 10.85 ? 69  GLU A CB  1 
ATOM   485  N  N   . GLY A 1 70  ? -0.068  5.637   15.688  1.00 10.53 ? 70  GLY A N   1 
ATOM   486  C  CA  . GLY A 1 70  ? 0.772   4.490   15.949  1.00 10.03 ? 70  GLY A CA  1 
ATOM   487  C  C   . GLY A 1 70  ? 1.146   3.551   14.791  1.00 9.92  ? 70  GLY A C   1 
ATOM   488  O  O   . GLY A 1 70  ? 1.896   2.628   14.969  1.00 9.69  ? 70  GLY A O   1 
ATOM   489  N  N   . VAL A 1 71  ? 0.615   3.810   13.609  1.00 9.06  ? 71  VAL A N   1 
ATOM   490  C  CA  . VAL A 1 71  ? 0.976   3.076   12.399  1.00 8.44  ? 71  VAL A CA  1 
ATOM   491  C  C   . VAL A 1 71  ? 2.434   3.279   11.969  1.00 8.74  ? 71  VAL A C   1 
ATOM   492  O  O   . VAL A 1 71  ? 2.915   4.352   11.996  1.00 8.18  ? 71  VAL A O   1 
ATOM   493  C  CB  . VAL A 1 71  ? 0.048   3.473   11.261  1.00 8.28  ? 71  VAL A CB  1 
ATOM   494  C  CG1 . VAL A 1 71  ? 0.503   2.896   9.964   1.00 7.19  ? 71  VAL A CG1 1 
ATOM   495  C  CG2 . VAL A 1 71  ? -1.306  3.029   11.515  1.00 8.61  ? 71  VAL A CG2 1 
ATOM   496  N  N   . SER A 1 72  ? 3.110   2.223   11.551  1.00 8.89  ? 72  SER A N   1 
ATOM   497  C  CA  . SER A 1 72  ? 4.494   2.310   11.070  1.00 10.61 ? 72  SER A CA  1 
ATOM   498  C  C   . SER A 1 72  ? 4.566   2.759   9.624   1.00 10.93 ? 72  SER A C   1 
ATOM   499  O  O   . SER A 1 72  ? 5.378   3.631   9.271   1.00 10.98 ? 72  SER A O   1 
ATOM   500  C  CB  . SER A 1 72  ? 5.238   0.981   11.241  1.00 10.73 ? 72  SER A CB  1 
ATOM   501  O  OG  . SER A 1 72  ? 5.255   0.611   12.601  1.00 13.14 ? 72  SER A OG  1 
ATOM   502  N  N   . ALA A 1 73  ? 3.721   2.165   8.781   1.00 10.85 ? 73  ALA A N   1 
ATOM   503  C  CA  . ALA A 1 73  ? 3.641   2.586   7.398   1.00 11.08 ? 73  ALA A CA  1 
ATOM   504  C  C   . ALA A 1 73  ? 2.310   2.230   6.765   1.00 10.60 ? 73  ALA A C   1 
ATOM   505  O  O   . ALA A 1 73  ? 1.673   1.218   7.118   1.00 11.78 ? 73  ALA A O   1 
ATOM   506  C  CB  . ALA A 1 73  ? 4.825   2.009   6.558   1.00 11.70 ? 73  ALA A CB  1 
ATOM   507  N  N   . VAL A 1 74  ? 1.895   3.087   5.825   1.00 10.01 ? 74  VAL A N   1 
ATOM   508  C  CA  . VAL A 1 74  ? 0.798   2.808   4.940   1.00 9.59  ? 74  VAL A CA  1 
ATOM   509  C  C   . VAL A 1 74  ? 1.427   2.399   3.614   1.00 10.24 ? 74  VAL A C   1 
ATOM   510  O  O   . VAL A 1 74  ? 2.270   3.122   3.083   1.00 10.56 ? 74  VAL A O   1 
ATOM   511  C  CB  . VAL A 1 74  ? -0.089  4.055   4.760   1.00 9.08  ? 74  VAL A CB  1 
ATOM   512  C  CG1 . VAL A 1 74  ? -1.149  3.830   3.651   1.00 11.17 ? 74  VAL A CG1 1 
ATOM   513  C  CG2 . VAL A 1 74  ? -0.750  4.433   6.090   1.00 9.33  ? 74  VAL A CG2 1 
ATOM   514  N  N   . LEU A 1 75  ? 1.003   1.251   3.088   1.00 9.89  ? 75  LEU A N   1 
ATOM   515  C  CA  . LEU A 1 75  ? 1.585   0.702   1.862   1.00 10.11 ? 75  LEU A CA  1 
ATOM   516  C  C   . LEU A 1 75  ? 0.546   0.836   0.746   1.00 10.64 ? 75  LEU A C   1 
ATOM   517  O  O   . LEU A 1 75  ? -0.536  0.261   0.816   1.00 10.50 ? 75  LEU A O   1 
ATOM   518  C  CB  . LEU A 1 75  ? 2.014   -0.753  2.064   1.00 11.22 ? 75  LEU A CB  1 
ATOM   519  C  CG  . LEU A 1 75  ? 2.843   -1.059  3.302   1.00 11.26 ? 75  LEU A CG  1 
ATOM   520  C  CD1 . LEU A 1 75  ? 3.252   -2.519  3.232   1.00 14.25 ? 75  LEU A CD1 1 
ATOM   521  C  CD2 . LEU A 1 75  ? 4.076   -0.154  3.420   1.00 10.07 ? 75  LEU A CD2 1 
ATOM   522  N  N   . ILE A 1 76  ? 0.865   1.650   -0.256  1.00 9.94  ? 76  ILE A N   1 
ATOM   523  C  CA  . ILE A 1 76  ? -0.076  1.886   -1.354  1.00 10.30 ? 76  ILE A CA  1 
ATOM   524  C  C   . ILE A 1 76  ? 0.430   0.995   -2.486  1.00 10.68 ? 76  ILE A C   1 
ATOM   525  O  O   . ILE A 1 76  ? 1.457   1.305   -3.120  1.00 10.30 ? 76  ILE A O   1 
ATOM   526  C  CB  . ILE A 1 76  ? -0.129  3.387   -1.737  1.00 9.35  ? 76  ILE A CB  1 
ATOM   527  C  CG1 . ILE A 1 76  ? -0.645  4.223   -0.548  1.00 11.31 ? 76  ILE A CG1 1 
ATOM   528  C  CG2 . ILE A 1 76  ? -1.046  3.590   -2.979  1.00 11.68 ? 76  ILE A CG2 1 
ATOM   529  C  CD1 . ILE A 1 76  ? -0.469  5.724   -0.706  1.00 9.36  ? 76  ILE A CD1 1 
ATOM   530  N  N   . THR A 1 77  ? -0.285  -0.115  -2.733  1.00 10.27 ? 77  THR A N   1 
ATOM   531  C  CA  . THR A 1 77  ? 0.271   -1.222  -3.540  1.00 10.46 ? 77  THR A CA  1 
ATOM   532  C  C   . THR A 1 77  ? -0.441  -1.499  -4.860  1.00 10.77 ? 77  THR A C   1 
ATOM   533  O  O   . THR A 1 77  ? -0.047  -2.415  -5.582  1.00 10.82 ? 77  THR A O   1 
ATOM   534  C  CB  . THR A 1 77  ? 0.296   -2.561  -2.739  1.00 11.00 ? 77  THR A CB  1 
ATOM   535  O  OG1 . THR A 1 77  ? -1.043  -3.043  -2.623  1.00 11.20 ? 77  THR A OG1 1 
ATOM   536  C  CG2 . THR A 1 77  ? 0.857   -2.367  -1.386  1.00 11.78 ? 77  THR A CG2 1 
ATOM   537  N  N   . GLY A 1 78  ? -1.495  -0.744  -5.177  1.00 10.47 ? 78  GLY A N   1 
ATOM   538  C  CA  . GLY A 1 78  ? -2.256  -0.968  -6.408  1.00 10.58 ? 78  GLY A CA  1 
ATOM   539  C  C   . GLY A 1 78  ? -1.450  -0.668  -7.655  1.00 11.36 ? 78  GLY A C   1 
ATOM   540  O  O   . GLY A 1 78  ? -0.432  0.029   -7.607  1.00 10.90 ? 78  GLY A O   1 
ATOM   541  N  N   . SER A 1 79  ? -1.930  -1.161  -8.790  1.00 10.69 ? 79  SER A N   1 
ATOM   542  C  CA  . SER A 1 79  ? -1.124  -1.087  -10.006 1.00 10.32 ? 79  SER A CA  1 
ATOM   543  C  C   . SER A 1 79  ? -1.551  0.069   -10.930 1.00 10.47 ? 79  SER A C   1 
ATOM   544  O  O   . SER A 1 79  ? -1.104  0.148   -12.084 1.00 10.14 ? 79  SER A O   1 
ATOM   545  C  CB  . SER A 1 79  ? -1.195  -2.436  -10.721 1.00 10.60 ? 79  SER A CB  1 
ATOM   546  O  OG  . SER A 1 79  ? -2.509  -2.643  -11.187 1.00 13.60 ? 79  SER A OG  1 
ATOM   547  N  N   . ASP A 1 80  ? -2.382  0.978   -10.425 1.00 9.49  ? 80  ASP A N   1 
ATOM   548  C  CA  . ASP A 1 80  ? -2.867  2.127   -11.216 1.00 10.98 ? 80  ASP A CA  1 
ATOM   549  C  C   . ASP A 1 80  ? -2.245  3.416   -10.661 1.00 10.31 ? 80  ASP A C   1 
ATOM   550  O  O   . ASP A 1 80  ? -2.639  3.865   -9.582  1.00 11.29 ? 80  ASP A O   1 
ATOM   551  C  CB  . ASP A 1 80  ? -4.401  2.145   -11.085 1.00 10.55 ? 80  ASP A CB  1 
ATOM   552  C  CG  . ASP A 1 80  ? -5.085  3.264   -11.874 1.00 12.81 ? 80  ASP A CG  1 
ATOM   553  O  OD1 . ASP A 1 80  ? -4.525  4.359   -12.068 1.00 12.58 ? 80  ASP A OD1 1 
ATOM   554  O  OD2 . ASP A 1 80  ? -6.250  3.041   -12.268 1.00 16.59 ? 80  ASP A OD2 1 
ATOM   555  N  N   . ASP A 1 81  ? -1.253  3.981   -11.366 1.00 10.88 ? 81  ASP A N   1 
ATOM   556  C  CA  . ASP A 1 81  ? -0.560  5.207   -10.918 1.00 10.00 ? 81  ASP A CA  1 
ATOM   557  C  C   . ASP A 1 81  ? -1.517  6.345   -10.604 1.00 10.45 ? 81  ASP A C   1 
ATOM   558  O  O   . ASP A 1 81  ? -1.401  6.990   -9.560  1.00 10.21 ? 81  ASP A O   1 
ATOM   559  C  CB  . ASP A 1 81  ? 0.472   5.684   -11.952 1.00 9.72  ? 81  ASP A CB  1 
ATOM   560  C  CG  . ASP A 1 81  ? 1.710   4.808   -12.004 1.00 10.01 ? 81  ASP A CG  1 
ATOM   561  O  OD1 . ASP A 1 81  ? 1.867   3.948   -11.108 1.00 10.48 ? 81  ASP A OD1 1 
ATOM   562  O  OD2 . ASP A 1 81  ? 2.548   4.974   -12.941 1.00 7.78  ? 81  ASP A OD2 1 
ATOM   563  N  N   . GLU A 1 82  ? -2.466  6.609   -11.491 1.00 9.66  ? 82  GLU A N   1 
ATOM   564  C  CA  . GLU A 1 82  ? -3.322  7.780   -11.277 1.00 10.70 ? 82  GLU A CA  1 
ATOM   565  C  C   . GLU A 1 82  ? -4.163  7.614   -10.014 1.00 10.25 ? 82  GLU A C   1 
ATOM   566  O  O   . GLU A 1 82  ? -4.309  8.563   -9.236  1.00 9.76  ? 82  GLU A O   1 
ATOM   567  C  CB  . GLU A 1 82  ? -4.154  8.102   -12.514 1.00 10.85 ? 82  GLU A CB  1 
ATOM   568  C  CG  . GLU A 1 82  ? -3.291  8.695   -13.671 1.00 15.23 ? 82  GLU A CG  1 
ATOM   569  C  CD  . GLU A 1 82  ? -2.361  9.841   -13.217 1.00 20.94 ? 82  GLU A CD  1 
ATOM   570  O  OE1 . GLU A 1 82  ? -2.848  10.803  -12.562 1.00 22.19 ? 82  GLU A OE1 1 
ATOM   571  O  OE2 . GLU A 1 82  ? -1.142  9.786   -13.529 1.00 21.37 ? 82  GLU A OE2 1 
ATOM   572  N  N   . PHE A 1 83  ? -4.633  6.394   -9.784  1.00 9.46  ? 83  PHE A N   1 
ATOM   573  C  CA  . PHE A 1 83  ? -5.383  6.082   -8.580  1.00 9.92  ? 83  PHE A CA  1 
ATOM   574  C  C   . PHE A 1 83  ? -4.535  6.184   -7.325  1.00 9.65  ? 83  PHE A C   1 
ATOM   575  O  O   . PHE A 1 83  ? -4.972  6.757   -6.312  1.00 9.30  ? 83  PHE A O   1 
ATOM   576  C  CB  . PHE A 1 83  ? -6.066  4.700   -8.677  1.00 8.98  ? 83  PHE A CB  1 
ATOM   577  C  CG  . PHE A 1 83  ? -7.190  4.509   -7.699  1.00 11.10 ? 83  PHE A CG  1 
ATOM   578  C  CD1 . PHE A 1 83  ? -8.256  5.415   -7.650  1.00 12.62 ? 83  PHE A CD1 1 
ATOM   579  C  CD2 . PHE A 1 83  ? -7.209  3.407   -6.848  1.00 10.99 ? 83  PHE A CD2 1 
ATOM   580  C  CE1 . PHE A 1 83  ? -9.295  5.233   -6.750  1.00 14.98 ? 83  PHE A CE1 1 
ATOM   581  C  CE2 . PHE A 1 83  ? -8.261  3.218   -5.940  1.00 13.00 ? 83  PHE A CE2 1 
ATOM   582  C  CZ  . PHE A 1 83  ? -9.294  4.128   -5.894  1.00 13.05 ? 83  PHE A CZ  1 
ATOM   583  N  N   . ASN A 1 84  ? -3.303  5.678   -7.398  1.00 9.48  ? 84  ASN A N   1 
ATOM   584  C  CA  . ASN A 1 84  ? -2.392  5.732   -6.256  1.00 9.15  ? 84  ASN A CA  1 
ATOM   585  C  C   . ASN A 1 84  ? -2.065  7.179   -5.864  1.00 8.84  ? 84  ASN A C   1 
ATOM   586  O  O   . ASN A 1 84  ? -1.904  7.479   -4.691  1.00 8.11  ? 84  ASN A O   1 
ATOM   587  C  CB  . ASN A 1 84  ? -1.092  4.964   -6.563  1.00 8.30  ? 84  ASN A CB  1 
ATOM   588  C  CG  . ASN A 1 84  ? -1.277  3.460   -6.513  1.00 8.59  ? 84  ASN A CG  1 
ATOM   589  O  OD1 . ASN A 1 84  ? -2.381  2.948   -6.296  1.00 9.18  ? 84  ASN A OD1 1 
ATOM   590  N  ND2 . ASN A 1 84  ? -0.187  2.736   -6.741  1.00 7.84  ? 84  ASN A ND2 1 
ATOM   591  N  N   . LEU A 1 85  ? -1.996  8.077   -6.848  1.00 9.41  ? 85  LEU A N   1 
ATOM   592  C  CA  . LEU A 1 85  ? -1.673  9.469   -6.558  1.00 9.71  ? 85  LEU A CA  1 
ATOM   593  C  C   . LEU A 1 85  ? -2.853  10.092  -5.814  1.00 10.78 ? 85  LEU A C   1 
ATOM   594  O  O   . LEU A 1 85  ? -2.673  10.823  -4.826  1.00 10.96 ? 85  LEU A O   1 
ATOM   595  C  CB  . LEU A 1 85  ? -1.322  10.233  -7.854  1.00 9.75  ? 85  LEU A CB  1 
ATOM   596  C  CG  . LEU A 1 85  ? -0.834  11.657  -7.671  1.00 9.00  ? 85  LEU A CG  1 
ATOM   597  C  CD1 . LEU A 1 85  ? 0.518   11.671  -6.918  1.00 8.90  ? 85  LEU A CD1 1 
ATOM   598  C  CD2 . LEU A 1 85  ? -0.649  12.315  -9.024  1.00 10.11 ? 85  LEU A CD2 1 
ATOM   599  N  N   . LYS A 1 86  ? -4.067  9.762   -6.267  1.00 10.34 ? 86  LYS A N   1 
ATOM   600  C  CA  . LYS A 1 86  ? -5.275  10.231  -5.597  1.00 10.94 ? 86  LYS A CA  1 
ATOM   601  C  C   . LYS A 1 86  ? -5.345  9.713   -4.167  1.00 11.16 ? 86  LYS A C   1 
ATOM   602  O  O   . LYS A 1 86  ? -5.730  10.467  -3.243  1.00 12.11 ? 86  LYS A O   1 
ATOM   603  C  CB  . LYS A 1 86  ? -6.506  9.819   -6.387  1.00 11.05 ? 86  LYS A CB  1 
ATOM   604  C  CG  . LYS A 1 86  ? -6.757  10.681  -7.600  1.00 12.77 ? 86  LYS A CG  1 
ATOM   605  C  CD  . LYS A 1 86  ? -7.956  10.141  -8.370  1.00 15.86 ? 86  LYS A CD  1 
ATOM   606  C  CE  . LYS A 1 86  ? -8.582  11.203  -9.257  1.00 21.03 ? 86  LYS A CE  1 
ATOM   607  N  NZ  . LYS A 1 86  ? -7.609  11.765  -10.235 1.00 22.20 ? 86  LYS A NZ  1 
ATOM   608  N  N   . ILE A 1 87  ? -4.948  8.455   -3.975  1.00 10.20 ? 87  ILE A N   1 
ATOM   609  C  CA  . ILE A 1 87  ? -4.957  7.858   -2.642  1.00 10.69 ? 87  ILE A CA  1 
ATOM   610  C  C   . ILE A 1 87  ? -3.965  8.578   -1.740  1.00 10.27 ? 87  ILE A C   1 
ATOM   611  O  O   . ILE A 1 87  ? -4.287  8.968   -0.601  1.00 10.49 ? 87  ILE A O   1 
ATOM   612  C  CB  . ILE A 1 87  ? -4.595  6.356   -2.703  1.00 10.33 ? 87  ILE A CB  1 
ATOM   613  C  CG1 . ILE A 1 87  ? -5.723  5.558   -3.395  1.00 10.18 ? 87  ILE A CG1 1 
ATOM   614  C  CG2 . ILE A 1 87  ? -4.246  5.838   -1.324  1.00 10.68 ? 87  ILE A CG2 1 
ATOM   615  C  CD1 . ILE A 1 87  ? -5.291  4.169   -3.789  1.00 10.15 ? 87  ILE A CD1 1 
ATOM   616  N  N   . LEU A 1 88  ? -2.768  8.806   -2.273  1.00 10.88 ? 88  LEU A N   1 
ATOM   617  C  CA  . LEU A 1 88  ? -1.698  9.445   -1.504  1.00 11.20 ? 88  LEU A CA  1 
ATOM   618  C  C   . LEU A 1 88  ? -2.125  10.875  -1.111  1.00 11.61 ? 88  LEU A C   1 
ATOM   619  O  O   . LEU A 1 88  ? -1.868  11.304  0.005   1.00 11.66 ? 88  LEU A O   1 
ATOM   620  C  CB  . LEU A 1 88  ? -0.415  9.494   -2.346  1.00 11.15 ? 88  LEU A CB  1 
ATOM   621  C  CG  . LEU A 1 88  ? 0.771   10.312  -1.793  1.00 11.07 ? 88  LEU A CG  1 
ATOM   622  C  CD1 . LEU A 1 88  ? 1.206   9.759   -0.426  1.00 10.76 ? 88  LEU A CD1 1 
ATOM   623  C  CD2 . LEU A 1 88  ? 1.947   10.298  -2.790  1.00 11.04 ? 88  LEU A CD2 1 
ATOM   624  N  N   . LYS A 1 89  ? -2.762  11.600  -2.031  1.00 11.00 ? 89  LYS A N   1 
ATOM   625  C  CA  . LYS A 1 89  ? -3.185  12.970  -1.732  1.00 11.13 ? 89  LYS A CA  1 
ATOM   626  C  C   . LYS A 1 89  ? -4.287  12.997  -0.670  1.00 11.20 ? 89  LYS A C   1 
ATOM   627  O  O   . LYS A 1 89  ? -4.271  13.878  0.192   1.00 11.10 ? 89  LYS A O   1 
ATOM   628  C  CB  . LYS A 1 89  ? -3.646  13.658  -3.014  1.00 11.60 ? 89  LYS A CB  1 
ATOM   629  C  CG  . LYS A 1 89  ? -2.443  14.057  -3.902  1.00 10.82 ? 89  LYS A CG  1 
ATOM   630  C  CD  . LYS A 1 89  ? -2.873  14.671  -5.242  1.00 13.55 ? 89  LYS A CD  1 
ATOM   631  C  CE  . LYS A 1 89  ? -1.656  14.968  -6.098  1.00 14.10 ? 89  LYS A CE  1 
ATOM   632  N  NZ  . LYS A 1 89  ? -1.999  15.455  -7.463  1.00 13.55 ? 89  LYS A NZ  1 
ATOM   633  N  N   . ALA A 1 90  ? -5.236  12.055  -0.752  1.00 11.22 ? 90  ALA A N   1 
ATOM   634  C  CA  . ALA A 1 90  ? -6.296  11.911  0.268   1.00 10.40 ? 90  ALA A CA  1 
ATOM   635  C  C   . ALA A 1 90  ? -5.680  11.638  1.644   1.00 10.34 ? 90  ALA A C   1 
ATOM   636  O  O   . ALA A 1 90  ? -6.019  12.294  2.651   1.00 10.05 ? 90  ALA A O   1 
ATOM   637  C  CB  . ALA A 1 90  ? -7.304  10.781  -0.110  1.00 11.40 ? 90  ALA A CB  1 
ATOM   638  N  N   . LEU A 1 91  ? -4.769  10.669  1.676   1.00 10.27 ? 91  LEU A N   1 
ATOM   639  C  CA  . LEU A 1 91  ? -4.055  10.324  2.884   1.00 10.50 ? 91  LEU A CA  1 
ATOM   640  C  C   . LEU A 1 91  ? -3.360  11.542  3.459   1.00 10.48 ? 91  LEU A C   1 
ATOM   641  O  O   . LEU A 1 91  ? -3.537  11.854  4.632   1.00 10.73 ? 91  LEU A O   1 
ATOM   642  C  CB  . LEU A 1 91  ? -3.038  9.193   2.614   1.00 10.98 ? 91  LEU A CB  1 
ATOM   643  C  CG  . LEU A 1 91  ? -2.246  8.758   3.847   1.00 10.84 ? 91  LEU A CG  1 
ATOM   644  C  CD1 . LEU A 1 91  ? -3.150  8.193   4.965   1.00 13.08 ? 91  LEU A CD1 1 
ATOM   645  C  CD2 . LEU A 1 91  ? -1.151  7.733   3.462   1.00 12.39 ? 91  LEU A CD2 1 
ATOM   646  N  N   . ARG A 1 92  ? -2.586  12.229  2.624   1.00 10.63 ? 92  ARG A N   1 
ATOM   647  C  CA  . ARG A 1 92  ? -1.796  13.381  3.067   1.00 11.67 ? 92  ARG A CA  1 
ATOM   648  C  C   . ARG A 1 92  ? -2.610  14.598  3.544   1.00 13.03 ? 92  ARG A C   1 
ATOM   649  O  O   . ARG A 1 92  ? -2.108  15.434  4.341   1.00 14.62 ? 92  ARG A O   1 
ATOM   650  C  CB  . ARG A 1 92  ? -0.776  13.735  1.984   1.00 10.85 ? 92  ARG A CB  1 
ATOM   651  C  CG  . ARG A 1 92  ? 0.388   12.781  1.977   1.00 12.14 ? 92  ARG A CG  1 
ATOM   652  C  CD  . ARG A 1 92  ? 1.397   13.146  3.086   1.00 10.98 ? 92  ARG A CD  1 
ATOM   653  N  NE  . ARG A 1 92  ? 2.438   12.114  3.183   1.00 12.27 ? 92  ARG A NE  1 
ATOM   654  C  CZ  . ARG A 1 92  ? 2.361   11.020  3.933   1.00 8.53  ? 92  ARG A CZ  1 
ATOM   655  N  NH1 . ARG A 1 92  ? 1.300   10.762  4.684   1.00 11.60 ? 92  ARG A NH1 1 
ATOM   656  N  NH2 . ARG A 1 92  ? 3.327   10.124  3.884   1.00 10.95 ? 92  ARG A NH2 1 
ATOM   657  N  N   . SER A 1 93  ? -3.846  14.696  3.057   1.00 13.68 ? 93  SER A N   1 
ATOM   658  C  CA  A SER A 1 93  ? -4.758  15.751  3.499   0.50 13.54 ? 93  SER A CA  1 
ATOM   659  C  CA  B SER A 1 93  ? -4.771  15.744  3.497   0.50 13.24 ? 93  SER A CA  1 
ATOM   660  C  C   . SER A 1 93  ? -5.169  15.533  4.959   1.00 13.21 ? 93  SER A C   1 
ATOM   661  O  O   . SER A 1 93  ? -5.599  16.471  5.626   1.00 13.84 ? 93  SER A O   1 
ATOM   662  C  CB  A SER A 1 93  ? -5.990  15.816  2.606   0.50 14.17 ? 93  SER A CB  1 
ATOM   663  C  CB  B SER A 1 93  ? -6.017  15.801  2.611   0.50 13.86 ? 93  SER A CB  1 
ATOM   664  O  OG  A SER A 1 93  ? -6.904  14.788  2.954   0.50 14.85 ? 93  SER A OG  1 
ATOM   665  O  OG  B SER A 1 93  ? -5.731  16.287  1.313   0.50 12.68 ? 93  SER A OG  1 
ATOM   666  N  N   . VAL A 1 94  ? -5.019  14.295  5.442   1.00 11.84 ? 94  VAL A N   1 
ATOM   667  C  CA  . VAL A 1 94  ? -5.378  13.889  6.815   1.00 11.92 ? 94  VAL A CA  1 
ATOM   668  C  C   . VAL A 1 94  ? -4.169  13.663  7.737   1.00 11.61 ? 94  VAL A C   1 
ATOM   669  O  O   . VAL A 1 94  ? -4.226  14.035  8.917   1.00 10.82 ? 94  VAL A O   1 
ATOM   670  C  CB  . VAL A 1 94  ? -6.246  12.590  6.805   1.00 12.18 ? 94  VAL A CB  1 
ATOM   671  C  CG1 . VAL A 1 94  ? -6.593  12.122  8.228   1.00 12.85 ? 94  VAL A CG1 1 
ATOM   672  C  CG2 . VAL A 1 94  ? -7.541  12.816  5.992   1.00 12.18 ? 94  VAL A CG2 1 
ATOM   673  N  N   . SER A 1 95  ? -3.099  13.048  7.219   1.00 12.07 ? 95  SER A N   1 
ATOM   674  C  CA  . SER A 1 95  ? -2.038  12.558  8.091   1.00 11.86 ? 95  SER A CA  1 
ATOM   675  C  C   . SER A 1 95  ? -0.685  12.571  7.409   1.00 11.70 ? 95  SER A C   1 
ATOM   676  O  O   . SER A 1 95  ? -0.605  12.389  6.182   1.00 12.26 ? 95  SER A O   1 
ATOM   677  C  CB  . SER A 1 95  ? -2.349  11.114  8.494   1.00 13.10 ? 95  SER A CB  1 
ATOM   678  O  OG  . SER A 1 95  ? -1.324  10.545  9.300   1.00 12.79 ? 95  SER A OG  1 
ATOM   679  N  N   . ASP A 1 96  ? 0.358   12.759  8.208   1.00 11.24 ? 96  ASP A N   1 
ATOM   680  C  CA  . ASP A 1 96  ? 1.732   12.602  7.722   1.00 10.93 ? 96  ASP A CA  1 
ATOM   681  C  C   . ASP A 1 96  ? 2.279   11.166  7.851   1.00 10.47 ? 96  ASP A C   1 
ATOM   682  O  O   . ASP A 1 96  ? 3.490   10.940  7.657   1.00 9.99  ? 96  ASP A O   1 
ATOM   683  C  CB  . ASP A 1 96  ? 2.668   13.630  8.383   1.00 10.56 ? 96  ASP A CB  1 
ATOM   684  C  CG  . ASP A 1 96  ? 2.980   13.303  9.840   1.00 11.85 ? 96  ASP A CG  1 
ATOM   685  O  OD1 . ASP A 1 96  ? 2.402   12.339  10.390  1.00 11.24 ? 96  ASP A OD1 1 
ATOM   686  O  OD2 . ASP A 1 96  ? 3.792   14.056  10.441  1.00 13.39 ? 96  ASP A OD2 1 
ATOM   687  N  N   . VAL A 1 97  ? 1.401   10.208  8.173   1.00 10.66 ? 97  VAL A N   1 
ATOM   688  C  CA  . VAL A 1 97  ? 1.844   8.843   8.418   1.00 11.07 ? 97  VAL A CA  1 
ATOM   689  C  C   . VAL A 1 97  ? 2.762   8.341   7.288   1.00 10.91 ? 97  VAL A C   1 
ATOM   690  O  O   . VAL A 1 97  ? 2.491   8.574   6.100   1.00 10.89 ? 97  VAL A O   1 
ATOM   691  C  CB  . VAL A 1 97  ? 0.651   7.879   8.658   1.00 10.87 ? 97  VAL A CB  1 
ATOM   692  C  CG1 . VAL A 1 97  ? -0.326  7.876   7.445   1.00 11.58 ? 97  VAL A CG1 1 
ATOM   693  C  CG2 . VAL A 1 97  ? 1.179   6.466   8.987   1.00 11.89 ? 97  VAL A CG2 1 
ATOM   694  N  N   . TYR A 1 98  ? 3.860   7.687   7.646   1.00 9.95  ? 98  TYR A N   1 
ATOM   695  C  CA  . TYR A 1 98  ? 4.822   7.237   6.642   1.00 9.59  ? 98  TYR A CA  1 
ATOM   696  C  C   . TYR A 1 98  ? 4.142   6.377   5.561   1.00 9.30  ? 98  TYR A C   1 
ATOM   697  O  O   . TYR A 1 98  ? 3.363   5.468   5.893   1.00 9.92  ? 98  TYR A O   1 
ATOM   698  C  CB  . TYR A 1 98  ? 5.872   6.428   7.367   1.00 9.73  ? 98  TYR A CB  1 
ATOM   699  C  CG  . TYR A 1 98  ? 7.129   6.177   6.593   1.00 10.80 ? 98  TYR A CG  1 
ATOM   700  C  CD1 . TYR A 1 98  ? 8.212   7.039   6.702   1.00 13.06 ? 98  TYR A CD1 1 
ATOM   701  C  CD2 . TYR A 1 98  ? 7.251   5.056   5.770   1.00 13.61 ? 98  TYR A CD2 1 
ATOM   702  C  CE1 . TYR A 1 98  ? 9.379   6.809   6.011   1.00 12.56 ? 98  TYR A CE1 1 
ATOM   703  C  CE2 . TYR A 1 98  ? 8.449   4.801   5.084   1.00 14.57 ? 98  TYR A CE2 1 
ATOM   704  C  CZ  . TYR A 1 98  ? 9.494   5.693   5.209   1.00 12.48 ? 98  TYR A CZ  1 
ATOM   705  O  OH  . TYR A 1 98  ? 10.685  5.466   4.524   1.00 15.39 ? 98  TYR A OH  1 
ATOM   706  N  N   . ALA A 1 99  ? 4.400   6.699   4.287   1.00 10.01 ? 99  ALA A N   1 
ATOM   707  C  CA  . ALA A 1 99  ? 3.758   5.990   3.167   1.00 9.93  ? 99  ALA A CA  1 
ATOM   708  C  C   . ALA A 1 99  ? 4.782   5.525   2.154   1.00 10.32 ? 99  ALA A C   1 
ATOM   709  O  O   . ALA A 1 99  ? 5.722   6.268   1.807   1.00 9.93  ? 99  ALA A O   1 
ATOM   710  C  CB  . ALA A 1 99  ? 2.711   6.866   2.484   1.00 9.97  ? 99  ALA A CB  1 
ATOM   711  N  N   . ILE A 1 100 ? 4.619   4.280   1.704   1.00 10.86 ? 100 ILE A N   1 
ATOM   712  C  CA  . ILE A 1 100 ? 5.485   3.743   0.648   1.00 10.90 ? 100 ILE A CA  1 
ATOM   713  C  C   . ILE A 1 100 ? 4.542   3.432   -0.486  1.00 10.88 ? 100 ILE A C   1 
ATOM   714  O  O   . ILE A 1 100 ? 3.537   2.756   -0.291  1.00 10.69 ? 100 ILE A O   1 
ATOM   715  C  CB  . ILE A 1 100 ? 6.192   2.463   1.078   1.00 10.64 ? 100 ILE A CB  1 
ATOM   716  C  CG1 . ILE A 1 100 ? 7.014   2.699   2.363   1.00 12.55 ? 100 ILE A CG1 1 
ATOM   717  C  CG2 . ILE A 1 100 ? 7.061   1.932   -0.092  1.00 8.64  ? 100 ILE A CG2 1 
ATOM   718  C  CD1 . ILE A 1 100 ? 7.677   1.431   2.891   1.00 12.95 ? 100 ILE A CD1 1 
ATOM   719  N  N   . VAL A 1 101 ? 4.857   3.947   -1.675  1.00 11.66 ? 101 VAL A N   1 
ATOM   720  C  CA  . VAL A 1 101 ? 3.891   3.910   -2.760  1.00 12.31 ? 101 VAL A CA  1 
ATOM   721  C  C   . VAL A 1 101 ? 4.478   3.249   -3.985  1.00 11.56 ? 101 VAL A C   1 
ATOM   722  O  O   . VAL A 1 101 ? 5.586   3.577   -4.380  1.00 11.54 ? 101 VAL A O   1 
ATOM   723  C  CB  . VAL A 1 101 ? 3.450   5.343   -3.113  1.00 12.51 ? 101 VAL A CB  1 
ATOM   724  C  CG1 . VAL A 1 101 ? 2.260   5.312   -4.063  1.00 13.74 ? 101 VAL A CG1 1 
ATOM   725  C  CG2 . VAL A 1 101 ? 3.127   6.112   -1.830  1.00 14.01 ? 101 VAL A CG2 1 
ATOM   726  N  N   . ARG A 1 102 ? 3.719   2.309   -4.548  1.00 11.16 ? 102 ARG A N   1 
ATOM   727  C  CA  . ARG A 1 102 ? 4.041   1.677   -5.837  1.00 9.97  ? 102 ARG A CA  1 
ATOM   728  C  C   . ARG A 1 102 ? 3.748   2.590   -7.044  1.00 9.91  ? 102 ARG A C   1 
ATOM   729  O  O   . ARG A 1 102 ? 2.662   3.170   -7.162  1.00 10.71 ? 102 ARG A O   1 
ATOM   730  C  CB  . ARG A 1 102 ? 3.244   0.370   -5.936  1.00 9.36  ? 102 ARG A CB  1 
ATOM   731  C  CG  . ARG A 1 102 ? 3.461   -0.362  -7.246  1.00 9.81  ? 102 ARG A CG  1 
ATOM   732  C  CD  . ARG A 1 102 ? 2.459   -1.512  -7.308  1.00 9.50  ? 102 ARG A CD  1 
ATOM   733  N  NE  . ARG A 1 102 ? 2.537   -2.219  -8.563  1.00 13.11 ? 102 ARG A NE  1 
ATOM   734  C  CZ  . ARG A 1 102 ? 2.090   -3.453  -8.744  1.00 15.12 ? 102 ARG A CZ  1 
ATOM   735  N  NH1 . ARG A 1 102 ? 1.525   -4.114  -7.717  1.00 16.28 ? 102 ARG A NH1 1 
ATOM   736  N  NH2 . ARG A 1 102 ? 2.203   -4.018  -9.946  1.00 15.91 ? 102 ARG A NH2 1 
ATOM   737  N  N   . VAL A 1 103 ? 4.741   2.746   -7.917  1.00 8.78  ? 103 VAL A N   1 
ATOM   738  C  CA  . VAL A 1 103 ? 4.613   3.586   -9.109  1.00 9.39  ? 103 VAL A CA  1 
ATOM   739  C  C   . VAL A 1 103 ? 5.089   2.762   -10.294 1.00 9.59  ? 103 VAL A C   1 
ATOM   740  O  O   . VAL A 1 103 ? 6.147   2.156   -10.245 1.00 10.39 ? 103 VAL A O   1 
ATOM   741  C  CB  . VAL A 1 103 ? 5.426   4.874   -8.926  1.00 8.83  ? 103 VAL A CB  1 
ATOM   742  C  CG1 . VAL A 1 103 ? 5.469   5.738   -10.220 1.00 8.90  ? 103 VAL A CG1 1 
ATOM   743  C  CG2 . VAL A 1 103 ? 4.859   5.686   -7.769  1.00 9.37  ? 103 VAL A CG2 1 
ATOM   744  N  N   . SER A 1 104 ? 4.287   2.723   -11.358 1.00 10.58 ? 104 SER A N   1 
ATOM   745  C  CA  A SER A 1 104 ? 4.645   1.947   -12.542 0.50 10.85 ? 104 SER A CA  1 
ATOM   746  C  CA  B SER A 1 104 ? 4.622   1.959   -12.555 0.50 10.76 ? 104 SER A CA  1 
ATOM   747  C  C   . SER A 1 104 ? 5.477   2.742   -13.555 1.00 10.78 ? 104 SER A C   1 
ATOM   748  O  O   . SER A 1 104 ? 6.325   2.174   -14.254 1.00 11.99 ? 104 SER A O   1 
ATOM   749  C  CB  A SER A 1 104 ? 3.394   1.312   -13.187 0.50 11.12 ? 104 SER A CB  1 
ATOM   750  C  CB  B SER A 1 104 ? 3.339   1.479   -13.229 0.50 10.95 ? 104 SER A CB  1 
ATOM   751  O  OG  A SER A 1 104 ? 2.675   2.207   -14.024 0.50 11.67 ? 104 SER A OG  1 
ATOM   752  O  OG  B SER A 1 104 ? 3.603   1.084   -14.561 0.50 11.06 ? 104 SER A OG  1 
ATOM   753  N  N   . SER A 1 105 ? 5.248   4.044   -13.639 1.00 9.61  ? 105 SER A N   1 
ATOM   754  C  CA  A SER A 1 105 ? 5.863   4.900   -14.654 0.50 8.94  ? 105 SER A CA  1 
ATOM   755  C  CA  B SER A 1 105 ? 5.918   4.847   -14.659 0.50 9.65  ? 105 SER A CA  1 
ATOM   756  C  C   . SER A 1 105 ? 7.036   5.669   -14.038 1.00 8.42  ? 105 SER A C   1 
ATOM   757  O  O   . SER A 1 105 ? 6.802   6.528   -13.187 1.00 7.68  ? 105 SER A O   1 
ATOM   758  C  CB  A SER A 1 105 ? 4.795   5.880   -15.143 0.50 9.27  ? 105 SER A CB  1 
ATOM   759  C  CB  B SER A 1 105 ? 4.917   5.719   -15.409 0.50 10.13 ? 105 SER A CB  1 
ATOM   760  O  OG  A SER A 1 105 ? 5.235   6.643   -16.243 0.50 6.31  ? 105 SER A OG  1 
ATOM   761  O  OG  B SER A 1 105 ? 3.895   4.901   -15.956 0.50 11.70 ? 105 SER A OG  1 
ATOM   762  N  N   . PRO A 1 106 ? 8.297   5.384   -14.465 1.00 6.87  ? 106 PRO A N   1 
ATOM   763  C  CA  . PRO A 1 106 ? 9.394   6.158   -13.880 1.00 6.25  ? 106 PRO A CA  1 
ATOM   764  C  C   . PRO A 1 106 ? 9.249   7.677   -13.998 1.00 5.74  ? 106 PRO A C   1 
ATOM   765  O  O   . PRO A 1 106 ? 9.695   8.386   -13.109 1.00 5.83  ? 106 PRO A O   1 
ATOM   766  C  CB  . PRO A 1 106 ? 10.625  5.699   -14.675 1.00 5.94  ? 106 PRO A CB  1 
ATOM   767  C  CG  . PRO A 1 106 ? 10.309  4.335   -15.124 1.00 5.56  ? 106 PRO A CG  1 
ATOM   768  C  CD  . PRO A 1 106 ? 8.796   4.193   -15.189 1.00 6.91  ? 106 PRO A CD  1 
ATOM   769  N  N   . LYS A 1 107 ? 8.662   8.184   -15.081 1.00 6.02  ? 107 LYS A N   1 
ATOM   770  C  CA  . LYS A 1 107 ? 8.491   9.634   -15.218 1.00 6.38  ? 107 LYS A CA  1 
ATOM   771  C  C   . LYS A 1 107 ? 7.654   10.257  -14.089 1.00 6.83  ? 107 LYS A C   1 
ATOM   772  O  O   . LYS A 1 107 ? 7.743   11.462  -13.834 1.00 7.38  ? 107 LYS A O   1 
ATOM   773  C  CB  . LYS A 1 107 ? 7.899   10.004  -16.589 1.00 6.79  ? 107 LYS A CB  1 
ATOM   774  C  CG  . LYS A 1 107 ? 6.416   9.621   -16.734 1.00 6.87  ? 107 LYS A CG  1 
ATOM   775  C  CD  . LYS A 1 107 ? 5.944   9.919   -18.161 1.00 4.11  ? 107 LYS A CD  1 
ATOM   776  C  CE  . LYS A 1 107 ? 4.501   9.494   -18.385 1.00 6.20  ? 107 LYS A CE  1 
ATOM   777  N  NZ  . LYS A 1 107 ? 3.946   10.122  -19.611 1.00 2.40  ? 107 LYS A NZ  1 
ATOM   778  N  N   . LYS A 1 108 ? 6.863   9.421   -13.419 1.00 6.98  ? 108 LYS A N   1 
ATOM   779  C  CA  . LYS A 1 108 ? 5.937   9.877   -12.374 1.00 7.04  ? 108 LYS A CA  1 
ATOM   780  C  C   . LYS A 1 108 ? 6.521   9.866   -10.975 1.00 7.34  ? 108 LYS A C   1 
ATOM   781  O  O   . LYS A 1 108 ? 5.864   10.317  -10.042 1.00 6.51  ? 108 LYS A O   1 
ATOM   782  C  CB  . LYS A 1 108 ? 4.621   9.070   -12.430 1.00 6.62  ? 108 LYS A CB  1 
ATOM   783  C  CG  . LYS A 1 108 ? 3.879   9.251   -13.764 1.00 6.66  ? 108 LYS A CG  1 
ATOM   784  C  CD  . LYS A 1 108 ? 2.518   8.583   -13.786 1.00 7.15  ? 108 LYS A CD  1 
ATOM   785  C  CE  . LYS A 1 108 ? 1.875   8.816   -15.172 1.00 5.24  ? 108 LYS A CE  1 
ATOM   786  N  NZ  . LYS A 1 108 ? 0.502   8.264   -15.321 1.00 5.39  ? 108 LYS A NZ  1 
ATOM   787  N  N   . LYS A 1 109 ? 7.759   9.395   -10.810 1.00 7.86  ? 109 LYS A N   1 
ATOM   788  C  CA  . LYS A 1 109 ? 8.334   9.262   -9.468  1.00 8.11  ? 109 LYS A CA  1 
ATOM   789  C  C   . LYS A 1 109 ? 8.315   10.611  -8.723  1.00 8.68  ? 109 LYS A C   1 
ATOM   790  O  O   . LYS A 1 109 ? 7.896   10.688  -7.561  1.00 8.21  ? 109 LYS A O   1 
ATOM   791  C  CB  . LYS A 1 109 ? 9.751   8.649   -9.514  1.00 8.44  ? 109 LYS A CB  1 
ATOM   792  C  CG  . LYS A 1 109 ? 10.364  8.388   -8.143  1.00 10.17 ? 109 LYS A CG  1 
ATOM   793  C  CD  . LYS A 1 109 ? 11.761  7.778   -8.258  1.00 12.18 ? 109 LYS A CD  1 
ATOM   794  C  CE  . LYS A 1 109 ? 12.537  7.865   -6.945  1.00 15.36 ? 109 LYS A CE  1 
ATOM   795  N  NZ  . LYS A 1 109 ? 13.941  7.372   -7.053  1.00 15.55 ? 109 LYS A NZ  1 
ATOM   796  N  N   . GLU A 1 110 ? 8.759   11.663  -9.404  1.00 8.90  ? 110 GLU A N   1 
ATOM   797  C  CA  . GLU A 1 110 ? 8.907   12.977  -8.782  1.00 9.79  ? 110 GLU A CA  1 
ATOM   798  C  C   . GLU A 1 110 ? 7.586   13.525  -8.257  1.00 9.77  ? 110 GLU A C   1 
ATOM   799  O  O   . GLU A 1 110 ? 7.530   14.024  -7.131  1.00 8.77  ? 110 GLU A O   1 
ATOM   800  C  CB  . GLU A 1 110 ? 9.552   13.983  -9.738  1.00 10.05 ? 110 GLU A CB  1 
ATOM   801  C  CG  . GLU A 1 110 ? 9.798   15.369  -9.105  1.00 13.78 ? 110 GLU A CG  1 
ATOM   802  C  CD  . GLU A 1 110 ? 10.689  15.332  -7.852  1.00 19.13 ? 110 GLU A CD  1 
ATOM   803  O  OE1 . GLU A 1 110 ? 11.442  14.346  -7.659  1.00 21.60 ? 110 GLU A OE1 1 
ATOM   804  O  OE2 . GLU A 1 110 ? 10.647  16.308  -7.059  1.00 21.18 ? 110 GLU A OE2 1 
ATOM   805  N  N   . GLU A 1 111 ? 6.529   13.414  -9.062  1.00 10.65 ? 111 GLU A N   1 
ATOM   806  C  CA  . GLU A 1 111 ? 5.216   13.885  -8.610  1.00 11.55 ? 111 GLU A CA  1 
ATOM   807  C  C   . GLU A 1 111 ? 4.702   13.129  -7.378  1.00 11.88 ? 111 GLU A C   1 
ATOM   808  O  O   . GLU A 1 111 ? 4.032   13.726  -6.530  1.00 12.11 ? 111 GLU A O   1 
ATOM   809  C  CB  . GLU A 1 111 ? 4.185   13.916  -9.736  1.00 12.09 ? 111 GLU A CB  1 
ATOM   810  C  CG  . GLU A 1 111 ? 3.641   12.577  -10.148 1.00 12.54 ? 111 GLU A CG  1 
ATOM   811  C  CD  . GLU A 1 111 ? 2.578   12.679  -11.243 1.00 14.69 ? 111 GLU A CD  1 
ATOM   812  O  OE1 . GLU A 1 111 ? 2.152   11.618  -11.738 1.00 16.16 ? 111 GLU A OE1 1 
ATOM   813  O  OE2 . GLU A 1 111 ? 2.162   13.802  -11.608 1.00 16.42 ? 111 GLU A OE2 1 
ATOM   814  N  N   . PHE A 1 112 ? 5.039   11.839  -7.255  1.00 12.07 ? 112 PHE A N   1 
ATOM   815  C  CA  . PHE A 1 112 ? 4.673   11.098  -6.049  1.00 11.74 ? 112 PHE A CA  1 
ATOM   816  C  C   . PHE A 1 112 ? 5.475   11.597  -4.840  1.00 11.87 ? 112 PHE A C   1 
ATOM   817  O  O   . PHE A 1 112 ? 4.924   11.763  -3.740  1.00 12.46 ? 112 PHE A O   1 
ATOM   818  C  CB  . PHE A 1 112 ? 4.821   9.588   -6.257  1.00 11.32 ? 112 PHE A CB  1 
ATOM   819  C  CG  . PHE A 1 112 ? 3.642   8.963   -6.958  1.00 10.24 ? 112 PHE A CG  1 
ATOM   820  C  CD1 . PHE A 1 112 ? 2.604   8.384   -6.217  1.00 9.88  ? 112 PHE A CD1 1 
ATOM   821  C  CD2 . PHE A 1 112 ? 3.547   8.997   -8.338  1.00 11.82 ? 112 PHE A CD2 1 
ATOM   822  C  CE1 . PHE A 1 112 ? 1.516   7.836   -6.859  1.00 8.79  ? 112 PHE A CE1 1 
ATOM   823  C  CE2 . PHE A 1 112 ? 2.466   8.444   -8.996  1.00 10.33 ? 112 PHE A CE2 1 
ATOM   824  C  CZ  . PHE A 1 112 ? 1.432   7.859   -8.244  1.00 10.12 ? 112 PHE A CZ  1 
ATOM   825  N  N   . GLU A 1 113 ? 6.754   11.865  -5.051  1.00 11.43 ? 113 GLU A N   1 
ATOM   826  C  CA  . GLU A 1 113 ? 7.571   12.439  -3.986  1.00 12.03 ? 113 GLU A CA  1 
ATOM   827  C  C   . GLU A 1 113 ? 7.023   13.802  -3.567  1.00 11.31 ? 113 GLU A C   1 
ATOM   828  O  O   . GLU A 1 113 ? 6.839   14.055  -2.375  1.00 12.04 ? 113 GLU A O   1 
ATOM   829  C  CB  . GLU A 1 113 ? 9.062   12.471  -4.389  1.00 11.69 ? 113 GLU A CB  1 
ATOM   830  C  CG  . GLU A 1 113 ? 9.571   11.023  -4.560  1.00 15.74 ? 113 GLU A CG  1 
ATOM   831  C  CD  . GLU A 1 113 ? 11.038  10.921  -4.836  1.00 21.85 ? 113 GLU A CD  1 
ATOM   832  O  OE1 . GLU A 1 113 ? 11.639  11.934  -5.241  1.00 26.10 ? 113 GLU A OE1 1 
ATOM   833  O  OE2 . GLU A 1 113 ? 11.588  9.811   -4.653  1.00 22.74 ? 113 GLU A OE2 1 
ATOM   834  N  N   . GLU A 1 114 ? 6.694   14.645  -4.551  1.00 11.88 ? 114 GLU A N   1 
ATOM   835  C  CA  . GLU A 1 114 ? 6.126   15.980  -4.288  1.00 12.42 ? 114 GLU A CA  1 
ATOM   836  C  C   . GLU A 1 114 ? 4.788   15.927  -3.539  1.00 11.88 ? 114 GLU A C   1 
ATOM   837  O  O   . GLU A 1 114 ? 4.474   16.816  -2.720  1.00 12.55 ? 114 GLU A O   1 
ATOM   838  C  CB  . GLU A 1 114 ? 5.985   16.754  -5.598  1.00 12.93 ? 114 GLU A CB  1 
ATOM   839  C  CG  . GLU A 1 114 ? 7.332   17.160  -6.185  1.00 16.72 ? 114 GLU A CG  1 
ATOM   840  C  CD  . GLU A 1 114 ? 7.249   17.733  -7.611  1.00 21.65 ? 114 GLU A CD  1 
ATOM   841  O  OE1 . GLU A 1 114 ? 8.252   18.332  -8.054  1.00 22.52 ? 114 GLU A OE1 1 
ATOM   842  O  OE2 . GLU A 1 114 ? 6.206   17.565  -8.294  1.00 24.60 ? 114 GLU A OE2 1 
ATOM   843  N  N   . ALA A 1 115 ? 4.010   14.890  -3.829  1.00 11.26 ? 115 ALA A N   1 
ATOM   844  C  CA  . ALA A 1 115 ? 2.715   14.685  -3.157  1.00 10.69 ? 115 ALA A CA  1 
ATOM   845  C  C   . ALA A 1 115 ? 2.824   14.012  -1.783  1.00 11.11 ? 115 ALA A C   1 
ATOM   846  O  O   . ALA A 1 115 ? 1.800   13.767  -1.130  1.00 11.65 ? 115 ALA A O   1 
ATOM   847  C  CB  . ALA A 1 115 ? 1.766   13.917  -4.075  1.00 10.95 ? 115 ALA A CB  1 
ATOM   848  N  N   . GLY A 1 116 ? 4.047   13.731  -1.342  1.00 10.28 ? 116 GLY A N   1 
ATOM   849  C  CA  . GLY A 1 116 ? 4.295   13.280  0.023   1.00 10.47 ? 116 GLY A CA  1 
ATOM   850  C  C   . GLY A 1 116 ? 4.610   11.806  0.234   1.00 10.11 ? 116 GLY A C   1 
ATOM   851  O  O   . GLY A 1 116 ? 4.568   11.329  1.376   1.00 10.64 ? 116 GLY A O   1 
ATOM   852  N  N   . ALA A 1 117 ? 4.920   11.063  -0.829  1.00 9.47  ? 117 ALA A N   1 
ATOM   853  C  CA  . ALA A 1 117 ? 5.396   9.678   -0.648  1.00 9.57  ? 117 ALA A CA  1 
ATOM   854  C  C   . ALA A 1 117 ? 6.759   9.724   0.025   1.00 9.50  ? 117 ALA A C   1 
ATOM   855  O  O   . ALA A 1 117 ? 7.673   10.382  -0.515  1.00 11.14 ? 117 ALA A O   1 
ATOM   856  C  CB  . ALA A 1 117 ? 5.499   8.948   -1.994  1.00 8.85  ? 117 ALA A CB  1 
ATOM   857  N  N   . ASN A 1 118 ? 6.904   9.045   1.171   1.00 9.01  ? 118 ASN A N   1 
ATOM   858  C  CA  . ASN A 1 118 ? 8.224   8.921   1.820   1.00 9.16  ? 118 ASN A CA  1 
ATOM   859  C  C   . ASN A 1 118 ? 9.180   8.096   0.984   1.00 9.10  ? 118 ASN A C   1 
ATOM   860  O  O   . ASN A 1 118 ? 10.367  8.426   0.852   1.00 9.22  ? 118 ASN A O   1 
ATOM   861  C  CB  . ASN A 1 118 ? 8.133   8.326   3.211   1.00 8.65  ? 118 ASN A CB  1 
ATOM   862  C  CG  . ASN A 1 118 ? 7.315   9.185   4.162   1.00 10.83 ? 118 ASN A CG  1 
ATOM   863  O  OD1 . ASN A 1 118 ? 7.853   9.896   5.048   1.00 11.82 ? 118 ASN A OD1 1 
ATOM   864  N  ND2 . ASN A 1 118 ? 6.028   9.134   3.995   1.00 5.84  ? 118 ASN A ND2 1 
ATOM   865  N  N   . LEU A 1 119 ? 8.663   7.008   0.423   1.00 8.72  ? 119 LEU A N   1 
ATOM   866  C  CA  . LEU A 1 119 ? 9.427   6.155   -0.479  1.00 8.72  ? 119 LEU A CA  1 
ATOM   867  C  C   . LEU A 1 119 ? 8.531   5.759   -1.642  1.00 9.36  ? 119 LEU A C   1 
ATOM   868  O  O   . LEU A 1 119 ? 7.336   5.542   -1.460  1.00 9.50  ? 119 LEU A O   1 
ATOM   869  C  CB  . LEU A 1 119 ? 9.917   4.891   0.206   1.00 9.53  ? 119 LEU A CB  1 
ATOM   870  C  CG  . LEU A 1 119 ? 10.981  5.067   1.282   1.00 10.43 ? 119 LEU A CG  1 
ATOM   871  C  CD1 . LEU A 1 119 ? 11.306  3.719   1.948   1.00 13.79 ? 119 LEU A CD1 1 
ATOM   872  C  CD2 . LEU A 1 119 ? 12.274  5.711   0.718   1.00 12.58 ? 119 LEU A CD2 1 
ATOM   873  N  N   . VAL A 1 120 ? 9.141   5.696   -2.820  1.00 10.08 ? 120 VAL A N   1 
ATOM   874  C  CA  . VAL A 1 120 ? 8.513   5.183   -4.015  1.00 10.27 ? 120 VAL A CA  1 
ATOM   875  C  C   . VAL A 1 120 ? 9.125   3.822   -4.383  1.00 11.43 ? 120 VAL A C   1 
ATOM   876  O  O   . VAL A 1 120 ? 10.351  3.685   -4.452  1.00 12.55 ? 120 VAL A O   1 
ATOM   877  C  CB  . VAL A 1 120 ? 8.618   6.201   -5.155  1.00 10.60 ? 120 VAL A CB  1 
ATOM   878  C  CG1 . VAL A 1 120 ? 8.301   5.539   -6.523  1.00 11.39 ? 120 VAL A CG1 1 
ATOM   879  C  CG2 . VAL A 1 120 ? 7.698   7.374   -4.869  1.00 11.13 ? 120 VAL A CG2 1 
ATOM   880  N  N   . VAL A 1 121 ? 8.274   2.822   -4.607  1.00 11.38 ? 121 VAL A N   1 
ATOM   881  C  CA  . VAL A 1 121 ? 8.732   1.551   -5.159  1.00 11.40 ? 121 VAL A CA  1 
ATOM   882  C  C   . VAL A 1 121 ? 8.372   1.598   -6.641  1.00 10.63 ? 121 VAL A C   1 
ATOM   883  O  O   . VAL A 1 121 ? 7.204   1.480   -6.994  1.00 10.42 ? 121 VAL A O   1 
ATOM   884  C  CB  . VAL A 1 121 ? 8.045   0.373   -4.460  1.00 12.35 ? 121 VAL A CB  1 
ATOM   885  C  CG1 . VAL A 1 121 ? 8.261   -0.957  -5.233  1.00 13.49 ? 121 VAL A CG1 1 
ATOM   886  C  CG2 . VAL A 1 121 ? 8.560   0.241   -3.022  1.00 12.96 ? 121 VAL A CG2 1 
ATOM   887  N  N   . LEU A 1 122 ? 9.355   1.809   -7.476  1.00 10.05 ? 122 LEU A N   1 
ATOM   888  C  CA  . LEU A 1 122 ? 9.123   1.762   -8.897  1.00 9.87  ? 122 LEU A CA  1 
ATOM   889  C  C   . LEU A 1 122 ? 9.102   0.328   -9.351  1.00 8.79  ? 122 LEU A C   1 
ATOM   890  O  O   . LEU A 1 122 ? 9.988   -0.365  -9.080  1.00 9.08  ? 122 LEU A O   1 
ATOM   891  C  CB  . LEU A 1 122 ? 10.254  2.461   -9.651  1.00 10.49 ? 122 LEU A CB  1 
ATOM   892  C  CG  . LEU A 1 122 ? 10.219  3.974   -9.723  1.00 12.47 ? 122 LEU A CG  1 
ATOM   893  C  CD1 . LEU A 1 122 ? 11.481  4.491   -10.426 1.00 15.62 ? 122 LEU A CD1 1 
ATOM   894  C  CD2 . LEU A 1 122 ? 9.034   4.433   -10.461 1.00 14.96 ? 122 LEU A CD2 1 
ATOM   895  N  N   . VAL A 1 123 ? 8.092   -0.050  -10.104 1.00 8.11  ? 123 VAL A N   1 
ATOM   896  C  CA  . VAL A 1 123 ? 7.936   -1.446  -10.522 1.00 8.17  ? 123 VAL A CA  1 
ATOM   897  C  C   . VAL A 1 123 ? 9.187   -1.910  -11.271 1.00 8.56  ? 123 VAL A C   1 
ATOM   898  O  O   . VAL A 1 123 ? 9.718   -2.986  -10.986 1.00 9.08  ? 123 VAL A O   1 
ATOM   899  C  CB  . VAL A 1 123 ? 6.634   -1.662  -11.295 1.00 9.89  ? 123 VAL A CB  1 
ATOM   900  C  CG1 . VAL A 1 123 ? 6.553   -3.106  -11.847 1.00 10.98 ? 123 VAL A CG1 1 
ATOM   901  C  CG2 . VAL A 1 123 ? 5.481   -1.428  -10.323 1.00 7.91  ? 123 VAL A CG2 1 
ATOM   902  N  N   . ALA A 1 124 ? 9.695   -1.061  -12.162 1.00 9.29  ? 124 ALA A N   1 
ATOM   903  C  CA  . ALA A 1 124 ? 10.847  -1.444  -12.982 1.00 9.45  ? 124 ALA A CA  1 
ATOM   904  C  C   . ALA A 1 124 ? 12.069  -1.705  -12.108 1.00 10.02 ? 124 ALA A C   1 
ATOM   905  O  O   . ALA A 1 124 ? 12.823  -2.625  -12.375 1.00 10.72 ? 124 ALA A O   1 
ATOM   906  C  CB  . ALA A 1 124 ? 11.165  -0.394  -14.021 1.00 10.89 ? 124 ALA A CB  1 
ATOM   907  N  N   . ASP A 1 125 ? 12.276  -0.874  -11.091 1.00 9.40  ? 125 ASP A N   1 
ATOM   908  C  CA  . ASP A 1 125 ? 13.376  -1.097  -10.127 1.00 10.66 ? 125 ASP A CA  1 
ATOM   909  C  C   . ASP A 1 125 ? 13.217  -2.415  -9.355  1.00 10.27 ? 125 ASP A C   1 
ATOM   910  O  O   . ASP A 1 125 ? 14.193  -3.146  -9.155  1.00 10.18 ? 125 ASP A O   1 
ATOM   911  C  CB  . ASP A 1 125 ? 13.458  0.040   -9.090  1.00 11.20 ? 125 ASP A CB  1 
ATOM   912  C  CG  . ASP A 1 125 ? 14.067  1.309   -9.631  1.00 16.03 ? 125 ASP A CG  1 
ATOM   913  O  OD1 . ASP A 1 125 ? 14.555  1.330   -10.789 1.00 17.23 ? 125 ASP A OD1 1 
ATOM   914  O  OD2 . ASP A 1 125 ? 14.049  2.315   -8.870  1.00 18.02 ? 125 ASP A OD2 1 
ATOM   915  N  N   . ALA A 1 126 ? 11.995  -2.686  -8.885  1.00 9.84  ? 126 ALA A N   1 
ATOM   916  C  CA  . ALA A 1 126 ? 11.690  -3.916  -8.159  1.00 8.92  ? 126 ALA A CA  1 
ATOM   917  C  C   . ALA A 1 126 ? 11.950  -5.159  -9.023  1.00 8.94  ? 126 ALA A C   1 
ATOM   918  O  O   . ALA A 1 126 ? 12.552  -6.144  -8.584  1.00 7.43  ? 126 ALA A O   1 
ATOM   919  C  CB  . ALA A 1 126 ? 10.233  -3.871  -7.652  1.00 8.73  ? 126 ALA A CB  1 
ATOM   920  N  N   . VAL A 1 127 ? 11.542  -5.073  -10.282 1.00 8.87  ? 127 VAL A N   1 
ATOM   921  C  CA  . VAL A 1 127 ? 11.736  -6.172  -11.235 1.00 8.90  ? 127 VAL A CA  1 
ATOM   922  C  C   . VAL A 1 127 ? 13.234  -6.342  -11.527 1.00 8.74  ? 127 VAL A C   1 
ATOM   923  O  O   . VAL A 1 127 ? 13.769  -7.456  -11.505 1.00 7.94  ? 127 VAL A O   1 
ATOM   924  C  CB  . VAL A 1 127 ? 10.923  -5.936  -12.514 1.00 8.41  ? 127 VAL A CB  1 
ATOM   925  C  CG1 . VAL A 1 127 ? 11.361  -6.895  -13.641 1.00 7.91  ? 127 VAL A CG1 1 
ATOM   926  C  CG2 . VAL A 1 127 ? 9.413   -6.167  -12.211 1.00 7.08  ? 127 VAL A CG2 1 
ATOM   927  N  N   . LYS A 1 128 ? 13.919  -5.228  -11.798 1.00 9.46  ? 128 LYS A N   1 
ATOM   928  C  CA  . LYS A 1 128 ? 15.360  -5.288  -12.040 1.00 9.24  ? 128 LYS A CA  1 
ATOM   929  C  C   . LYS A 1 128 ? 16.063  -5.984  -10.865 1.00 8.86  ? 128 LYS A C   1 
ATOM   930  O  O   . LYS A 1 128 ? 16.857  -6.883  -11.082 1.00 8.99  ? 128 LYS A O   1 
ATOM   931  C  CB  . LYS A 1 128 ? 15.907  -3.877  -12.238 1.00 8.36  ? 128 LYS A CB  1 
ATOM   932  C  CG  . LYS A 1 128 ? 17.431  -3.757  -12.397 1.00 10.58 ? 128 LYS A CG  1 
ATOM   933  C  CD  . LYS A 1 128 ? 17.847  -2.280  -12.420 1.00 13.86 ? 128 LYS A CD  1 
ATOM   934  C  CE  . LYS A 1 128 ? 17.895  -1.675  -11.019 1.00 14.14 ? 128 LYS A CE  1 
ATOM   935  N  NZ  . LYS A 1 128 ? 18.006  -0.212  -11.060 1.00 16.48 ? 128 LYS A NZ  1 
ATOM   936  N  N   . GLN A 1 129 ? 15.763  -5.579  -9.626  1.00 9.29  ? 129 GLN A N   1 
ATOM   937  C  CA  . GLN A 1 129 ? 16.462  -6.150  -8.475  1.00 10.52 ? 129 GLN A CA  1 
ATOM   938  C  C   . GLN A 1 129 ? 16.177  -7.640  -8.324  1.00 10.29 ? 129 GLN A C   1 
ATOM   939  O  O   . GLN A 1 129 ? 17.063  -8.416  -7.970  1.00 10.53 ? 129 GLN A O   1 
ATOM   940  C  CB  . GLN A 1 129 ? 16.167  -5.381  -7.168  1.00 10.77 ? 129 GLN A CB  1 
ATOM   941  C  CG  . GLN A 1 129 ? 17.248  -4.327  -6.862  1.00 15.18 ? 129 GLN A CG  1 
ATOM   942  C  CD  . GLN A 1 129 ? 18.686  -4.884  -6.983  1.00 19.98 ? 129 GLN A CD  1 
ATOM   943  O  OE1 . GLN A 1 129 ? 19.026  -5.922  -6.388  1.00 21.96 ? 129 GLN A OE1 1 
ATOM   944  N  NE2 . GLN A 1 129 ? 19.514  -4.213  -7.786  1.00 19.88 ? 129 GLN A NE2 1 
ATOM   945  N  N   . ALA A 1 130 ? 14.950  -8.042  -8.643  1.00 9.59  ? 130 ALA A N   1 
ATOM   946  C  CA  . ALA A 1 130 ? 14.585  -9.457  -8.601  1.00 9.56  ? 130 ALA A CA  1 
ATOM   947  C  C   . ALA A 1 130 ? 15.408  -10.281 -9.598  1.00 9.07  ? 130 ALA A C   1 
ATOM   948  O  O   . ALA A 1 130 ? 15.941  -11.352 -9.242  1.00 10.50 ? 130 ALA A O   1 
ATOM   949  C  CB  . ALA A 1 130 ? 13.062  -9.643  -8.809  1.00 9.03  ? 130 ALA A CB  1 
ATOM   950  N  N   . PHE A 1 131 ? 15.519  -9.781  -10.832 1.00 9.88  ? 131 PHE A N   1 
ATOM   951  C  CA  . PHE A 1 131 ? 16.414  -10.385 -11.838 1.00 9.58  ? 131 PHE A CA  1 
ATOM   952  C  C   . PHE A 1 131 ? 17.841  -10.450 -11.328 1.00 10.75 ? 131 PHE A C   1 
ATOM   953  O  O   . PHE A 1 131 ? 18.491  -11.509 -11.416 1.00 10.47 ? 131 PHE A O   1 
ATOM   954  C  CB  . PHE A 1 131 ? 16.368  -9.611  -13.160 1.00 9.51  ? 131 PHE A CB  1 
ATOM   955  C  CG  . PHE A 1 131 ? 15.271  -10.065 -14.116 1.00 7.71  ? 131 PHE A CG  1 
ATOM   956  C  CD1 . PHE A 1 131 ? 15.535  -11.004 -15.113 1.00 7.78  ? 131 PHE A CD1 1 
ATOM   957  C  CD2 . PHE A 1 131 ? 13.984  -9.547  -14.027 1.00 10.54 ? 131 PHE A CD2 1 
ATOM   958  C  CE1 . PHE A 1 131 ? 14.528  -11.423 -16.010 1.00 7.64  ? 131 PHE A CE1 1 
ATOM   959  C  CE2 . PHE A 1 131 ? 12.971  -9.981  -14.920 1.00 9.25  ? 131 PHE A CE2 1 
ATOM   960  C  CZ  . PHE A 1 131 ? 13.262  -10.909 -15.919 1.00 7.89  ? 131 PHE A CZ  1 
HETATM 961  N  N   . MSE A 1 132 ? 18.341  -9.330  -10.795 1.00 10.76 ? 132 MSE A N   1 
HETATM 962  C  CA  . MSE A 1 132 ? 19.722  -9.292  -10.303 1.00 11.53 ? 132 MSE A CA  1 
HETATM 963  C  C   . MSE A 1 132 ? 19.980  -10.306 -9.194  1.00 11.01 ? 132 MSE A C   1 
HETATM 964  O  O   . MSE A 1 132 ? 21.030  -10.946 -9.186  1.00 11.21 ? 132 MSE A O   1 
HETATM 965  C  CB  . MSE A 1 132 ? 20.121  -7.886  -9.844  1.00 11.76 ? 132 MSE A CB  1 
HETATM 966  C  CG  . MSE A 1 132 ? 20.176  -6.890  -10.968 1.00 13.23 ? 132 MSE A CG  1 
HETATM 967  SE SE  . MSE A 1 132 ? 21.522  -7.311  -12.359 1.00 25.70 ? 132 MSE A SE  1 
HETATM 968  C  CE  . MSE A 1 132 ? 23.184  -7.213  -11.314 1.00 20.59 ? 132 MSE A CE  1 
ATOM   969  N  N   . ASP A 1 133 ? 19.031  -10.436 -8.263  1.00 11.40 ? 133 ASP A N   1 
ATOM   970  C  CA  . ASP A 1 133 ? 19.173  -11.372 -7.154  1.00 12.01 ? 133 ASP A CA  1 
ATOM   971  C  C   . ASP A 1 133 ? 19.296  -12.806 -7.664  1.00 12.33 ? 133 ASP A C   1 
ATOM   972  O  O   . ASP A 1 133 ? 20.127  -13.583 -7.171  1.00 12.09 ? 133 ASP A O   1 
ATOM   973  C  CB  . ASP A 1 133 ? 17.990  -11.282 -6.181  1.00 12.55 ? 133 ASP A CB  1 
ATOM   974  C  CG  . ASP A 1 133 ? 17.991  -10.003 -5.345  1.00 13.56 ? 133 ASP A CG  1 
ATOM   975  O  OD1 . ASP A 1 133 ? 19.005  -9.265  -5.302  1.00 13.93 ? 133 ASP A OD1 1 
ATOM   976  O  OD2 . ASP A 1 133 ? 16.944  -9.738  -4.721  1.00 14.30 ? 133 ASP A OD2 1 
ATOM   977  N  N   . LYS A 1 134 ? 18.460  -13.160 -8.636  1.00 11.54 ? 134 LYS A N   1 
ATOM   978  C  CA  . LYS A 1 134 ? 18.543  -14.478 -9.274  1.00 12.12 ? 134 LYS A CA  1 
ATOM   979  C  C   . LYS A 1 134 ? 19.870  -14.690 -10.041 1.00 12.24 ? 134 LYS A C   1 
ATOM   980  O  O   . LYS A 1 134 ? 20.507  -15.747 -9.908  1.00 12.67 ? 134 LYS A O   1 
ATOM   981  C  CB  . LYS A 1 134 ? 17.296  -14.743 -10.131 1.00 11.90 ? 134 LYS A CB  1 
ATOM   982  C  CG  . LYS A 1 134 ? 16.037  -14.919 -9.279  1.00 12.64 ? 134 LYS A CG  1 
ATOM   983  C  CD  . LYS A 1 134 ? 14.772  -15.187 -10.094 1.00 13.64 ? 134 LYS A CD  1 
ATOM   984  C  CE  . LYS A 1 134 ? 13.642  -15.757 -9.209  1.00 15.70 ? 134 LYS A CE  1 
ATOM   985  N  NZ  . LYS A 1 134 ? 13.072  -14.745 -8.265  1.00 14.40 ? 134 LYS A NZ  1 
ATOM   986  N  N   . ILE A 1 135 ? 20.306  -13.680 -10.795 1.00 12.24 ? 135 ILE A N   1 
ATOM   987  C  CA  . ILE A 1 135 ? 21.589  -13.742 -11.530 1.00 12.79 ? 135 ILE A CA  1 
ATOM   988  C  C   . ILE A 1 135 ? 22.787  -13.918 -10.588 1.00 13.50 ? 135 ILE A C   1 
ATOM   989  O  O   . ILE A 1 135 ? 23.691  -14.726 -10.850 1.00 13.59 ? 135 ILE A O   1 
ATOM   990  C  CB  . ILE A 1 135 ? 21.802  -12.492 -12.437 1.00 12.67 ? 135 ILE A CB  1 
ATOM   991  C  CG1 . ILE A 1 135 ? 20.777  -12.496 -13.573 1.00 12.24 ? 135 ILE A CG1 1 
ATOM   992  C  CG2 . ILE A 1 135 ? 23.222  -12.460 -13.025 1.00 12.44 ? 135 ILE A CG2 1 
ATOM   993  C  CD1 . ILE A 1 135 ? 20.646  -11.190 -14.310 1.00 11.40 ? 135 ILE A CD1 1 
ATOM   994  N  N   . LYS A 1 136 ? 22.786  -13.166 -9.488  1.00 13.88 ? 136 LYS A N   1 
ATOM   995  C  CA  . LYS A 1 136 ? 23.856  -13.252 -8.491  1.00 14.54 ? 136 LYS A CA  1 
ATOM   996  C  C   . LYS A 1 136 ? 23.917  -14.667 -7.904  1.00 15.48 ? 136 LYS A C   1 
ATOM   997  O  O   . LYS A 1 136 ? 25.002  -15.229 -7.746  1.00 15.01 ? 136 LYS A O   1 
ATOM   998  C  CB  . LYS A 1 136 ? 23.684  -12.193 -7.392  1.00 14.18 ? 136 LYS A CB  1 
ATOM   999  N  N   . LYS A 1 137 ? 22.744  -15.244 -7.628  1.00 16.31 ? 137 LYS A N   1 
ATOM   1000 C  CA  . LYS A 1 137 ? 22.629  -16.607 -7.096  1.00 17.21 ? 137 LYS A CA  1 
ATOM   1001 C  C   . LYS A 1 137 ? 23.292  -17.685 -7.975  1.00 17.87 ? 137 LYS A C   1 
ATOM   1002 O  O   . LYS A 1 137 ? 23.751  -18.709 -7.463  1.00 17.80 ? 137 LYS A O   1 
ATOM   1003 C  CB  . LYS A 1 137 ? 21.159  -16.958 -6.829  1.00 17.28 ? 137 LYS A CB  1 
HETATM 1004 N  N   . MSE A 1 138 ? 23.364  -17.450 -9.286  1.00 18.59 ? 138 MSE A N   1 
HETATM 1005 C  CA  . MSE A 1 138 ? 24.046  -18.384 -10.187 1.00 19.48 ? 138 MSE A CA  1 
HETATM 1006 C  C   . MSE A 1 138 ? 25.510  -17.997 -10.424 1.00 19.40 ? 138 MSE A C   1 
HETATM 1007 O  O   . MSE A 1 138 ? 26.361  -18.862 -10.649 1.00 19.36 ? 138 MSE A O   1 
HETATM 1008 C  CB  . MSE A 1 138 ? 23.286  -18.531 -11.511 1.00 20.00 ? 138 MSE A CB  1 
HETATM 1009 C  CG  . MSE A 1 138 ? 23.262  -17.282 -12.384 1.00 21.79 ? 138 MSE A CG  1 
HETATM 1010 SE SE  . MSE A 1 138 ? 21.862  -17.306 -13.766 1.00 27.63 ? 138 MSE A SE  1 
HETATM 1011 C  CE  . MSE A 1 138 ? 22.564  -18.783 -14.853 1.00 23.32 ? 138 MSE A CE  1 
HETATM 1012 P  P   . PO4 B 2 .   ? -0.054  -6.903  -9.025  1.00 45.71 ? 142 PO4 A P   1 
HETATM 1013 O  O1  . PO4 B 2 .   ? 0.407   -6.508  -7.656  1.00 43.83 ? 142 PO4 A O1  1 
HETATM 1014 O  O2  . PO4 B 2 .   ? 0.315   -5.901  -10.090 1.00 47.24 ? 142 PO4 A O2  1 
HETATM 1015 O  O3  . PO4 B 2 .   ? 0.504   -8.251  -9.402  1.00 46.87 ? 142 PO4 A O3  1 
HETATM 1016 O  O4  . PO4 B 2 .   ? -1.562  -6.982  -8.999  1.00 48.26 ? 142 PO4 A O4  1 
HETATM 1017 O  O   . HOH C 3 .   ? -3.205  1.122   -4.054  1.00 9.93  ? 143 HOH A O   1 
HETATM 1018 O  O   . HOH C 3 .   ? -0.421  13.911  10.790  1.00 15.06 ? 144 HOH A O   1 
HETATM 1019 O  O   . HOH C 3 .   ? 6.792   13.180  -11.905 1.00 12.30 ? 145 HOH A O   1 
HETATM 1020 O  O   . HOH C 3 .   ? 12.121  2.071   -6.609  1.00 16.21 ? 146 HOH A O   1 
HETATM 1021 O  O   . HOH C 3 .   ? -3.880  1.357   -7.972  1.00 12.66 ? 147 HOH A O   1 
HETATM 1022 O  O   . HOH C 3 .   ? -15.026 4.822   1.902   1.00 10.48 ? 148 HOH A O   1 
HETATM 1023 O  O   . HOH C 3 .   ? -2.783  16.042  -0.188  1.00 14.55 ? 149 HOH A O   1 
HETATM 1024 O  O   . HOH C 3 .   ? 12.205  -6.876  -5.938  0.50 13.68 ? 150 HOH A O   1 
HETATM 1025 O  O   . HOH C 3 .   ? -17.150 10.198  2.794   1.00 5.28  ? 151 HOH A O   1 
HETATM 1026 O  O   . HOH C 3 .   ? -15.747 -4.237  5.215   1.00 6.73  ? 152 HOH A O   1 
HETATM 1027 O  O   . HOH C 3 .   ? 10.317  11.300  -12.037 1.00 10.31 ? 153 HOH A O   1 
HETATM 1028 O  O   . HOH C 3 .   ? 8.464   1.130   -13.739 1.00 26.83 ? 154 HOH A O   1 
HETATM 1029 O  O   . HOH C 3 .   ? 1.137   1.738   -9.804  1.00 13.97 ? 155 HOH A O   1 
HETATM 1030 O  O   . HOH C 3 .   ? -2.547  5.562   -14.119 1.00 13.91 ? 156 HOH A O   1 
HETATM 1031 O  O   . HOH C 3 .   ? 11.788  6.903   -2.947  1.00 12.49 ? 157 HOH A O   1 
HETATM 1032 O  O   . HOH C 3 .   ? -12.695 10.011  13.777  1.00 12.16 ? 158 HOH A O   1 
HETATM 1033 O  O   . HOH C 3 .   ? -0.258  2.642   -13.768 1.00 19.69 ? 159 HOH A O   1 
HETATM 1034 O  O   . HOH C 3 .   ? 13.607  -9.117  -5.224  1.00 25.47 ? 160 HOH A O   1 
HETATM 1035 O  O   . HOH C 3 .   ? 2.537   16.032  -7.151  1.00 14.53 ? 161 HOH A O   1 
HETATM 1036 O  O   . HOH C 3 .   ? 12.349  7.681   4.083   1.00 27.62 ? 162 HOH A O   1 
HETATM 1037 O  O   . HOH C 3 .   ? -2.043  -4.859  -4.660  1.00 12.85 ? 163 HOH A O   1 
HETATM 1038 O  O   . HOH C 3 .   ? -4.179  11.166  -10.173 1.00 6.74  ? 164 HOH A O   1 
HETATM 1039 O  O   . HOH C 3 .   ? 1.137   5.585   -15.247 1.00 15.79 ? 165 HOH A O   1 
HETATM 1040 O  O   . HOH C 3 .   ? -8.610  17.923  1.000   1.00 14.88 ? 166 HOH A O   1 
HETATM 1041 O  O   . HOH C 3 .   ? 1.812   17.666  -5.194  1.00 16.06 ? 167 HOH A O   1 
HETATM 1042 O  O   . HOH C 3 .   ? -6.783  9.649   11.453  1.00 16.83 ? 168 HOH A O   1 
HETATM 1043 O  O   . HOH C 3 .   ? -0.120  15.685  -1.185  1.00 17.58 ? 169 HOH A O   1 
HETATM 1044 O  O   . HOH C 3 .   ? -0.255  17.209  -3.627  1.00 22.21 ? 170 HOH A O   1 
HETATM 1045 O  O   . HOH C 3 .   ? 0.342   15.936  -8.652  1.00 13.96 ? 171 HOH A O   1 
HETATM 1046 O  O   . HOH C 3 .   ? -6.407  14.138  -5.707  1.00 25.14 ? 172 HOH A O   1 
HETATM 1047 O  O   . HOH C 3 .   ? -7.311  12.556  -3.816  1.00 18.21 ? 173 HOH A O   1 
HETATM 1048 O  O   . HOH C 3 .   ? 12.571  4.822   -5.752  1.00 8.98  ? 174 HOH A O   1 
HETATM 1049 O  O   . HOH C 3 .   ? 14.843  -12.862 -6.883  1.00 25.05 ? 175 HOH A O   1 
HETATM 1050 O  O   . HOH C 3 .   ? -16.603 -6.840  4.731   1.00 13.30 ? 176 HOH A O   1 
HETATM 1051 O  O   . HOH C 3 .   ? -19.335 -6.735  3.275   1.00 13.10 ? 177 HOH A O   1 
HETATM 1052 O  O   . HOH C 3 .   ? -15.329 12.688  3.132   1.00 7.76  ? 178 HOH A O   1 
HETATM 1053 O  O   . HOH C 3 .   ? -13.495 14.321  6.272   1.00 14.77 ? 179 HOH A O   1 
HETATM 1054 O  O   . HOH C 3 .   ? -15.076 9.100   9.308   1.00 20.36 ? 180 HOH A O   1 
HETATM 1055 O  O   . HOH C 3 .   ? 2.188   -0.606  -10.723 1.00 14.72 ? 181 HOH A O   1 
HETATM 1056 O  O   . HOH C 3 .   ? 4.426   -2.158  -14.580 1.00 31.46 ? 182 HOH A O   1 
HETATM 1057 O  O   . HOH C 3 .   ? 8.408   6.730   -17.664 1.00 16.74 ? 183 HOH A O   1 
HETATM 1058 O  O   . HOH C 3 .   ? 12.428  8.143   -12.107 1.00 13.04 ? 184 HOH A O   1 
HETATM 1059 O  O   . HOH C 3 .   ? 1.327   -1.325  -13.569 1.00 19.21 ? 185 HOH A O   1 
HETATM 1060 O  O   . HOH C 3 .   ? 4.772   13.402  -14.847 1.00 23.72 ? 186 HOH A O   1 
HETATM 1061 O  O   . HOH C 3 .   ? -12.619 12.712  0.862   1.00 18.20 ? 187 HOH A O   1 
HETATM 1062 O  O   . HOH C 3 .   ? -14.629 -17.745 0.289   1.00 7.93  ? 188 HOH A O   1 
HETATM 1063 O  O   . HOH C 3 .   ? 2.784   -3.130  -12.653 1.00 23.68 ? 189 HOH A O   1 
HETATM 1064 O  O   . HOH C 3 .   ? 3.217   -13.740 0.365   1.00 9.71  ? 190 HOH A O   1 
HETATM 1065 O  O   . HOH C 3 .   ? -4.114  -2.898  -8.502  1.00 8.66  ? 191 HOH A O   1 
HETATM 1066 O  O   . HOH C 3 .   ? -6.283  0.106   -7.641  1.00 26.52 ? 192 HOH A O   1 
HETATM 1067 O  O   . HOH C 3 .   ? -5.889  0.499   -4.603  1.00 23.80 ? 193 HOH A O   1 
HETATM 1068 O  O   . HOH C 3 .   ? -10.041 -3.197  -6.205  1.00 15.13 ? 194 HOH A O   1 
HETATM 1069 O  O   . HOH C 3 .   ? -13.096 15.025  2.389   1.00 23.01 ? 195 HOH A O   1 
HETATM 1070 O  O   . HOH C 3 .   ? -11.252 15.499  5.561   1.00 24.48 ? 196 HOH A O   1 
HETATM 1071 O  O   . HOH C 3 .   ? 5.420   5.435   -18.783 1.00 32.12 ? 197 HOH A O   1 
HETATM 1072 O  O   . HOH C 3 .   ? 0.373   11.849  -13.253 1.00 18.17 ? 198 HOH A O   1 
HETATM 1073 O  O   . HOH C 3 .   ? 7.635   -12.815 7.076   1.00 19.38 ? 199 HOH A O   1 
HETATM 1074 O  O   . HOH C 3 .   ? 4.500   -15.318 4.051   1.00 9.90  ? 200 HOH A O   1 
HETATM 1075 O  O   . HOH C 3 .   ? 4.510   -15.410 1.646   1.00 19.32 ? 201 HOH A O   1 
# 
